data_1L0Q
#
_entry.id   1L0Q
#
_cell.length_a   188.181
_cell.length_b   65.885
_cell.length_c   140.030
_cell.angle_alpha   90.00
_cell.angle_beta   124.25
_cell.angle_gamma   90.00
#
_symmetry.space_group_name_H-M   'C 1 2 1'
#
loop_
_entity.id
_entity.type
_entity.pdbx_description
1 polymer 'Surface layer protein'
2 water water
#
_entity_poly.entity_id   1
_entity_poly.type   'polypeptide(L)'
_entity_poly.pdbx_seq_one_letter_code
;STFAYIANSESDNISVIDVTSNKVTATIPVGSNP(MSE)GAVISPDGTKVYVANAHSNDVSIIDTATNNVIATVPAGSSP
QGVAVSPDGKQVYVTN(MSE)ASSTLSVIDTTSNTVAGTVKTGKSPLGLALSPDGKKLYVTNNGDKTVSVINTVTKAVIN
TVSVGRSPKGIAVTPDGTKVYVANFDS(MSE)SISVIDTVTNSVIDTVKVEAAPSGIAVNPEGTKAYVTNVDKYFNTVS
(MSE)IDTGTNKITARIPVGPDPAGIAVTPDGKKVYVALSF(YCM)NTVSVIDTATNTITAT(MSE)AVGKNPYASGQFI
GSIPVQPVYPSADFKSNITSGYIFLSEPVQFTDLSKDATEWKWDFGDGSSSKKQNPTHTYSETGIYTVRLTVSNSNGTDS
QISTVNVVLKGSPTPS
;
_entity_poly.pdbx_strand_id   A,B,C,D
#
# COMPACT_ATOMS: atom_id res chain seq x y z
N SER A 1 5.31 -24.86 17.83
CA SER A 1 6.41 -24.84 16.83
C SER A 1 7.17 -23.52 16.86
N THR A 2 8.05 -23.35 17.85
CA THR A 2 8.82 -22.12 17.98
C THR A 2 10.27 -22.31 17.54
N PHE A 3 10.75 -21.40 16.68
CA PHE A 3 12.09 -21.49 16.16
C PHE A 3 12.91 -20.21 16.12
N ALA A 4 14.23 -20.41 16.12
CA ALA A 4 15.18 -19.32 16.06
C ALA A 4 15.88 -19.42 14.71
N TYR A 5 16.15 -18.27 14.09
CA TYR A 5 16.82 -18.26 12.80
C TYR A 5 18.11 -17.44 12.94
N ILE A 6 19.23 -18.16 12.94
CA ILE A 6 20.54 -17.57 13.11
C ILE A 6 21.31 -17.40 11.82
N ALA A 7 21.66 -16.15 11.51
CA ALA A 7 22.42 -15.83 10.31
C ALA A 7 23.92 -16.04 10.54
N ASN A 8 24.48 -17.00 9.83
CA ASN A 8 25.91 -17.31 9.93
C ASN A 8 26.60 -16.53 8.81
N SER A 9 27.02 -15.32 9.14
CA SER A 9 27.65 -14.42 8.16
C SER A 9 28.80 -14.96 7.35
N GLU A 10 29.64 -15.81 7.94
CA GLU A 10 30.78 -16.34 7.21
C GLU A 10 30.59 -17.67 6.52
N SER A 11 29.39 -18.23 6.59
CA SER A 11 29.12 -19.50 5.92
C SER A 11 27.92 -19.33 4.97
N ASP A 12 27.47 -18.08 4.83
CA ASP A 12 26.36 -17.71 3.97
C ASP A 12 25.11 -18.57 4.11
N ASN A 13 24.78 -18.94 5.33
CA ASN A 13 23.58 -19.73 5.56
C ASN A 13 22.90 -19.35 6.87
N ILE A 14 21.72 -19.94 7.09
CA ILE A 14 20.92 -19.68 8.27
C ILE A 14 20.71 -20.98 9.05
N SER A 15 20.98 -20.94 10.36
CA SER A 15 20.76 -22.10 11.20
C SER A 15 19.36 -21.99 11.81
N VAL A 16 18.55 -23.02 11.63
CA VAL A 16 17.21 -23.01 12.19
C VAL A 16 17.31 -23.83 13.45
N ILE A 17 16.76 -23.32 14.56
CA ILE A 17 16.86 -24.04 15.82
C ILE A 17 15.48 -24.13 16.49
N ASP A 18 15.24 -25.36 16.94
CA ASP A 18 14.06 -25.71 17.72
C ASP A 18 14.36 -25.27 19.15
N VAL A 19 13.71 -24.19 19.55
CA VAL A 19 13.96 -23.58 20.85
C VAL A 19 13.50 -24.50 21.98
N THR A 20 12.78 -25.55 21.66
CA THR A 20 12.29 -26.48 22.67
C THR A 20 13.35 -27.50 23.05
N SER A 21 14.12 -27.94 22.07
CA SER A 21 15.17 -28.92 22.28
C SER A 21 16.57 -28.34 22.07
N ASN A 22 16.64 -27.04 21.79
CA ASN A 22 17.91 -26.36 21.54
C ASN A 22 18.73 -27.11 20.49
N LYS A 23 18.04 -27.72 19.52
CA LYS A 23 18.69 -28.47 18.45
C LYS A 23 18.59 -27.73 17.11
N VAL A 24 19.68 -27.77 16.34
CA VAL A 24 19.67 -27.17 15.01
C VAL A 24 18.95 -28.20 14.15
N THR A 25 17.88 -27.78 13.48
CA THR A 25 17.09 -28.70 12.65
C THR A 25 17.32 -28.48 11.16
N ALA A 26 18.00 -27.40 10.80
CA ALA A 26 18.23 -27.14 9.38
C ALA A 26 19.23 -26.02 9.13
N THR A 27 19.84 -26.06 7.96
CA THR A 27 20.81 -25.06 7.54
C THR A 27 20.36 -24.61 6.17
N ILE A 28 20.00 -23.33 6.06
CA ILE A 28 19.52 -22.78 4.79
C ILE A 28 20.48 -21.81 4.12
N PRO A 29 21.00 -22.17 2.95
CA PRO A 29 21.88 -21.28 2.20
C PRO A 29 21.12 -20.03 1.78
N VAL A 30 21.78 -18.88 1.95
CA VAL A 30 21.22 -17.58 1.58
C VAL A 30 22.17 -16.80 0.69
N GLY A 31 22.24 -15.50 0.96
CA GLY A 31 23.11 -14.53 0.25
C GLY A 31 24.51 -14.51 0.88
N SER A 32 25.22 -13.41 0.60
CA SER A 32 26.62 -13.19 1.06
C SER A 32 26.67 -12.36 2.34
N ASN A 33 27.29 -12.94 3.37
CA ASN A 33 27.43 -12.30 4.67
C ASN A 33 26.09 -11.94 5.29
N PRO A 34 25.24 -12.95 5.50
CA PRO A 34 23.93 -12.65 6.11
C PRO A 34 24.21 -12.11 7.51
N GLY A 36 21.56 -10.64 9.41
CA GLY A 36 20.34 -10.61 10.19
C GLY A 36 19.22 -11.41 9.58
N ALA A 37 18.41 -12.01 10.45
CA ALA A 37 17.26 -12.79 10.04
C ALA A 37 16.13 -12.31 10.96
N VAL A 38 14.92 -12.26 10.42
CA VAL A 38 13.77 -11.84 11.20
C VAL A 38 12.54 -12.59 10.70
N ILE A 39 11.67 -12.96 11.62
CA ILE A 39 10.45 -13.69 11.27
C ILE A 39 9.24 -12.76 11.29
N SER A 40 8.33 -12.96 10.35
CA SER A 40 7.12 -12.14 10.30
C SER A 40 6.24 -12.47 11.50
N PRO A 41 5.41 -11.50 11.92
CA PRO A 41 4.52 -11.68 13.07
C PRO A 41 3.72 -12.98 13.03
N ASP A 42 3.21 -13.36 11.85
CA ASP A 42 2.44 -14.61 11.77
C ASP A 42 3.35 -15.83 11.74
N GLY A 43 4.64 -15.62 11.55
CA GLY A 43 5.58 -16.71 11.53
C GLY A 43 5.65 -17.52 10.25
N THR A 44 5.12 -16.98 9.15
CA THR A 44 5.14 -17.69 7.88
C THR A 44 6.39 -17.39 7.06
N LYS A 45 6.98 -16.21 7.26
CA LYS A 45 8.17 -15.86 6.50
C LYS A 45 9.33 -15.35 7.37
N VAL A 46 10.55 -15.56 6.89
CA VAL A 46 11.74 -15.08 7.57
C VAL A 46 12.53 -14.25 6.55
N TYR A 47 12.99 -13.08 6.96
CA TYR A 47 13.73 -12.22 6.06
C TYR A 47 15.18 -12.11 6.50
N VAL A 48 16.09 -12.25 5.53
CA VAL A 48 17.52 -12.24 5.81
C VAL A 48 18.34 -11.17 5.09
N ALA A 49 19.05 -10.35 5.86
CA ALA A 49 19.87 -9.29 5.31
C ALA A 49 21.25 -9.83 4.93
N ASN A 50 21.52 -9.87 3.62
CA ASN A 50 22.82 -10.34 3.12
C ASN A 50 23.69 -9.12 2.85
N ALA A 51 24.53 -8.77 3.83
CA ALA A 51 25.39 -7.60 3.74
C ALA A 51 26.27 -7.48 2.48
N HIS A 52 26.93 -8.54 2.08
CA HIS A 52 27.87 -8.43 0.96
C HIS A 52 27.21 -8.55 -0.43
N SER A 53 25.98 -9.03 -0.47
CA SER A 53 25.29 -9.18 -1.78
C SER A 53 24.19 -8.16 -1.94
N ASN A 54 24.15 -7.18 -1.05
CA ASN A 54 23.16 -6.11 -1.09
C ASN A 54 21.75 -6.55 -1.46
N ASP A 55 21.25 -7.57 -0.76
CA ASP A 55 19.90 -8.04 -0.99
C ASP A 55 19.31 -8.71 0.24
N VAL A 56 18.08 -9.18 0.10
CA VAL A 56 17.34 -9.82 1.17
C VAL A 56 16.80 -11.16 0.69
N SER A 57 17.02 -12.20 1.49
CA SER A 57 16.53 -13.52 1.16
C SER A 57 15.19 -13.67 1.86
N ILE A 58 14.23 -14.32 1.22
CA ILE A 58 12.92 -14.55 1.84
C ILE A 58 12.76 -16.04 1.99
N ILE A 59 12.47 -16.48 3.21
CA ILE A 59 12.31 -17.90 3.52
C ILE A 59 10.90 -18.23 3.94
N ASP A 60 10.43 -19.39 3.50
CA ASP A 60 9.11 -19.92 3.81
C ASP A 60 9.35 -20.86 5.00
N THR A 61 8.87 -20.47 6.17
CA THR A 61 9.06 -21.25 7.38
C THR A 61 8.49 -22.68 7.35
N ALA A 62 7.60 -22.95 6.40
CA ALA A 62 6.99 -24.27 6.31
C ALA A 62 7.86 -25.27 5.56
N THR A 63 8.73 -24.75 4.68
CA THR A 63 9.60 -25.59 3.86
C THR A 63 11.09 -25.27 3.95
N ASN A 64 11.46 -24.26 4.73
CA ASN A 64 12.87 -23.88 4.86
C ASN A 64 13.49 -23.54 3.53
N ASN A 65 12.67 -23.14 2.57
CA ASN A 65 13.17 -22.79 1.25
C ASN A 65 13.13 -21.29 1.01
N VAL A 66 14.25 -20.82 0.46
CA VAL A 66 14.26 -19.46 -0.05
C VAL A 66 13.41 -19.39 -1.30
N ILE A 67 12.36 -18.58 -1.22
CA ILE A 67 11.40 -18.43 -2.32
C ILE A 67 11.64 -17.16 -3.13
N ALA A 68 12.50 -16.29 -2.63
CA ALA A 68 12.79 -15.04 -3.35
C ALA A 68 13.98 -14.31 -2.76
N THR A 69 14.55 -13.40 -3.56
CA THR A 69 15.70 -12.60 -3.17
C THR A 69 15.44 -11.19 -3.68
N VAL A 70 15.24 -10.25 -2.76
CA VAL A 70 14.97 -8.87 -3.14
C VAL A 70 16.18 -7.99 -2.93
N PRO A 71 16.59 -7.24 -3.96
CA PRO A 71 17.76 -6.36 -3.84
C PRO A 71 17.46 -5.20 -2.90
N ALA A 72 18.44 -4.84 -2.09
CA ALA A 72 18.28 -3.74 -1.15
C ALA A 72 19.32 -2.66 -1.42
N GLY A 73 19.72 -1.95 -0.37
CA GLY A 73 20.72 -0.92 -0.53
C GLY A 73 22.11 -1.50 -0.35
N SER A 74 23.05 -0.62 0.00
CA SER A 74 24.43 -1.01 0.20
C SER A 74 24.67 -1.52 1.62
N SER A 75 25.07 -2.79 1.71
CA SER A 75 25.36 -3.41 3.00
C SER A 75 24.16 -3.47 3.95
N PRO A 76 23.10 -4.23 3.62
CA PRO A 76 21.97 -4.41 4.53
C PRO A 76 22.46 -5.06 5.81
N GLN A 77 21.92 -4.60 6.94
CA GLN A 77 22.33 -5.09 8.29
C GLN A 77 21.16 -5.62 9.12
N GLY A 78 20.11 -4.81 9.26
CA GLY A 78 18.96 -5.21 10.04
C GLY A 78 17.65 -5.18 9.28
N VAL A 79 16.69 -5.99 9.74
CA VAL A 79 15.38 -6.07 9.13
C VAL A 79 14.31 -6.10 10.20
N ALA A 80 13.14 -5.56 9.87
CA ALA A 80 12.00 -5.55 10.78
C ALA A 80 10.78 -5.77 9.90
N VAL A 81 9.72 -6.34 10.47
CA VAL A 81 8.51 -6.64 9.70
C VAL A 81 7.27 -5.95 10.27
N SER A 82 6.52 -5.27 9.41
CA SER A 82 5.31 -4.58 9.83
C SER A 82 4.36 -5.58 10.47
N PRO A 83 3.52 -5.11 11.41
CA PRO A 83 2.54 -5.93 12.15
C PRO A 83 1.62 -6.78 11.28
N ASP A 84 1.35 -6.33 10.05
CA ASP A 84 0.49 -7.10 9.18
C ASP A 84 1.30 -7.96 8.21
N GLY A 85 2.62 -7.73 8.20
CA GLY A 85 3.51 -8.49 7.34
C GLY A 85 3.62 -7.98 5.91
N LYS A 86 2.97 -6.86 5.61
CA LYS A 86 2.99 -6.31 4.26
C LYS A 86 4.23 -5.50 3.86
N GLN A 87 5.00 -5.03 4.83
CA GLN A 87 6.19 -4.26 4.52
C GLN A 87 7.40 -4.69 5.36
N VAL A 88 8.54 -4.82 4.69
CA VAL A 88 9.78 -5.21 5.37
C VAL A 88 10.75 -4.02 5.33
N TYR A 89 11.37 -3.71 6.47
CA TYR A 89 12.31 -2.60 6.55
C TYR A 89 13.74 -3.09 6.68
N VAL A 90 14.65 -2.46 5.94
CA VAL A 90 16.03 -2.89 5.96
C VAL A 90 17.00 -1.73 6.08
N THR A 91 17.96 -1.85 6.99
CA THR A 91 18.97 -0.82 7.18
C THR A 91 20.13 -1.12 6.24
N ASN A 92 20.55 -0.11 5.49
CA ASN A 92 21.66 -0.24 4.57
C ASN A 92 22.77 0.65 5.12
N ALA A 94 26.15 0.97 4.45
CA ALA A 94 27.06 1.67 3.56
C ALA A 94 26.46 2.88 2.83
N SER A 95 25.21 2.78 2.44
CA SER A 95 24.56 3.86 1.72
C SER A 95 23.71 4.74 2.63
N SER A 96 23.70 4.44 3.92
CA SER A 96 22.92 5.21 4.89
C SER A 96 21.49 5.44 4.41
N THR A 97 20.83 4.36 4.04
CA THR A 97 19.45 4.43 3.58
C THR A 97 18.66 3.29 4.18
N LEU A 98 17.34 3.39 4.10
CA LEU A 98 16.46 2.36 4.60
C LEU A 98 15.63 1.90 3.40
N SER A 99 15.60 0.58 3.20
CA SER A 99 14.80 0.04 2.11
C SER A 99 13.46 -0.39 2.66
N VAL A 100 12.39 -0.06 1.95
CA VAL A 100 11.06 -0.48 2.36
C VAL A 100 10.64 -1.48 1.31
N ILE A 101 10.39 -2.71 1.73
CA ILE A 101 10.00 -3.77 0.81
C ILE A 101 8.54 -4.17 0.92
N ASP A 102 7.88 -4.19 -0.23
CA ASP A 102 6.47 -4.56 -0.35
C ASP A 102 6.42 -6.09 -0.42
N THR A 103 5.73 -6.73 0.52
CA THR A 103 5.68 -8.20 0.50
C THR A 103 4.64 -8.84 -0.42
N THR A 104 3.73 -8.04 -0.98
CA THR A 104 2.74 -8.60 -1.90
C THR A 104 3.36 -8.75 -3.29
N SER A 105 4.44 -8.01 -3.51
CA SER A 105 5.13 -8.05 -4.79
C SER A 105 6.62 -8.36 -4.61
N ASN A 106 7.03 -8.42 -3.35
CA ASN A 106 8.43 -8.68 -2.98
C ASN A 106 9.37 -7.82 -3.82
N THR A 107 9.14 -6.52 -3.77
CA THR A 107 9.94 -5.54 -4.50
C THR A 107 10.15 -4.31 -3.61
N VAL A 108 11.15 -3.50 -3.95
CA VAL A 108 11.44 -2.30 -3.19
C VAL A 108 10.40 -1.22 -3.52
N ALA A 109 9.68 -0.76 -2.50
CA ALA A 109 8.66 0.25 -2.71
C ALA A 109 9.03 1.61 -2.12
N GLY A 110 10.27 1.74 -1.66
CA GLY A 110 10.69 3.01 -1.09
C GLY A 110 12.09 2.98 -0.51
N THR A 111 12.73 4.16 -0.49
CA THR A 111 14.06 4.27 0.05
C THR A 111 14.13 5.56 0.84
N VAL A 112 14.48 5.45 2.12
CA VAL A 112 14.55 6.61 2.99
C VAL A 112 15.98 6.91 3.43
N LYS A 113 16.37 8.17 3.32
CA LYS A 113 17.70 8.58 3.74
C LYS A 113 17.69 8.66 5.26
N THR A 114 18.56 7.90 5.90
CA THR A 114 18.65 7.89 7.36
C THR A 114 19.84 8.74 7.78
N GLY A 115 20.24 8.49 9.00
CA GLY A 115 21.45 9.09 9.56
C GLY A 115 22.62 8.34 8.93
N LYS A 116 23.80 8.62 9.39
CA LYS A 116 24.99 7.96 8.85
C LYS A 116 25.11 6.55 9.39
N SER A 117 25.46 5.64 8.50
CA SER A 117 25.67 4.24 8.84
C SER A 117 24.60 3.61 9.75
N PRO A 118 23.36 3.51 9.26
CA PRO A 118 22.26 2.93 10.04
C PRO A 118 22.55 1.46 10.34
N LEU A 119 22.05 0.97 11.46
CA LEU A 119 22.29 -0.42 11.83
C LEU A 119 21.10 -1.11 12.46
N GLY A 120 20.73 -0.69 13.66
CA GLY A 120 19.59 -1.29 14.33
C GLY A 120 18.29 -0.59 13.97
N LEU A 121 17.19 -1.31 14.05
CA LEU A 121 15.87 -0.74 13.76
C LEU A 121 14.86 -1.51 14.56
N ALA A 122 13.83 -0.80 15.01
CA ALA A 122 12.76 -1.39 15.81
C ALA A 122 11.48 -0.62 15.51
N LEU A 123 10.42 -1.38 15.27
CA LEU A 123 9.12 -0.85 14.91
C LEU A 123 8.20 -0.70 16.11
N SER A 124 7.42 0.37 16.11
CA SER A 124 6.44 0.61 17.19
C SER A 124 5.37 -0.48 17.07
N PRO A 125 4.73 -0.85 18.19
CA PRO A 125 3.68 -1.89 18.15
C PRO A 125 2.56 -1.66 17.15
N ASP A 126 2.23 -0.40 16.86
CA ASP A 126 1.16 -0.14 15.91
C ASP A 126 1.67 -0.10 14.48
N GLY A 127 2.99 -0.14 14.32
CA GLY A 127 3.60 -0.14 13.01
C GLY A 127 3.77 1.21 12.30
N LYS A 128 3.36 2.29 12.96
CA LYS A 128 3.48 3.62 12.35
C LYS A 128 4.86 4.25 12.48
N LYS A 129 5.60 3.92 13.53
CA LYS A 129 6.93 4.49 13.71
C LYS A 129 8.06 3.46 13.69
N LEU A 130 9.11 3.75 12.94
CA LEU A 130 10.25 2.86 12.89
C LEU A 130 11.38 3.66 13.51
N TYR A 131 12.20 3.03 14.35
CA TYR A 131 13.32 3.69 15.00
C TYR A 131 14.61 3.07 14.51
N VAL A 132 15.49 3.91 13.97
CA VAL A 132 16.74 3.47 13.39
C VAL A 132 17.97 4.07 14.07
N THR A 133 18.89 3.21 14.50
CA THR A 133 20.10 3.71 15.10
C THR A 133 21.11 4.02 14.01
N ASN A 134 21.54 5.26 13.97
CA ASN A 134 22.54 5.71 13.00
C ASN A 134 23.85 5.54 13.75
N ASN A 135 24.45 4.37 13.58
CA ASN A 135 25.68 4.02 14.27
C ASN A 135 26.85 4.96 14.10
N GLY A 136 26.96 5.60 12.95
CA GLY A 136 28.07 6.51 12.75
C GLY A 136 27.64 7.96 12.87
N ASP A 137 26.58 8.22 13.64
CA ASP A 137 26.08 9.59 13.77
C ASP A 137 25.61 10.00 15.18
N LYS A 138 25.62 9.06 16.13
CA LYS A 138 25.17 9.32 17.50
C LYS A 138 23.71 9.72 17.54
N THR A 139 22.90 9.18 16.65
CA THR A 139 21.48 9.53 16.63
C THR A 139 20.55 8.38 16.24
N VAL A 140 19.27 8.60 16.48
CA VAL A 140 18.24 7.63 16.12
C VAL A 140 17.27 8.38 15.21
N SER A 141 16.94 7.77 14.08
CA SER A 141 16.02 8.39 13.17
C SER A 141 14.64 7.85 13.45
N VAL A 142 13.65 8.73 13.56
CA VAL A 142 12.28 8.29 13.79
C VAL A 142 11.53 8.48 12.48
N ILE A 143 11.18 7.37 11.85
CA ILE A 143 10.53 7.43 10.53
C ILE A 143 9.03 7.06 10.58
N ASN A 144 8.29 7.88 9.85
CA ASN A 144 6.85 7.70 9.63
C ASN A 144 6.71 6.72 8.48
N THR A 145 6.34 5.51 8.83
CA THR A 145 6.25 4.42 7.87
C THR A 145 5.20 4.67 6.79
N VAL A 146 4.26 5.55 7.06
CA VAL A 146 3.22 5.85 6.08
C VAL A 146 3.74 6.84 5.05
N THR A 147 4.39 7.91 5.51
CA THR A 147 4.92 8.93 4.62
C THR A 147 6.35 8.64 4.16
N LYS A 148 6.99 7.68 4.82
CA LYS A 148 8.35 7.29 4.52
C LYS A 148 9.32 8.46 4.69
N ALA A 149 9.09 9.23 5.74
CA ALA A 149 9.94 10.38 6.03
C ALA A 149 10.39 10.37 7.48
N VAL A 150 11.58 10.92 7.71
CA VAL A 150 12.13 11.01 9.05
C VAL A 150 11.44 12.21 9.68
N ILE A 151 10.64 11.98 10.70
CA ILE A 151 9.93 13.07 11.36
C ILE A 151 10.71 13.64 12.54
N ASN A 152 11.73 12.93 12.98
CA ASN A 152 12.51 13.40 14.11
C ASN A 152 13.87 12.69 14.27
N THR A 153 14.88 13.45 14.66
CA THR A 153 16.21 12.89 14.86
C THR A 153 16.60 13.04 16.32
N VAL A 154 16.54 11.93 17.06
CA VAL A 154 16.86 11.94 18.47
C VAL A 154 18.34 11.78 18.72
N SER A 155 18.87 12.64 19.57
CA SER A 155 20.28 12.62 19.93
C SER A 155 20.51 11.56 21.00
N VAL A 156 21.43 10.64 20.75
CA VAL A 156 21.75 9.60 21.72
C VAL A 156 23.25 9.57 22.00
N GLY A 157 23.75 8.40 22.37
CA GLY A 157 25.17 8.29 22.66
C GLY A 157 26.01 7.98 21.42
N ARG A 158 27.27 7.65 21.67
CA ARG A 158 28.21 7.32 20.60
C ARG A 158 28.07 5.89 20.11
N SER A 159 28.07 5.73 18.78
CA SER A 159 27.99 4.41 18.17
C SER A 159 26.79 3.62 18.65
N PRO A 160 25.58 4.14 18.45
CA PRO A 160 24.38 3.41 18.90
C PRO A 160 24.21 2.20 18.00
N LYS A 161 23.81 1.09 18.60
CA LYS A 161 23.64 -0.16 17.86
C LYS A 161 22.25 -0.78 18.06
N GLY A 162 22.16 -1.69 19.04
CA GLY A 162 20.91 -2.35 19.33
C GLY A 162 19.82 -1.38 19.74
N ILE A 163 18.57 -1.72 19.42
CA ILE A 163 17.43 -0.87 19.74
C ILE A 163 16.14 -1.69 19.80
N ALA A 164 15.29 -1.39 20.77
CA ALA A 164 14.05 -2.12 20.92
C ALA A 164 12.96 -1.28 21.57
N VAL A 165 11.71 -1.57 21.22
CA VAL A 165 10.59 -0.85 21.77
C VAL A 165 9.84 -1.77 22.73
N THR A 166 9.35 -1.20 23.82
CA THR A 166 8.61 -1.98 24.81
C THR A 166 7.29 -2.44 24.18
N PRO A 167 6.73 -3.55 24.68
CA PRO A 167 5.47 -4.08 24.16
C PRO A 167 4.32 -3.05 24.18
N ASP A 168 4.32 -2.17 25.18
CA ASP A 168 3.26 -1.17 25.28
C ASP A 168 3.58 0.08 24.46
N GLY A 169 4.73 0.06 23.81
CA GLY A 169 5.13 1.15 22.94
C GLY A 169 5.41 2.51 23.55
N THR A 170 5.70 2.58 24.84
CA THR A 170 5.98 3.85 25.48
C THR A 170 7.47 4.20 25.48
N LYS A 171 8.35 3.17 25.44
CA LYS A 171 9.78 3.43 25.52
C LYS A 171 10.54 2.61 24.49
N VAL A 172 11.69 3.20 24.09
CA VAL A 172 12.63 2.61 23.13
C VAL A 172 14.00 2.65 23.81
N TYR A 173 14.62 1.48 23.96
CA TYR A 173 15.94 1.39 24.58
C TYR A 173 17.03 1.37 23.51
N VAL A 174 18.07 2.18 23.71
CA VAL A 174 19.16 2.28 22.74
C VAL A 174 20.54 2.01 23.35
N ALA A 175 21.22 0.99 22.83
CA ALA A 175 22.54 0.63 23.31
C ALA A 175 23.60 1.51 22.64
N ASN A 176 24.31 2.30 23.44
CA ASN A 176 25.37 3.17 22.92
C ASN A 176 26.69 2.47 23.19
N PHE A 177 27.13 1.71 22.19
CA PHE A 177 28.34 0.90 22.28
C PHE A 177 29.61 1.61 22.74
N ASP A 178 29.92 2.76 22.16
CA ASP A 178 31.13 3.48 22.55
C ASP A 178 30.95 4.36 23.78
N SER A 179 29.73 4.69 24.13
CA SER A 179 29.50 5.54 25.29
C SER A 179 29.24 4.75 26.56
N SER A 181 26.64 3.21 27.57
CA SER A 181 25.37 3.62 28.16
C SER A 181 24.18 3.14 27.33
N ILE A 182 22.99 3.35 27.88
CA ILE A 182 21.76 2.98 27.22
C ILE A 182 20.79 4.16 27.31
N SER A 183 20.38 4.67 26.16
CA SER A 183 19.45 5.78 26.11
C SER A 183 18.04 5.21 26.19
N VAL A 184 17.15 5.92 26.88
CA VAL A 184 15.77 5.51 27.01
C VAL A 184 14.94 6.63 26.39
N ILE A 185 14.16 6.29 25.36
CA ILE A 185 13.36 7.29 24.69
C ILE A 185 11.87 7.16 24.95
N ASP A 186 11.24 8.29 25.25
CA ASP A 186 9.81 8.36 25.48
C ASP A 186 9.22 8.55 24.08
N THR A 187 8.52 7.53 23.59
CA THR A 187 7.95 7.57 22.25
C THR A 187 6.92 8.66 22.01
N VAL A 188 6.27 9.13 23.08
CA VAL A 188 5.26 10.17 22.95
C VAL A 188 5.87 11.50 22.48
N THR A 189 7.07 11.82 22.95
CA THR A 189 7.72 13.06 22.55
C THR A 189 9.04 12.83 21.82
N ASN A 190 9.46 11.56 21.72
CA ASN A 190 10.71 11.24 21.05
C ASN A 190 11.83 11.96 21.81
N SER A 191 11.67 11.99 23.13
CA SER A 191 12.64 12.64 24.00
C SER A 191 13.39 11.62 24.84
N VAL A 192 14.70 11.81 24.99
CA VAL A 192 15.47 10.90 25.81
C VAL A 192 15.13 11.27 27.24
N ILE A 193 14.53 10.34 27.98
CA ILE A 193 14.13 10.59 29.36
C ILE A 193 15.08 10.04 30.41
N ASP A 194 16.02 9.20 29.97
CA ASP A 194 16.98 8.62 30.89
C ASP A 194 18.15 7.93 30.17
N THR A 195 19.33 8.01 30.78
CA THR A 195 20.54 7.41 30.21
C THR A 195 21.14 6.50 31.29
N VAL A 196 21.14 5.20 31.02
CA VAL A 196 21.66 4.24 31.98
C VAL A 196 23.15 3.95 31.76
N LYS A 197 23.94 4.18 32.81
CA LYS A 197 25.38 3.93 32.75
C LYS A 197 25.63 2.45 32.91
N VAL A 198 26.46 1.89 32.04
CA VAL A 198 26.78 0.47 32.11
C VAL A 198 28.29 0.18 32.19
N GLU A 199 28.61 -1.01 32.70
CA GLU A 199 29.99 -1.46 32.90
C GLU A 199 30.84 -1.68 31.66
N ALA A 200 30.22 -2.07 30.56
CA ALA A 200 30.95 -2.34 29.33
C ALA A 200 30.29 -1.73 28.09
N ALA A 201 30.53 -2.32 26.92
CA ALA A 201 29.97 -1.82 25.68
C ALA A 201 28.65 -2.52 25.34
N PRO A 202 27.51 -1.85 25.61
CA PRO A 202 26.20 -2.43 25.31
C PRO A 202 26.07 -2.57 23.79
N SER A 203 25.60 -3.72 23.34
CA SER A 203 25.49 -3.97 21.92
C SER A 203 24.07 -4.27 21.47
N GLY A 204 23.56 -5.45 21.84
CA GLY A 204 22.22 -5.83 21.44
C GLY A 204 21.21 -5.61 22.56
N ILE A 205 19.93 -5.48 22.19
CA ILE A 205 18.88 -5.26 23.17
C ILE A 205 17.59 -6.01 22.80
N ALA A 206 16.94 -6.59 23.81
CA ALA A 206 15.70 -7.31 23.61
C ALA A 206 14.82 -7.18 24.83
N VAL A 207 13.58 -6.77 24.64
CA VAL A 207 12.64 -6.63 25.74
C VAL A 207 11.81 -7.90 25.81
N ASN A 208 11.58 -8.41 27.02
CA ASN A 208 10.79 -9.62 27.15
C ASN A 208 9.32 -9.30 26.88
N PRO A 209 8.53 -10.33 26.52
CA PRO A 209 7.10 -10.22 26.23
C PRO A 209 6.24 -9.42 27.21
N GLU A 210 6.59 -9.47 28.49
CA GLU A 210 5.84 -8.77 29.53
C GLU A 210 6.20 -7.29 29.64
N GLY A 211 7.36 -6.93 29.08
CA GLY A 211 7.81 -5.55 29.12
C GLY A 211 8.38 -5.13 30.46
N THR A 212 8.63 -6.12 31.31
CA THR A 212 9.18 -5.87 32.64
C THR A 212 10.70 -5.80 32.65
N LYS A 213 11.34 -6.60 31.78
CA LYS A 213 12.80 -6.64 31.72
C LYS A 213 13.36 -6.57 30.29
N ALA A 214 14.52 -5.96 30.18
CA ALA A 214 15.21 -5.80 28.90
C ALA A 214 16.60 -6.42 29.04
N TYR A 215 16.94 -7.34 28.14
CA TYR A 215 18.25 -7.98 28.19
C TYR A 215 19.24 -7.31 27.24
N VAL A 216 20.44 -7.06 27.75
CA VAL A 216 21.49 -6.40 26.99
C VAL A 216 22.79 -7.20 26.92
N THR A 217 23.38 -7.27 25.73
CA THR A 217 24.65 -7.96 25.57
C THR A 217 25.73 -6.90 25.74
N ASN A 218 26.69 -7.21 26.60
CA ASN A 218 27.77 -6.29 26.89
C ASN A 218 29.11 -6.87 26.47
N VAL A 219 29.85 -6.08 25.70
CA VAL A 219 31.15 -6.49 25.20
C VAL A 219 32.29 -5.94 26.05
N ASP A 220 33.23 -6.83 26.37
CA ASP A 220 34.42 -6.51 27.14
C ASP A 220 35.34 -7.73 27.10
N LYS A 221 36.59 -7.46 26.80
CA LYS A 221 37.58 -8.53 26.76
C LYS A 221 37.61 -9.30 28.07
N TYR A 222 37.15 -10.53 27.99
CA TYR A 222 37.16 -11.46 29.13
C TYR A 222 35.93 -11.32 30.06
N PHE A 223 35.32 -10.14 30.10
CA PHE A 223 34.16 -9.93 31.00
C PHE A 223 32.88 -9.59 30.23
N ASN A 224 32.54 -10.47 29.30
CA ASN A 224 31.33 -10.32 28.49
C ASN A 224 30.15 -10.88 29.26
N THR A 225 29.05 -10.12 29.26
CA THR A 225 27.86 -10.55 29.97
C THR A 225 26.58 -10.16 29.25
N VAL A 226 25.55 -10.76 29.75
CA VAL A 226 24.17 -10.47 29.41
C VAL A 226 23.48 -9.88 30.62
N SER A 227 23.28 -8.59 30.53
CA SER A 227 22.68 -7.86 31.63
C SER A 227 21.16 -7.75 31.48
N ILE A 229 17.66 -5.37 32.65
CA ILE A 229 17.26 -4.04 33.08
C ILE A 229 15.78 -3.96 33.42
N ASP A 230 15.49 -3.59 34.66
CA ASP A 230 14.13 -3.45 35.13
C ASP A 230 13.57 -2.21 34.42
N THR A 231 12.56 -2.43 33.59
CA THR A 231 11.95 -1.35 32.82
C THR A 231 11.26 -0.31 33.70
N GLY A 232 11.07 -0.64 34.98
CA GLY A 232 10.41 0.29 35.88
C GLY A 232 11.35 1.27 36.57
N THR A 233 12.60 0.89 36.72
CA THR A 233 13.58 1.75 37.36
C THR A 233 14.66 2.18 36.38
N ASN A 234 14.83 1.40 35.32
CA ASN A 234 15.86 1.65 34.31
C ASN A 234 17.21 1.49 35.00
N LYS A 235 17.34 0.38 35.73
CA LYS A 235 18.54 0.05 36.47
C LYS A 235 18.87 -1.42 36.32
N ILE A 236 20.13 -1.73 36.04
CA ILE A 236 20.57 -3.11 35.89
C ILE A 236 20.34 -3.85 37.20
N THR A 237 19.76 -5.04 37.12
CA THR A 237 19.49 -5.84 38.31
C THR A 237 20.25 -7.15 38.35
N ALA A 238 20.91 -7.50 37.24
CA ALA A 238 21.66 -8.74 37.19
C ALA A 238 22.56 -8.82 35.96
N ARG A 239 23.66 -9.56 36.07
CA ARG A 239 24.59 -9.74 34.97
C ARG A 239 24.93 -11.22 34.84
N ILE A 240 24.92 -11.72 33.61
CA ILE A 240 25.22 -13.12 33.36
C ILE A 240 26.43 -13.27 32.45
N PRO A 241 27.49 -13.93 32.94
CA PRO A 241 28.69 -14.12 32.12
C PRO A 241 28.37 -14.94 30.87
N VAL A 242 28.95 -14.53 29.74
CA VAL A 242 28.76 -15.23 28.48
C VAL A 242 30.07 -15.23 27.73
N GLY A 243 30.12 -16.01 26.66
CA GLY A 243 31.34 -16.12 25.86
C GLY A 243 31.73 -14.81 25.22
N PRO A 244 32.89 -14.75 24.56
CA PRO A 244 33.36 -13.52 23.91
C PRO A 244 32.50 -12.92 22.79
N ASP A 245 32.57 -11.60 22.70
CA ASP A 245 31.88 -10.81 21.70
C ASP A 245 30.41 -11.17 21.48
N PRO A 246 29.58 -11.17 22.53
CA PRO A 246 28.15 -11.35 22.36
C PRO A 246 27.63 -10.18 21.56
N ALA A 247 26.64 -10.43 20.71
CA ALA A 247 26.07 -9.36 19.84
C ALA A 247 24.55 -9.29 19.97
N GLY A 248 23.89 -9.93 19.01
CA GLY A 248 22.43 -9.98 18.94
C GLY A 248 21.87 -10.74 20.14
N ILE A 249 20.57 -10.56 20.37
CA ILE A 249 19.92 -11.23 21.49
C ILE A 249 18.40 -11.19 21.33
N ALA A 250 17.74 -12.27 21.76
CA ALA A 250 16.30 -12.34 21.68
C ALA A 250 15.73 -13.22 22.79
N VAL A 251 14.53 -12.86 23.21
CA VAL A 251 13.81 -13.59 24.24
C VAL A 251 12.73 -14.41 23.52
N THR A 252 12.52 -15.63 23.97
CA THR A 252 11.50 -16.48 23.37
C THR A 252 10.12 -15.91 23.70
N PRO A 253 9.14 -16.12 22.82
CA PRO A 253 7.80 -15.59 23.09
C PRO A 253 7.18 -15.96 24.45
N ASP A 254 7.57 -17.10 25.02
CA ASP A 254 7.04 -17.49 26.33
C ASP A 254 7.88 -16.87 27.46
N GLY A 255 8.87 -16.07 27.09
CA GLY A 255 9.74 -15.40 28.04
C GLY A 255 10.65 -16.25 28.90
N LYS A 256 10.74 -17.55 28.62
CA LYS A 256 11.56 -18.46 29.42
C LYS A 256 13.02 -18.58 29.04
N LYS A 257 13.33 -18.34 27.77
CA LYS A 257 14.71 -18.45 27.30
C LYS A 257 15.23 -17.21 26.59
N VAL A 258 16.54 -17.02 26.69
CA VAL A 258 17.23 -15.91 26.06
C VAL A 258 18.29 -16.52 25.15
N TYR A 259 18.28 -16.10 23.89
CA TYR A 259 19.25 -16.58 22.91
C TYR A 259 20.29 -15.51 22.57
N VAL A 260 21.56 -15.91 22.63
CA VAL A 260 22.65 -14.98 22.33
C VAL A 260 23.63 -15.59 21.34
N ALA A 261 23.83 -14.91 20.22
CA ALA A 261 24.75 -15.39 19.19
C ALA A 261 26.16 -14.89 19.48
N LEU A 262 27.10 -15.82 19.59
CA LEU A 262 28.50 -15.45 19.84
C LEU A 262 29.24 -15.60 18.53
N SER A 263 29.33 -14.49 17.80
CA SER A 263 30.00 -14.49 16.50
C SER A 263 31.40 -15.08 16.52
N PHE A 264 32.14 -14.76 17.59
CA PHE A 264 33.50 -15.22 17.75
C PHE A 264 33.65 -16.73 18.00
N ASN A 266 31.14 -19.11 17.04
CA ASN A 266 30.35 -19.90 16.11
C ASN A 266 29.34 -20.72 16.90
N THR A 267 28.76 -20.09 17.90
CA THR A 267 27.78 -20.76 18.74
C THR A 267 26.67 -19.82 19.17
N VAL A 268 25.66 -20.40 19.80
CA VAL A 268 24.54 -19.63 20.32
C VAL A 268 24.33 -20.15 21.72
N SER A 269 24.29 -19.24 22.69
CA SER A 269 24.09 -19.59 24.09
C SER A 269 22.64 -19.37 24.50
N VAL A 270 22.10 -20.32 25.26
CA VAL A 270 20.72 -20.26 25.74
C VAL A 270 20.68 -20.04 27.25
N ILE A 271 19.93 -19.02 27.66
CA ILE A 271 19.81 -18.67 29.06
C ILE A 271 18.39 -18.84 29.59
N ASP A 272 18.31 -19.37 30.80
CA ASP A 272 17.06 -19.59 31.50
C ASP A 272 16.76 -18.29 32.24
N THR A 273 15.70 -17.60 31.84
CA THR A 273 15.36 -16.34 32.46
C THR A 273 14.90 -16.49 33.91
N ALA A 274 14.54 -17.72 34.29
CA ALA A 274 14.09 -17.97 35.66
C ALA A 274 15.25 -17.97 36.63
N THR A 275 16.34 -18.65 36.24
CA THR A 275 17.52 -18.74 37.11
C THR A 275 18.72 -17.93 36.61
N ASN A 276 18.53 -17.15 35.56
CA ASN A 276 19.63 -16.36 35.00
C ASN A 276 20.91 -17.17 34.84
N THR A 277 20.78 -18.39 34.32
CA THR A 277 21.94 -19.24 34.12
C THR A 277 21.98 -19.74 32.69
N ILE A 278 23.17 -20.05 32.20
CA ILE A 278 23.33 -20.57 30.86
C ILE A 278 23.00 -22.05 30.97
N THR A 279 21.99 -22.50 30.25
CA THR A 279 21.63 -23.90 30.29
C THR A 279 22.09 -24.68 29.08
N ALA A 280 22.67 -24.00 28.11
CA ALA A 280 23.15 -24.66 26.91
C ALA A 280 23.82 -23.69 25.94
N THR A 281 24.77 -24.22 25.17
CA THR A 281 25.49 -23.46 24.16
C THR A 281 25.74 -24.45 23.02
N ALA A 283 26.58 -25.36 18.77
CA ALA A 283 27.30 -24.91 17.59
C ALA A 283 26.32 -24.61 16.45
N VAL A 284 26.68 -23.59 15.69
CA VAL A 284 25.91 -23.16 14.51
C VAL A 284 26.88 -23.02 13.34
N GLY A 285 26.64 -21.99 12.55
CA GLY A 285 27.47 -21.65 11.41
C GLY A 285 28.67 -20.81 11.90
N LYS A 286 29.46 -20.36 10.95
CA LYS A 286 30.65 -19.54 11.23
C LYS A 286 30.23 -18.07 11.35
N ASN A 287 30.68 -17.42 12.43
CA ASN A 287 30.38 -16.01 12.66
C ASN A 287 28.89 -15.69 12.71
N PRO A 288 28.16 -16.29 13.63
CA PRO A 288 26.72 -16.02 13.77
C PRO A 288 26.44 -14.66 14.40
N TYR A 289 25.42 -14.09 13.78
CA TYR A 289 24.80 -12.82 14.19
C TYR A 289 23.29 -13.00 14.09
N ALA A 290 22.61 -12.60 15.12
CA ALA A 290 21.15 -12.71 15.18
C ALA A 290 20.58 -11.50 15.88
N SER A 291 20.16 -10.51 15.09
CA SER A 291 19.59 -9.30 15.66
C SER A 291 18.09 -9.24 15.52
N GLY A 292 17.45 -8.52 16.43
CA GLY A 292 16.02 -8.36 16.38
C GLY A 292 15.17 -9.60 16.58
N GLN A 293 13.99 -9.59 15.97
CA GLN A 293 13.02 -10.67 16.08
C GLN A 293 13.37 -11.92 15.27
N PHE A 294 14.30 -12.74 15.75
CA PHE A 294 14.65 -13.94 15.01
C PHE A 294 14.06 -15.22 15.62
N ILE A 295 13.17 -15.05 16.58
CA ILE A 295 12.52 -16.20 17.21
C ILE A 295 11.02 -16.00 17.12
N GLY A 296 10.29 -17.07 16.85
CA GLY A 296 8.84 -16.99 16.77
C GLY A 296 8.19 -18.31 16.45
N SER A 297 6.91 -18.43 16.75
CA SER A 297 6.18 -19.65 16.47
C SER A 297 5.71 -19.62 15.03
N ILE A 298 5.78 -20.77 14.37
CA ILE A 298 5.34 -20.92 12.99
C ILE A 298 4.12 -21.86 13.00
N PRO A 299 3.11 -21.59 12.16
CA PRO A 299 1.88 -22.41 12.10
C PRO A 299 2.04 -23.81 11.52
N VAL A 300 2.96 -23.95 10.58
CA VAL A 300 3.20 -25.24 9.94
C VAL A 300 4.66 -25.65 10.08
N GLN A 301 4.91 -26.79 10.70
CA GLN A 301 6.28 -27.25 10.87
C GLN A 301 6.75 -28.15 9.74
N PRO A 302 7.88 -27.85 9.07
CA PRO A 302 8.38 -28.72 8.03
C PRO A 302 8.65 -30.10 8.60
N VAL A 303 8.43 -31.12 7.76
CA VAL A 303 8.63 -32.51 8.13
C VAL A 303 10.13 -32.84 8.19
N TYR A 304 10.67 -32.82 9.39
CA TYR A 304 12.09 -33.08 9.62
C TYR A 304 12.42 -34.56 9.77
N PRO A 305 13.59 -34.97 9.26
CA PRO A 305 14.00 -36.36 9.35
C PRO A 305 14.33 -36.64 10.81
N SER A 306 14.26 -37.90 11.23
CA SER A 306 14.56 -38.24 12.61
C SER A 306 15.61 -39.36 12.60
N ALA A 307 16.83 -38.99 12.96
CA ALA A 307 17.95 -39.93 12.98
C ALA A 307 17.89 -41.00 14.06
N ASP A 308 18.16 -42.23 13.66
CA ASP A 308 18.18 -43.37 14.56
C ASP A 308 18.70 -44.58 13.80
N PHE A 309 19.39 -45.46 14.52
CA PHE A 309 19.95 -46.66 13.90
C PHE A 309 20.35 -47.69 14.95
N LYS A 310 20.72 -48.87 14.47
CA LYS A 310 21.16 -49.96 15.32
C LYS A 310 22.26 -50.73 14.62
N SER A 311 22.93 -51.60 15.38
CA SER A 311 24.00 -52.41 14.83
C SER A 311 23.82 -53.87 15.24
N ASN A 312 24.69 -54.73 14.72
CA ASN A 312 24.63 -56.14 15.05
C ASN A 312 25.46 -56.42 16.31
N ILE A 313 26.02 -55.35 16.89
CA ILE A 313 26.83 -55.43 18.10
C ILE A 313 25.89 -55.75 19.26
N THR A 314 26.12 -56.90 19.89
CA THR A 314 25.28 -57.33 21.01
C THR A 314 25.96 -57.17 22.37
N SER A 315 27.16 -57.70 22.51
CA SER A 315 27.90 -57.63 23.75
C SER A 315 28.35 -56.23 24.20
N GLY A 316 28.09 -55.22 23.37
CA GLY A 316 28.50 -53.86 23.70
C GLY A 316 29.86 -53.56 23.12
N TYR A 317 30.51 -54.62 22.63
CA TYR A 317 31.83 -54.53 22.03
C TYR A 317 31.84 -55.33 20.74
N ILE A 318 32.96 -55.30 20.02
CA ILE A 318 33.11 -56.04 18.77
C ILE A 318 34.59 -56.39 18.58
N PHE A 319 34.85 -57.56 18.01
CA PHE A 319 36.23 -57.99 17.79
C PHE A 319 36.89 -57.34 16.59
N LEU A 320 38.21 -57.25 16.62
CA LEU A 320 39.00 -56.65 15.56
C LEU A 320 38.74 -57.35 14.23
N SER A 321 38.60 -56.54 13.18
CA SER A 321 38.36 -57.06 11.84
C SER A 321 37.06 -57.85 11.66
N GLU A 322 36.20 -57.79 12.67
CA GLU A 322 34.91 -58.46 12.61
C GLU A 322 33.96 -57.40 12.03
N PRO A 323 33.30 -57.69 10.90
CA PRO A 323 32.39 -56.70 10.32
C PRO A 323 31.19 -56.28 11.19
N VAL A 324 30.84 -55.01 11.10
CA VAL A 324 29.73 -54.43 11.83
C VAL A 324 28.66 -54.01 10.84
N GLN A 325 27.44 -54.49 11.06
CA GLN A 325 26.32 -54.17 10.19
C GLN A 325 25.44 -53.09 10.79
N PHE A 326 25.40 -51.94 10.12
CA PHE A 326 24.57 -50.84 10.57
C PHE A 326 23.27 -50.79 9.77
N THR A 327 22.17 -50.68 10.50
CA THR A 327 20.85 -50.62 9.90
C THR A 327 20.16 -49.31 10.26
N ASP A 328 19.85 -48.51 9.24
CA ASP A 328 19.19 -47.24 9.45
C ASP A 328 17.76 -47.44 9.93
N LEU A 329 17.39 -46.68 10.96
CA LEU A 329 16.05 -46.73 11.54
C LEU A 329 15.49 -45.32 11.59
N SER A 330 16.09 -44.44 10.78
CA SER A 330 15.68 -43.05 10.70
C SER A 330 14.31 -42.91 10.05
N LYS A 331 13.63 -41.83 10.39
CA LYS A 331 12.32 -41.56 9.84
C LYS A 331 12.37 -40.34 8.93
N ASP A 332 11.75 -40.47 7.76
CA ASP A 332 11.68 -39.38 6.77
C ASP A 332 13.04 -38.91 6.29
N ALA A 333 13.95 -39.86 6.07
CA ALA A 333 15.29 -39.54 5.60
C ALA A 333 15.46 -40.02 4.15
N THR A 334 16.11 -39.17 3.35
CA THR A 334 16.36 -39.46 1.94
C THR A 334 17.86 -39.45 1.66
N GLU A 335 18.64 -38.96 2.61
CA GLU A 335 20.10 -38.92 2.48
C GLU A 335 20.78 -39.37 3.76
N TRP A 336 21.88 -40.10 3.59
CA TRP A 336 22.63 -40.62 4.72
C TRP A 336 24.10 -40.21 4.66
N LYS A 337 24.70 -40.07 5.83
CA LYS A 337 26.10 -39.67 5.98
C LYS A 337 26.63 -40.33 7.24
N TRP A 338 27.35 -41.44 7.08
CA TRP A 338 27.90 -42.18 8.21
C TRP A 338 29.36 -41.85 8.49
N ASP A 339 29.66 -41.55 9.75
CA ASP A 339 31.01 -41.28 10.19
C ASP A 339 31.30 -42.36 11.22
N PHE A 340 32.24 -43.24 10.91
CA PHE A 340 32.59 -44.34 11.79
C PHE A 340 33.52 -43.99 12.95
N GLY A 341 34.03 -42.77 12.97
CA GLY A 341 34.91 -42.33 14.04
C GLY A 341 36.35 -42.75 13.88
N ASP A 342 36.72 -43.23 12.69
CA ASP A 342 38.07 -43.68 12.42
C ASP A 342 38.62 -43.04 11.15
N GLY A 343 37.97 -41.97 10.69
CA GLY A 343 38.44 -41.29 9.50
C GLY A 343 37.76 -41.72 8.22
N SER A 344 36.99 -42.79 8.30
CA SER A 344 36.27 -43.28 7.13
C SER A 344 34.79 -42.95 7.27
N SER A 345 34.07 -42.99 6.16
CA SER A 345 32.64 -42.69 6.17
C SER A 345 31.88 -43.50 5.13
N SER A 346 30.60 -43.21 5.00
CA SER A 346 29.74 -43.90 4.04
C SER A 346 28.51 -43.07 3.74
N LYS A 347 27.92 -43.27 2.57
CA LYS A 347 26.72 -42.53 2.19
C LYS A 347 25.57 -43.50 1.96
N LYS A 348 25.84 -44.78 2.19
CA LYS A 348 24.83 -45.82 2.04
C LYS A 348 23.90 -45.83 3.25
N GLN A 349 22.66 -46.24 3.04
CA GLN A 349 21.66 -46.30 4.09
C GLN A 349 22.02 -47.29 5.19
N ASN A 350 22.37 -48.50 4.78
CA ASN A 350 22.74 -49.56 5.71
C ASN A 350 24.16 -50.06 5.42
N PRO A 351 25.18 -49.29 5.81
CA PRO A 351 26.58 -49.66 5.57
C PRO A 351 27.14 -50.73 6.49
N THR A 352 28.24 -51.34 6.04
CA THR A 352 28.98 -52.36 6.77
C THR A 352 30.38 -51.81 6.93
N HIS A 353 30.99 -52.05 8.08
CA HIS A 353 32.32 -51.52 8.32
C HIS A 353 33.17 -52.43 9.20
N THR A 354 34.48 -52.40 8.95
CA THR A 354 35.44 -53.18 9.71
C THR A 354 36.55 -52.25 10.12
N TYR A 355 36.87 -52.24 11.42
CA TYR A 355 37.92 -51.40 11.94
C TYR A 355 39.26 -52.13 11.87
N SER A 356 40.31 -51.39 11.56
CA SER A 356 41.65 -51.96 11.42
C SER A 356 42.49 -51.89 12.69
N GLU A 357 41.97 -51.23 13.72
CA GLU A 357 42.69 -51.13 14.99
C GLU A 357 41.72 -51.14 16.17
N THR A 358 42.16 -51.73 17.28
CA THR A 358 41.35 -51.77 18.47
C THR A 358 41.17 -50.34 18.98
N GLY A 359 40.11 -50.14 19.76
CA GLY A 359 39.85 -48.81 20.30
C GLY A 359 38.38 -48.51 20.48
N ILE A 360 38.10 -47.30 20.96
CA ILE A 360 36.73 -46.85 21.17
C ILE A 360 36.42 -45.78 20.13
N TYR A 361 35.44 -46.06 19.27
CA TYR A 361 35.10 -45.13 18.22
C TYR A 361 33.71 -44.53 18.34
N THR A 362 33.56 -43.30 17.89
CA THR A 362 32.26 -42.66 17.93
C THR A 362 31.65 -42.74 16.54
N VAL A 363 30.51 -43.43 16.45
CA VAL A 363 29.80 -43.58 15.19
C VAL A 363 28.65 -42.60 15.15
N ARG A 364 28.68 -41.68 14.18
CA ARG A 364 27.62 -40.70 14.02
C ARG A 364 26.87 -40.89 12.72
N LEU A 365 25.54 -40.82 12.81
CA LEU A 365 24.71 -40.93 11.63
C LEU A 365 24.01 -39.58 11.46
N THR A 366 24.15 -38.99 10.29
CA THR A 366 23.51 -37.71 10.00
C THR A 366 22.57 -37.95 8.83
N VAL A 367 21.27 -37.80 9.07
CA VAL A 367 20.28 -37.99 8.02
C VAL A 367 19.69 -36.66 7.63
N SER A 368 19.20 -36.60 6.40
CA SER A 368 18.64 -35.36 5.90
C SER A 368 17.55 -35.55 4.86
N ASN A 369 16.75 -34.50 4.67
CA ASN A 369 15.71 -34.48 3.66
C ASN A 369 15.60 -33.04 3.21
N SER A 370 14.74 -32.78 2.24
CA SER A 370 14.58 -31.42 1.70
C SER A 370 14.37 -30.33 2.75
N ASN A 371 13.92 -30.71 3.94
CA ASN A 371 13.66 -29.76 5.01
C ASN A 371 14.75 -29.56 6.06
N GLY A 372 15.56 -30.58 6.31
CA GLY A 372 16.58 -30.41 7.34
C GLY A 372 17.47 -31.60 7.62
N THR A 373 18.05 -31.59 8.81
CA THR A 373 18.99 -32.63 9.20
C THR A 373 18.83 -33.04 10.65
N ASP A 374 19.30 -34.24 10.96
CA ASP A 374 19.25 -34.75 12.33
C ASP A 374 20.39 -35.74 12.51
N SER A 375 20.89 -35.85 13.74
CA SER A 375 22.01 -36.75 14.03
C SER A 375 21.83 -37.68 15.21
N GLN A 376 22.53 -38.81 15.13
CA GLN A 376 22.50 -39.84 16.15
C GLN A 376 23.92 -40.35 16.37
N ILE A 377 24.27 -40.57 17.63
CA ILE A 377 25.59 -41.03 17.99
C ILE A 377 25.55 -42.42 18.60
N SER A 378 26.69 -43.10 18.56
CA SER A 378 26.79 -44.43 19.14
C SER A 378 28.27 -44.74 19.37
N THR A 379 28.56 -45.42 20.47
CA THR A 379 29.93 -45.78 20.78
C THR A 379 30.18 -47.24 20.46
N VAL A 380 31.25 -47.51 19.71
CA VAL A 380 31.62 -48.87 19.32
C VAL A 380 32.98 -49.24 19.88
N ASN A 381 33.01 -50.28 20.70
CA ASN A 381 34.23 -50.77 21.32
C ASN A 381 34.83 -51.91 20.50
N VAL A 382 36.00 -51.67 19.93
CA VAL A 382 36.68 -52.70 19.16
C VAL A 382 37.82 -53.24 20.00
N VAL A 383 37.75 -54.53 20.33
CA VAL A 383 38.77 -55.16 21.15
C VAL A 383 39.19 -56.50 20.59
N LEU A 384 40.28 -57.04 21.13
CA LEU A 384 40.78 -58.34 20.69
C LEU A 384 40.13 -59.42 21.53
N LYS A 385 40.08 -60.63 20.99
CA LYS A 385 39.51 -61.74 21.74
C LYS A 385 40.35 -61.95 23.00
N GLY A 386 39.69 -62.06 24.14
CA GLY A 386 40.41 -62.26 25.39
C GLY A 386 40.73 -60.98 26.12
N SER A 387 40.58 -59.85 25.44
CA SER A 387 40.87 -58.57 26.09
C SER A 387 39.69 -58.13 26.96
N PRO A 388 39.95 -57.24 27.92
CA PRO A 388 38.93 -56.73 28.83
C PRO A 388 37.71 -56.20 28.09
N THR A 389 36.52 -56.47 28.64
CA THR A 389 35.28 -56.00 28.03
C THR A 389 34.77 -54.74 28.72
N PRO A 390 34.00 -53.92 27.99
CA PRO A 390 33.43 -52.66 28.51
C PRO A 390 32.39 -52.85 29.62
N SER A 391 32.14 -51.80 30.39
CA SER A 391 31.17 -51.84 31.49
C SER A 391 29.76 -51.99 30.94
N SER B 1 -21.44 -53.48 -12.95
CA SER B 1 -20.36 -53.42 -13.97
C SER B 1 -19.64 -52.07 -13.96
N THR B 2 -18.71 -51.90 -13.01
CA THR B 2 -17.95 -50.66 -12.88
C THR B 2 -16.50 -50.83 -13.37
N PHE B 3 -16.06 -49.91 -14.21
CA PHE B 3 -14.74 -49.99 -14.78
C PHE B 3 -13.92 -48.71 -14.82
N ALA B 4 -12.60 -48.89 -14.81
CA ALA B 4 -11.64 -47.80 -14.88
C ALA B 4 -10.95 -47.89 -16.23
N TYR B 5 -10.75 -46.76 -16.88
CA TYR B 5 -10.06 -46.72 -18.16
C TYR B 5 -8.78 -45.91 -18.06
N ILE B 6 -7.66 -46.62 -18.09
CA ILE B 6 -6.34 -46.01 -17.93
C ILE B 6 -5.60 -45.81 -19.25
N ALA B 7 -5.27 -44.57 -19.55
CA ALA B 7 -4.54 -44.24 -20.77
C ALA B 7 -3.04 -44.43 -20.57
N ASN B 8 -2.48 -45.42 -21.24
CA ASN B 8 -1.05 -45.69 -21.18
C ASN B 8 -0.37 -44.91 -22.31
N SER B 9 -0.02 -43.66 -22.02
CA SER B 9 0.58 -42.75 -22.98
C SER B 9 1.76 -43.28 -23.81
N GLU B 10 2.62 -44.10 -23.21
CA GLU B 10 3.77 -44.61 -23.95
C GLU B 10 3.59 -45.94 -24.65
N SER B 11 2.40 -46.54 -24.54
CA SER B 11 2.14 -47.80 -25.24
C SER B 11 0.93 -47.67 -26.17
N ASP B 12 0.47 -46.43 -26.31
CA ASP B 12 -0.67 -46.08 -27.17
C ASP B 12 -1.90 -46.97 -27.00
N ASN B 13 -2.23 -47.32 -25.76
CA ASN B 13 -3.41 -48.12 -25.52
C ASN B 13 -4.06 -47.79 -24.18
N ILE B 14 -5.23 -48.38 -23.97
CA ILE B 14 -6.02 -48.17 -22.77
C ILE B 14 -6.18 -49.44 -21.95
N SER B 15 -5.95 -49.35 -20.64
CA SER B 15 -6.12 -50.50 -19.78
C SER B 15 -7.51 -50.42 -19.16
N VAL B 16 -8.30 -51.46 -19.33
CA VAL B 16 -9.63 -51.48 -18.78
C VAL B 16 -9.51 -52.30 -17.51
N ILE B 17 -10.09 -51.80 -16.40
CA ILE B 17 -9.95 -52.51 -15.14
C ILE B 17 -11.32 -52.61 -14.45
N ASP B 18 -11.56 -53.86 -14.02
CA ASP B 18 -12.71 -54.22 -13.21
C ASP B 18 -12.40 -53.77 -11.80
N VAL B 19 -13.04 -52.70 -11.38
CA VAL B 19 -12.77 -52.11 -10.09
C VAL B 19 -13.20 -53.02 -8.94
N THR B 20 -13.94 -54.08 -9.27
CA THR B 20 -14.38 -55.02 -8.24
C THR B 20 -13.28 -56.02 -7.91
N SER B 21 -12.51 -56.43 -8.91
CA SER B 21 -11.43 -57.40 -8.69
C SER B 21 -10.04 -56.79 -8.90
N ASN B 22 -10.01 -55.49 -9.20
CA ASN B 22 -8.75 -54.80 -9.46
C ASN B 22 -7.94 -55.53 -10.53
N LYS B 23 -8.64 -56.16 -11.47
CA LYS B 23 -7.98 -56.89 -12.55
C LYS B 23 -8.11 -56.17 -13.88
N VAL B 24 -7.03 -56.18 -14.67
CA VAL B 24 -7.07 -55.59 -15.99
C VAL B 24 -7.80 -56.63 -16.85
N THR B 25 -8.89 -56.21 -17.49
CA THR B 25 -9.66 -57.14 -18.32
C THR B 25 -9.48 -56.91 -19.81
N ALA B 26 -8.79 -55.84 -20.18
CA ALA B 26 -8.59 -55.56 -21.61
C ALA B 26 -7.62 -54.43 -21.89
N THR B 27 -7.00 -54.50 -23.06
CA THR B 27 -6.06 -53.48 -23.50
C THR B 27 -6.55 -53.02 -24.86
N ILE B 28 -6.88 -51.73 -24.98
CA ILE B 28 -7.41 -51.22 -26.24
C ILE B 28 -6.50 -50.22 -26.95
N PRO B 29 -5.94 -50.61 -28.10
CA PRO B 29 -5.11 -49.66 -28.88
C PRO B 29 -5.93 -48.45 -29.29
N VAL B 30 -5.31 -47.28 -29.08
CA VAL B 30 -5.87 -45.98 -29.44
C VAL B 30 -4.93 -45.18 -30.35
N GLY B 31 -4.85 -43.90 -30.08
CA GLY B 31 -4.00 -42.96 -30.84
C GLY B 31 -2.58 -42.91 -30.22
N SER B 32 -1.87 -41.83 -30.54
CA SER B 32 -0.50 -41.60 -30.06
C SER B 32 -0.48 -40.72 -28.80
N ASN B 33 0.16 -41.27 -27.78
CA ASN B 33 0.32 -40.61 -26.48
C ASN B 33 -1.02 -40.29 -25.86
N PRO B 34 -1.82 -41.33 -25.60
CA PRO B 34 -3.12 -41.04 -24.99
C PRO B 34 -2.83 -40.47 -23.60
N GLY B 36 -5.47 -39.08 -21.67
CA GLY B 36 -6.68 -39.11 -20.86
C GLY B 36 -7.83 -39.90 -21.46
N ALA B 37 -8.59 -40.52 -20.57
CA ALA B 37 -9.77 -41.30 -20.96
C ALA B 37 -10.88 -40.85 -20.04
N VAL B 38 -12.08 -40.74 -20.57
CA VAL B 38 -13.24 -40.33 -19.77
C VAL B 38 -14.48 -41.08 -20.23
N ILE B 39 -15.26 -41.54 -19.27
CA ILE B 39 -16.48 -42.26 -19.59
C ILE B 39 -17.69 -41.33 -19.55
N SER B 40 -18.61 -41.52 -20.48
CA SER B 40 -19.82 -40.69 -20.54
C SER B 40 -20.67 -41.01 -19.32
N PRO B 41 -21.53 -40.07 -18.91
CA PRO B 41 -22.39 -40.30 -17.75
C PRO B 41 -23.19 -41.59 -17.78
N ASP B 42 -23.71 -41.97 -18.94
CA ASP B 42 -24.50 -43.21 -19.00
C ASP B 42 -23.60 -44.44 -19.06
N GLY B 43 -22.31 -44.20 -19.24
CA GLY B 43 -21.34 -45.28 -19.29
C GLY B 43 -21.25 -46.08 -20.57
N THR B 44 -21.82 -45.55 -21.66
CA THR B 44 -21.81 -46.25 -22.93
C THR B 44 -20.59 -45.96 -23.79
N LYS B 45 -20.00 -44.78 -23.61
CA LYS B 45 -18.83 -44.40 -24.40
C LYS B 45 -17.66 -43.87 -23.55
N VAL B 46 -16.44 -44.12 -24.01
CA VAL B 46 -15.25 -43.64 -23.33
C VAL B 46 -14.49 -42.80 -24.37
N TYR B 47 -14.05 -41.62 -23.97
CA TYR B 47 -13.34 -40.74 -24.89
C TYR B 47 -11.88 -40.61 -24.48
N VAL B 48 -10.99 -40.74 -25.46
CA VAL B 48 -9.55 -40.70 -25.19
C VAL B 48 -8.79 -39.62 -25.95
N ALA B 49 -8.11 -38.78 -25.19
CA ALA B 49 -7.31 -37.71 -25.76
C ALA B 49 -5.93 -38.26 -26.17
N ASN B 50 -5.64 -38.24 -27.46
CA ASN B 50 -4.35 -38.72 -27.95
C ASN B 50 -3.47 -37.51 -28.24
N ALA B 51 -2.61 -37.16 -27.27
CA ALA B 51 -1.74 -35.99 -27.36
C ALA B 51 -0.90 -35.81 -28.64
N HIS B 52 -0.15 -36.84 -29.03
CA HIS B 52 0.68 -36.73 -30.22
C HIS B 52 -0.02 -36.89 -31.57
N SER B 53 -1.25 -37.41 -31.60
CA SER B 53 -1.94 -37.52 -32.88
C SER B 53 -3.09 -36.52 -33.02
N ASN B 54 -3.10 -35.53 -32.15
CA ASN B 54 -4.11 -34.47 -32.17
C ASN B 54 -5.55 -34.92 -32.48
N ASP B 55 -6.00 -35.96 -31.78
CA ASP B 55 -7.35 -36.44 -31.97
C ASP B 55 -7.93 -37.15 -30.73
N VAL B 56 -9.16 -37.61 -30.87
CA VAL B 56 -9.87 -38.28 -29.80
C VAL B 56 -10.36 -39.63 -30.26
N SER B 57 -10.10 -40.67 -29.46
CA SER B 57 -10.58 -42.00 -29.80
C SER B 57 -11.92 -42.16 -29.09
N ILE B 58 -12.88 -42.81 -29.75
CA ILE B 58 -14.18 -43.03 -29.10
C ILE B 58 -14.35 -44.53 -28.93
N ILE B 59 -14.58 -44.96 -27.69
CA ILE B 59 -14.72 -46.37 -27.39
C ILE B 59 -16.13 -46.74 -26.94
N ASP B 60 -16.58 -47.91 -27.40
CA ASP B 60 -17.88 -48.45 -27.06
C ASP B 60 -17.62 -49.40 -25.89
N THR B 61 -18.09 -49.03 -24.70
CA THR B 61 -17.86 -49.82 -23.50
C THR B 61 -18.42 -51.25 -23.52
N ALA B 62 -19.33 -51.53 -24.45
CA ALA B 62 -19.91 -52.88 -24.51
C ALA B 62 -19.03 -53.85 -25.28
N THR B 63 -18.23 -53.31 -26.20
CA THR B 63 -17.35 -54.12 -27.04
C THR B 63 -15.85 -53.81 -26.95
N ASN B 64 -15.49 -52.79 -26.18
CA ASN B 64 -14.09 -52.40 -26.04
C ASN B 64 -13.47 -52.06 -27.39
N ASN B 65 -14.29 -51.66 -28.34
CA ASN B 65 -13.81 -51.31 -29.66
C ASN B 65 -13.88 -49.81 -29.92
N VAL B 66 -12.81 -49.34 -30.54
CA VAL B 66 -12.80 -47.97 -31.02
C VAL B 66 -13.68 -47.87 -32.24
N ILE B 67 -14.73 -47.08 -32.11
CA ILE B 67 -15.71 -46.95 -33.19
C ILE B 67 -15.48 -45.70 -34.01
N ALA B 68 -14.63 -44.81 -33.52
CA ALA B 68 -14.36 -43.57 -34.26
C ALA B 68 -13.17 -42.80 -33.69
N THR B 69 -12.62 -41.90 -34.51
CA THR B 69 -11.49 -41.08 -34.13
C THR B 69 -11.79 -39.67 -34.64
N VAL B 70 -11.98 -38.71 -33.72
CA VAL B 70 -12.27 -37.34 -34.11
C VAL B 70 -11.07 -36.43 -33.91
N PRO B 71 -10.69 -35.69 -34.95
CA PRO B 71 -9.53 -34.79 -34.83
C PRO B 71 -9.84 -33.65 -33.85
N ALA B 72 -8.86 -33.24 -33.08
CA ALA B 72 -9.05 -32.15 -32.12
C ALA B 72 -8.03 -31.06 -32.43
N GLY B 73 -7.56 -30.37 -31.40
CA GLY B 73 -6.57 -29.34 -31.61
C GLY B 73 -5.17 -29.89 -31.41
N SER B 74 -4.24 -29.01 -31.07
CA SER B 74 -2.85 -29.41 -30.85
C SER B 74 -2.59 -29.92 -29.44
N SER B 75 -2.18 -31.19 -29.36
CA SER B 75 -1.86 -31.80 -28.09
C SER B 75 -3.05 -31.86 -27.13
N PRO B 76 -4.11 -32.62 -27.43
CA PRO B 76 -5.22 -32.79 -26.52
C PRO B 76 -4.71 -33.44 -25.24
N GLN B 77 -5.22 -32.98 -24.10
CA GLN B 77 -4.79 -33.51 -22.78
C GLN B 77 -5.98 -34.05 -21.96
N GLY B 78 -7.01 -33.23 -21.78
CA GLY B 78 -8.16 -33.66 -21.01
C GLY B 78 -9.50 -33.66 -21.75
N VAL B 79 -10.43 -34.48 -21.25
CA VAL B 79 -11.75 -34.58 -21.84
C VAL B 79 -12.82 -34.60 -20.76
N ALA B 80 -13.98 -34.06 -21.08
CA ALA B 80 -15.13 -34.02 -20.17
C ALA B 80 -16.38 -34.23 -21.01
N VAL B 81 -17.36 -34.92 -20.44
CA VAL B 81 -18.59 -35.21 -21.18
C VAL B 81 -19.82 -34.54 -20.58
N SER B 82 -20.60 -33.86 -21.41
CA SER B 82 -21.83 -33.21 -20.94
C SER B 82 -22.75 -34.23 -20.29
N PRO B 83 -23.58 -33.78 -19.34
CA PRO B 83 -24.53 -34.60 -18.60
C PRO B 83 -25.43 -35.47 -19.47
N ASP B 84 -25.75 -35.00 -20.67
CA ASP B 84 -26.61 -35.79 -21.55
C ASP B 84 -25.82 -36.62 -22.55
N GLY B 85 -24.50 -36.42 -22.56
CA GLY B 85 -23.63 -37.15 -23.47
C GLY B 85 -23.55 -36.63 -24.90
N LYS B 86 -24.18 -35.50 -25.21
CA LYS B 86 -24.23 -34.98 -26.57
C LYS B 86 -22.97 -34.19 -26.90
N GLN B 87 -22.23 -33.65 -25.95
CA GLN B 87 -21.03 -32.88 -26.28
C GLN B 87 -19.82 -33.28 -25.46
N VAL B 88 -18.67 -33.37 -26.14
CA VAL B 88 -17.41 -33.72 -25.51
C VAL B 88 -16.47 -32.52 -25.59
N TYR B 89 -15.81 -32.22 -24.48
CA TYR B 89 -14.89 -31.08 -24.42
C TYR B 89 -13.45 -31.57 -24.29
N VAL B 90 -12.56 -30.99 -25.09
CA VAL B 90 -11.16 -31.40 -25.07
C VAL B 90 -10.21 -30.22 -24.94
N THR B 91 -9.23 -30.35 -24.05
CA THR B 91 -8.25 -29.28 -23.87
C THR B 91 -7.09 -29.53 -24.81
N ASN B 92 -6.72 -28.51 -25.57
CA ASN B 92 -5.60 -28.61 -26.49
C ASN B 92 -4.51 -27.72 -25.93
N ALA B 94 -1.13 -27.35 -26.64
CA ALA B 94 -0.23 -26.63 -27.53
C ALA B 94 -0.85 -25.43 -28.25
N SER B 95 -2.12 -25.56 -28.64
CA SER B 95 -2.78 -24.46 -29.35
C SER B 95 -3.64 -23.61 -28.44
N SER B 96 -3.61 -23.89 -27.14
CA SER B 96 -4.40 -23.14 -26.16
C SER B 96 -5.86 -22.95 -26.59
N THR B 97 -6.52 -24.06 -26.94
CA THR B 97 -7.90 -24.02 -27.35
C THR B 97 -8.66 -25.19 -26.75
N LEU B 98 -9.99 -25.09 -26.77
CA LEU B 98 -10.86 -26.13 -26.27
C LEU B 98 -11.71 -26.58 -27.45
N SER B 99 -11.71 -27.89 -27.71
CA SER B 99 -12.48 -28.44 -28.81
C SER B 99 -13.82 -28.92 -28.26
N VAL B 100 -14.89 -28.57 -28.96
CA VAL B 100 -16.22 -29.03 -28.55
C VAL B 100 -16.66 -30.05 -29.57
N ILE B 101 -16.87 -31.29 -29.13
CA ILE B 101 -17.29 -32.34 -30.06
C ILE B 101 -18.75 -32.74 -29.92
N ASP B 102 -19.42 -32.78 -31.06
CA ASP B 102 -20.81 -33.16 -31.17
C ASP B 102 -20.87 -34.68 -31.31
N THR B 103 -21.45 -35.36 -30.33
CA THR B 103 -21.51 -36.83 -30.36
C THR B 103 -22.57 -37.45 -31.27
N THR B 104 -23.52 -36.67 -31.79
CA THR B 104 -24.53 -37.23 -32.68
C THR B 104 -23.94 -37.35 -34.08
N SER B 105 -22.87 -36.61 -34.34
CA SER B 105 -22.21 -36.65 -35.64
C SER B 105 -20.72 -36.96 -35.48
N ASN B 106 -20.28 -36.97 -34.22
CA ASN B 106 -18.87 -37.22 -33.92
C ASN B 106 -17.98 -36.35 -34.80
N THR B 107 -18.20 -35.04 -34.71
CA THR B 107 -17.44 -34.05 -35.45
C THR B 107 -17.25 -32.82 -34.56
N VAL B 108 -16.22 -32.03 -34.88
CA VAL B 108 -15.94 -30.82 -34.11
C VAL B 108 -17.01 -29.78 -34.43
N ALA B 109 -17.69 -29.29 -33.39
CA ALA B 109 -18.74 -28.31 -33.60
C ALA B 109 -18.39 -26.96 -32.99
N GLY B 110 -17.16 -26.84 -32.49
CA GLY B 110 -16.75 -25.58 -31.90
C GLY B 110 -15.32 -25.58 -31.36
N THR B 111 -14.71 -24.40 -31.35
CA THR B 111 -13.36 -24.24 -30.85
C THR B 111 -13.31 -22.94 -30.07
N VAL B 112 -12.96 -23.05 -28.79
CA VAL B 112 -12.88 -21.89 -27.93
C VAL B 112 -11.44 -21.58 -27.54
N LYS B 113 -11.09 -20.31 -27.62
CA LYS B 113 -9.74 -19.90 -27.23
C LYS B 113 -9.72 -19.82 -25.72
N THR B 114 -8.76 -20.50 -25.11
CA THR B 114 -8.62 -20.52 -23.66
C THR B 114 -7.43 -19.68 -23.25
N GLY B 115 -7.03 -19.89 -22.02
CA GLY B 115 -5.83 -19.28 -21.46
C GLY B 115 -4.65 -20.03 -22.07
N LYS B 116 -3.46 -19.71 -21.65
CA LYS B 116 -2.28 -20.36 -22.19
C LYS B 116 -2.11 -21.78 -21.62
N SER B 117 -1.84 -22.68 -22.54
CA SER B 117 -1.56 -24.09 -22.26
C SER B 117 -2.64 -24.72 -21.33
N PRO B 118 -3.89 -24.88 -21.82
CA PRO B 118 -4.95 -25.51 -21.05
C PRO B 118 -4.54 -26.92 -20.72
N LEU B 119 -5.16 -27.48 -19.70
CA LEU B 119 -4.85 -28.84 -19.26
C LEU B 119 -6.07 -29.54 -18.68
N GLY B 120 -6.39 -29.15 -17.46
CA GLY B 120 -7.51 -29.71 -16.69
C GLY B 120 -8.82 -29.02 -17.03
N LEU B 121 -9.91 -29.77 -17.02
CA LEU B 121 -11.22 -29.21 -17.29
C LEU B 121 -12.24 -30.00 -16.48
N ALA B 122 -13.26 -29.29 -15.97
CA ALA B 122 -14.31 -29.90 -15.17
C ALA B 122 -15.63 -29.15 -15.41
N LEU B 123 -16.67 -29.92 -15.65
CA LEU B 123 -18.00 -29.39 -15.97
C LEU B 123 -18.87 -29.30 -14.72
N SER B 124 -19.67 -28.24 -14.71
CA SER B 124 -20.65 -27.97 -13.65
C SER B 124 -21.74 -29.06 -13.71
N PRO B 125 -22.40 -29.40 -12.60
CA PRO B 125 -23.39 -30.48 -12.59
C PRO B 125 -24.50 -30.29 -13.61
N ASP B 126 -24.87 -29.05 -13.92
CA ASP B 126 -25.96 -28.79 -14.89
C ASP B 126 -25.43 -28.78 -16.32
N GLY B 127 -24.11 -28.74 -16.45
CA GLY B 127 -23.49 -28.76 -17.77
C GLY B 127 -23.35 -27.42 -18.48
N LYS B 128 -23.80 -26.35 -17.85
CA LYS B 128 -23.73 -25.03 -18.49
C LYS B 128 -22.34 -24.40 -18.41
N LYS B 129 -21.60 -24.69 -17.36
CA LYS B 129 -20.27 -24.12 -17.17
C LYS B 129 -19.12 -25.12 -17.18
N LEU B 130 -18.06 -24.79 -17.91
CA LEU B 130 -16.88 -25.64 -17.97
C LEU B 130 -15.71 -24.83 -17.42
N TYR B 131 -14.93 -25.46 -16.54
CA TYR B 131 -13.79 -24.79 -15.94
C TYR B 131 -12.52 -25.43 -16.44
N VAL B 132 -11.64 -24.60 -17.00
CA VAL B 132 -10.40 -25.03 -17.59
C VAL B 132 -9.19 -24.41 -16.92
N THR B 133 -8.25 -25.25 -16.49
CA THR B 133 -7.06 -24.71 -15.89
C THR B 133 -6.03 -24.41 -16.97
N ASN B 134 -5.71 -23.14 -17.08
CA ASN B 134 -4.68 -22.66 -18.01
C ASN B 134 -3.35 -22.78 -17.27
N ASN B 135 -2.74 -23.93 -17.46
CA ASN B 135 -1.51 -24.32 -16.76
C ASN B 135 -0.33 -23.38 -16.97
N GLY B 136 -0.25 -22.75 -18.13
CA GLY B 136 0.85 -21.84 -18.35
C GLY B 136 0.42 -20.38 -18.24
N ASP B 137 -0.59 -20.12 -17.42
CA ASP B 137 -1.11 -18.75 -17.28
C ASP B 137 -1.56 -18.35 -15.88
N LYS B 138 -1.59 -19.31 -14.95
CA LYS B 138 -2.01 -19.06 -13.57
C LYS B 138 -3.48 -18.69 -13.48
N THR B 139 -4.30 -19.19 -14.40
CA THR B 139 -5.73 -18.87 -14.38
C THR B 139 -6.66 -20.03 -14.73
N VAL B 140 -7.95 -19.80 -14.53
CA VAL B 140 -8.96 -20.77 -14.87
C VAL B 140 -9.95 -20.05 -15.77
N SER B 141 -10.28 -20.66 -16.90
CA SER B 141 -11.24 -20.07 -17.81
C SER B 141 -12.60 -20.65 -17.51
N VAL B 142 -13.60 -19.79 -17.38
CA VAL B 142 -14.96 -20.25 -17.12
C VAL B 142 -15.70 -20.11 -18.45
N ILE B 143 -16.05 -21.24 -19.05
CA ILE B 143 -16.72 -21.23 -20.33
C ILE B 143 -18.22 -21.53 -20.31
N ASN B 144 -18.97 -20.72 -21.07
CA ASN B 144 -20.41 -20.89 -21.22
C ASN B 144 -20.54 -21.92 -22.35
N THR B 145 -20.89 -23.15 -21.98
CA THR B 145 -20.99 -24.22 -22.97
C THR B 145 -22.08 -23.99 -24.01
N VAL B 146 -23.00 -23.06 -23.74
CA VAL B 146 -24.07 -22.78 -24.70
C VAL B 146 -23.58 -21.79 -25.76
N THR B 147 -22.99 -20.69 -25.30
CA THR B 147 -22.48 -19.67 -26.20
C THR B 147 -21.07 -19.98 -26.68
N LYS B 148 -20.39 -20.89 -25.98
CA LYS B 148 -19.03 -21.29 -26.31
C LYS B 148 -18.09 -20.09 -26.19
N ALA B 149 -18.26 -19.36 -25.10
CA ALA B 149 -17.44 -18.19 -24.85
C ALA B 149 -16.95 -18.20 -23.41
N VAL B 150 -15.77 -17.63 -23.19
CA VAL B 150 -15.23 -17.53 -21.84
C VAL B 150 -15.98 -16.35 -21.23
N ILE B 151 -16.68 -16.58 -20.14
CA ILE B 151 -17.43 -15.51 -19.50
C ILE B 151 -16.67 -14.91 -18.34
N ASN B 152 -15.62 -15.60 -17.91
CA ASN B 152 -14.82 -15.11 -16.80
C ASN B 152 -13.48 -15.84 -16.69
N THR B 153 -12.47 -15.13 -16.23
CA THR B 153 -11.13 -15.68 -16.06
C THR B 153 -10.78 -15.50 -14.59
N VAL B 154 -10.68 -16.61 -13.87
CA VAL B 154 -10.37 -16.59 -12.45
C VAL B 154 -8.88 -16.70 -12.19
N SER B 155 -8.37 -15.80 -11.35
CA SER B 155 -6.95 -15.80 -11.01
C SER B 155 -6.66 -16.86 -9.95
N VAL B 156 -5.75 -17.79 -10.26
CA VAL B 156 -5.39 -18.82 -9.29
C VAL B 156 -3.89 -18.83 -9.06
N GLY B 157 -3.34 -19.97 -8.70
CA GLY B 157 -1.92 -20.04 -8.45
C GLY B 157 -1.10 -20.39 -9.68
N ARG B 158 0.18 -20.68 -9.45
CA ARG B 158 1.09 -21.03 -10.52
C ARG B 158 0.94 -22.47 -10.98
N SER B 159 0.95 -22.66 -12.29
CA SER B 159 0.87 -23.97 -12.89
C SER B 159 -0.34 -24.77 -12.41
N PRO B 160 -1.56 -24.23 -12.61
CA PRO B 160 -2.73 -24.98 -12.18
C PRO B 160 -2.89 -26.20 -13.07
N LYS B 161 -3.28 -27.33 -12.48
CA LYS B 161 -3.44 -28.57 -13.23
C LYS B 161 -4.81 -29.21 -13.00
N GLY B 162 -4.87 -30.14 -12.05
CA GLY B 162 -6.12 -30.81 -11.75
C GLY B 162 -7.20 -29.85 -11.28
N ILE B 163 -8.45 -30.16 -11.61
CA ILE B 163 -9.58 -29.32 -11.24
C ILE B 163 -10.85 -30.18 -11.17
N ALA B 164 -11.71 -29.88 -10.20
CA ALA B 164 -12.93 -30.64 -10.01
C ALA B 164 -14.05 -29.86 -9.35
N VAL B 165 -15.28 -30.14 -9.73
CA VAL B 165 -16.44 -29.47 -9.16
C VAL B 165 -17.15 -30.39 -8.17
N THR B 166 -17.60 -29.82 -7.06
CA THR B 166 -18.32 -30.61 -6.06
C THR B 166 -19.66 -31.07 -6.63
N PRO B 167 -20.19 -32.21 -6.17
CA PRO B 167 -21.47 -32.71 -6.67
C PRO B 167 -22.61 -31.70 -6.58
N ASP B 168 -22.61 -30.82 -5.60
CA ASP B 168 -23.70 -29.82 -5.49
C ASP B 168 -23.38 -28.59 -6.36
N GLY B 169 -22.23 -28.65 -7.04
CA GLY B 169 -21.82 -27.57 -7.91
C GLY B 169 -21.60 -26.19 -7.32
N THR B 170 -21.23 -26.10 -6.05
CA THR B 170 -21.02 -24.80 -5.42
C THR B 170 -19.55 -24.42 -5.43
N LYS B 171 -18.68 -25.42 -5.38
CA LYS B 171 -17.24 -25.18 -5.34
C LYS B 171 -16.43 -25.93 -6.39
N VAL B 172 -15.32 -25.33 -6.80
CA VAL B 172 -14.40 -25.90 -7.77
C VAL B 172 -13.01 -25.86 -7.15
N TYR B 173 -12.40 -27.03 -6.95
CA TYR B 173 -11.05 -27.11 -6.38
C TYR B 173 -10.00 -27.14 -7.48
N VAL B 174 -8.95 -26.33 -7.31
CA VAL B 174 -7.88 -26.23 -8.28
C VAL B 174 -6.50 -26.47 -7.65
N ALA B 175 -5.79 -27.45 -8.20
CA ALA B 175 -4.45 -27.80 -7.73
C ALA B 175 -3.42 -26.90 -8.42
N ASN B 176 -2.73 -26.08 -7.63
CA ASN B 176 -1.71 -25.19 -8.16
C ASN B 176 -0.36 -25.86 -7.93
N PHE B 177 0.08 -26.62 -8.93
CA PHE B 177 1.31 -27.39 -8.85
C PHE B 177 2.58 -26.66 -8.39
N ASP B 178 2.88 -25.52 -8.99
CA ASP B 178 4.09 -24.79 -8.61
C ASP B 178 3.93 -23.89 -7.41
N SER B 179 2.70 -23.64 -6.99
CA SER B 179 2.46 -22.78 -5.85
C SER B 179 2.22 -23.56 -4.58
N SER B 181 -0.33 -25.15 -3.55
CA SER B 181 -1.58 -24.74 -2.93
C SER B 181 -2.77 -25.20 -3.75
N ILE B 182 -3.95 -25.06 -3.17
CA ILE B 182 -5.19 -25.42 -3.83
C ILE B 182 -6.19 -24.27 -3.74
N SER B 183 -6.64 -23.80 -4.89
CA SER B 183 -7.61 -22.71 -4.94
C SER B 183 -9.02 -23.29 -4.82
N VAL B 184 -9.89 -22.60 -4.08
CA VAL B 184 -11.27 -23.02 -3.91
C VAL B 184 -12.12 -21.91 -4.49
N ILE B 185 -12.89 -22.25 -5.52
CA ILE B 185 -13.71 -21.25 -6.19
C ILE B 185 -15.21 -21.41 -5.94
N ASP B 186 -15.85 -20.29 -5.63
CA ASP B 186 -17.28 -20.21 -5.40
C ASP B 186 -17.88 -20.07 -6.80
N THR B 187 -18.62 -21.08 -7.24
CA THR B 187 -19.18 -21.06 -8.58
C THR B 187 -20.27 -20.02 -8.82
N VAL B 188 -20.86 -19.50 -7.74
CA VAL B 188 -21.91 -18.49 -7.88
C VAL B 188 -21.30 -17.14 -8.34
N THR B 189 -20.12 -16.80 -7.85
CA THR B 189 -19.48 -15.54 -8.23
C THR B 189 -18.19 -15.73 -8.99
N ASN B 190 -17.73 -16.97 -9.09
CA ASN B 190 -16.48 -17.28 -9.78
C ASN B 190 -15.35 -16.57 -9.03
N SER B 191 -15.49 -16.57 -7.71
CA SER B 191 -14.52 -15.93 -6.83
C SER B 191 -13.73 -16.96 -6.05
N VAL B 192 -12.44 -16.74 -5.89
CA VAL B 192 -11.63 -17.65 -5.10
C VAL B 192 -11.94 -17.26 -3.66
N ILE B 193 -12.56 -18.19 -2.92
CA ILE B 193 -12.92 -17.93 -1.53
C ILE B 193 -11.95 -18.50 -0.52
N ASP B 194 -10.97 -19.26 -1.00
CA ASP B 194 -9.97 -19.84 -0.12
C ASP B 194 -8.83 -20.53 -0.85
N THR B 195 -7.65 -20.44 -0.25
CA THR B 195 -6.44 -21.03 -0.80
C THR B 195 -5.83 -21.92 0.28
N VAL B 196 -5.80 -23.22 0.03
CA VAL B 196 -5.25 -24.17 0.99
C VAL B 196 -3.78 -24.42 0.73
N LYS B 197 -2.97 -24.19 1.76
CA LYS B 197 -1.52 -24.39 1.67
C LYS B 197 -1.24 -25.88 1.84
N VAL B 198 -0.40 -26.44 0.96
CA VAL B 198 -0.07 -27.87 1.03
C VAL B 198 1.42 -28.16 1.07
N GLU B 199 1.76 -29.34 1.58
CA GLU B 199 3.14 -29.79 1.76
C GLU B 199 3.99 -30.00 0.51
N ALA B 200 3.36 -30.37 -0.59
CA ALA B 200 4.08 -30.63 -1.83
C ALA B 200 3.38 -30.02 -3.05
N ALA B 201 3.61 -30.62 -4.21
CA ALA B 201 3.02 -30.17 -5.46
C ALA B 201 1.69 -30.87 -5.77
N PRO B 202 0.56 -30.20 -5.48
CA PRO B 202 -0.74 -30.82 -5.74
C PRO B 202 -0.88 -30.95 -7.27
N SER B 203 -1.35 -32.11 -7.73
CA SER B 203 -1.48 -32.35 -9.16
C SER B 203 -2.89 -32.67 -9.62
N GLY B 204 -3.41 -33.81 -9.21
CA GLY B 204 -4.75 -34.22 -9.59
C GLY B 204 -5.75 -34.02 -8.48
N ILE B 205 -7.03 -33.90 -8.84
CA ILE B 205 -8.06 -33.71 -7.82
C ILE B 205 -9.33 -34.48 -8.17
N ALA B 206 -9.96 -35.05 -7.15
CA ALA B 206 -11.18 -35.81 -7.33
C ALA B 206 -12.07 -35.69 -6.08
N VAL B 207 -13.32 -35.33 -6.28
CA VAL B 207 -14.24 -35.19 -5.16
C VAL B 207 -15.05 -36.48 -5.07
N ASN B 208 -15.24 -36.99 -3.86
CA ASN B 208 -16.03 -38.21 -3.71
C ASN B 208 -17.50 -37.91 -3.98
N PRO B 209 -18.28 -38.93 -4.34
CA PRO B 209 -19.72 -38.82 -4.62
C PRO B 209 -20.56 -38.02 -3.61
N GLU B 210 -20.17 -38.07 -2.34
CA GLU B 210 -20.91 -37.38 -1.28
C GLU B 210 -20.57 -35.90 -1.19
N GLY B 211 -19.45 -35.51 -1.79
CA GLY B 211 -19.04 -34.12 -1.77
C GLY B 211 -18.44 -33.74 -0.42
N THR B 212 -18.18 -34.72 0.41
CA THR B 212 -17.62 -34.48 1.74
C THR B 212 -16.11 -34.37 1.72
N LYS B 213 -15.46 -35.18 0.88
CA LYS B 213 -14.01 -35.20 0.79
C LYS B 213 -13.46 -35.10 -0.64
N ALA B 214 -12.30 -34.50 -0.77
CA ALA B 214 -11.64 -34.33 -2.06
C ALA B 214 -10.23 -34.91 -1.94
N TYR B 215 -9.88 -35.83 -2.83
CA TYR B 215 -8.56 -36.45 -2.79
C TYR B 215 -7.60 -35.77 -3.76
N VAL B 216 -6.40 -35.49 -3.26
CA VAL B 216 -5.38 -34.81 -4.05
C VAL B 216 -4.07 -35.58 -4.12
N THR B 217 -3.50 -35.68 -5.32
CA THR B 217 -2.20 -36.34 -5.48
C THR B 217 -1.15 -35.26 -5.31
N ASN B 218 -0.13 -35.55 -4.52
CA ASN B 218 0.92 -34.59 -4.25
C ASN B 218 2.26 -35.15 -4.71
N VAL B 219 2.99 -34.36 -5.48
CA VAL B 219 4.29 -34.78 -5.99
C VAL B 219 5.42 -34.21 -5.15
N ASP B 220 6.39 -35.07 -4.88
CA ASP B 220 7.58 -34.72 -4.12
C ASP B 220 8.52 -35.92 -4.16
N LYS B 221 9.76 -35.64 -4.46
CA LYS B 221 10.76 -36.70 -4.51
C LYS B 221 10.81 -37.47 -3.19
N TYR B 222 10.39 -38.71 -3.27
CA TYR B 222 10.42 -39.65 -2.12
C TYR B 222 9.19 -39.53 -1.19
N PHE B 223 8.56 -38.37 -1.14
CA PHE B 223 7.40 -38.18 -0.24
C PHE B 223 6.12 -37.86 -0.99
N ASN B 224 5.77 -38.75 -1.90
CA ASN B 224 4.56 -38.61 -2.70
C ASN B 224 3.38 -39.19 -1.93
N THR B 225 2.31 -38.42 -1.86
CA THR B 225 1.14 -38.86 -1.14
C THR B 225 -0.14 -38.50 -1.86
N VAL B 226 -1.19 -39.07 -1.30
CA VAL B 226 -2.56 -38.81 -1.68
C VAL B 226 -3.24 -38.27 -0.45
N SER B 227 -3.51 -36.99 -0.52
CA SER B 227 -4.11 -36.27 0.58
C SER B 227 -5.62 -36.19 0.45
N ILE B 229 -9.15 -33.85 1.65
CA ILE B 229 -9.57 -32.53 2.07
C ILE B 229 -11.04 -32.48 2.44
N ASP B 230 -11.30 -32.09 3.68
CA ASP B 230 -12.66 -31.96 4.20
C ASP B 230 -13.26 -30.74 3.52
N THR B 231 -14.26 -30.98 2.67
CA THR B 231 -14.91 -29.91 1.92
C THR B 231 -15.61 -28.88 2.79
N GLY B 232 -15.78 -29.21 4.08
CA GLY B 232 -16.43 -28.31 5.00
C GLY B 232 -15.50 -27.33 5.68
N THR B 233 -14.22 -27.68 5.79
CA THR B 233 -13.26 -26.79 6.43
C THR B 233 -12.19 -26.33 5.44
N ASN B 234 -11.99 -27.12 4.39
CA ASN B 234 -10.98 -26.84 3.37
C ASN B 234 -9.61 -26.99 4.03
N LYS B 235 -9.44 -28.08 4.76
CA LYS B 235 -8.18 -28.40 5.44
C LYS B 235 -7.87 -29.89 5.27
N ILE B 236 -6.61 -30.19 5.01
CA ILE B 236 -6.18 -31.57 4.85
C ILE B 236 -6.41 -32.29 6.17
N THR B 237 -6.90 -33.52 6.11
CA THR B 237 -7.18 -34.30 7.31
C THR B 237 -6.43 -35.62 7.31
N ALA B 238 -5.74 -35.91 6.22
CA ALA B 238 -5.00 -37.16 6.12
C ALA B 238 -4.12 -37.21 4.88
N ARG B 239 -3.01 -37.94 4.99
CA ARG B 239 -2.09 -38.10 3.89
C ARG B 239 -1.73 -39.57 3.75
N ILE B 240 -1.72 -40.06 2.52
CA ILE B 240 -1.41 -41.47 2.27
C ILE B 240 -0.23 -41.62 1.31
N PRO B 241 0.87 -42.22 1.79
CA PRO B 241 2.06 -42.42 0.95
C PRO B 241 1.75 -43.26 -0.29
N VAL B 242 2.25 -42.82 -1.44
CA VAL B 242 2.06 -43.53 -2.70
C VAL B 242 3.36 -43.53 -3.46
N GLY B 243 3.40 -44.27 -4.56
CA GLY B 243 4.61 -44.36 -5.37
C GLY B 243 5.01 -43.04 -6.00
N PRO B 244 6.15 -42.99 -6.67
CA PRO B 244 6.61 -41.75 -7.29
C PRO B 244 5.70 -41.17 -8.39
N ASP B 245 5.75 -39.85 -8.51
CA ASP B 245 5.02 -39.08 -9.50
C ASP B 245 3.53 -39.43 -9.74
N PRO B 246 2.71 -39.40 -8.67
CA PRO B 246 1.29 -39.69 -8.81
C PRO B 246 0.69 -38.50 -9.56
N ALA B 247 -0.26 -38.74 -10.46
CA ALA B 247 -0.87 -37.66 -11.24
C ALA B 247 -2.38 -37.63 -11.13
N GLY B 248 -3.05 -38.30 -12.06
CA GLY B 248 -4.50 -38.33 -12.07
C GLY B 248 -5.03 -39.10 -10.88
N ILE B 249 -6.33 -38.96 -10.63
CA ILE B 249 -6.95 -39.65 -9.52
C ILE B 249 -8.47 -39.63 -9.63
N ALA B 250 -9.10 -40.74 -9.25
CA ALA B 250 -10.54 -40.82 -9.30
C ALA B 250 -11.09 -41.71 -8.20
N VAL B 251 -12.29 -41.34 -7.75
CA VAL B 251 -12.99 -42.09 -6.72
C VAL B 251 -14.06 -42.90 -7.43
N THR B 252 -14.24 -44.14 -6.99
CA THR B 252 -15.25 -45.01 -7.57
C THR B 252 -16.64 -44.46 -7.20
N PRO B 253 -17.64 -44.69 -8.05
CA PRO B 253 -19.00 -44.20 -7.77
C PRO B 253 -19.57 -44.58 -6.40
N ASP B 254 -19.15 -45.71 -5.83
CA ASP B 254 -19.64 -46.10 -4.51
C ASP B 254 -18.81 -45.44 -3.39
N GLY B 255 -17.79 -44.68 -3.79
CA GLY B 255 -16.94 -43.98 -2.85
C GLY B 255 -16.02 -44.81 -1.98
N LYS B 256 -15.91 -46.10 -2.27
CA LYS B 256 -15.07 -47.00 -1.47
C LYS B 256 -13.61 -47.07 -1.87
N LYS B 257 -13.32 -46.86 -3.16
CA LYS B 257 -11.94 -46.92 -3.62
C LYS B 257 -11.47 -45.67 -4.34
N VAL B 258 -10.16 -45.47 -4.27
CA VAL B 258 -9.49 -44.34 -4.92
C VAL B 258 -8.42 -44.93 -5.82
N TYR B 259 -8.46 -44.57 -7.09
CA TYR B 259 -7.50 -45.03 -8.07
C TYR B 259 -6.49 -43.95 -8.42
N VAL B 260 -5.21 -44.32 -8.41
CA VAL B 260 -4.14 -43.39 -8.72
C VAL B 260 -3.16 -44.02 -9.72
N ALA B 261 -2.98 -43.33 -10.84
CA ALA B 261 -2.08 -43.79 -11.88
C ALA B 261 -0.68 -43.28 -11.60
N LEU B 262 0.29 -44.20 -11.56
CA LEU B 262 1.68 -43.81 -11.32
C LEU B 262 2.42 -43.93 -12.63
N SER B 263 2.47 -42.84 -13.39
CA SER B 263 3.13 -42.83 -14.71
C SER B 263 4.56 -43.37 -14.69
N PHE B 264 5.29 -43.03 -13.63
CA PHE B 264 6.66 -43.45 -13.48
C PHE B 264 6.83 -44.94 -13.25
N ASN B 266 4.34 -47.39 -14.16
CA ASN B 266 3.52 -48.19 -15.08
C ASN B 266 2.55 -49.03 -14.26
N THR B 267 1.96 -48.40 -13.26
CA THR B 267 1.02 -49.09 -12.39
C THR B 267 -0.08 -48.16 -11.94
N VAL B 268 -1.08 -48.75 -11.31
CA VAL B 268 -2.20 -48.02 -10.76
C VAL B 268 -2.35 -48.51 -9.33
N SER B 269 -2.44 -47.59 -8.39
CA SER B 269 -2.61 -47.94 -6.98
C SER B 269 -4.06 -47.75 -6.56
N VAL B 270 -4.55 -48.69 -5.76
CA VAL B 270 -5.92 -48.67 -5.26
C VAL B 270 -5.94 -48.46 -3.75
N ILE B 271 -6.69 -47.44 -3.34
CA ILE B 271 -6.81 -47.09 -1.94
C ILE B 271 -8.23 -47.26 -1.39
N ASP B 272 -8.28 -47.86 -0.20
CA ASP B 272 -9.54 -48.10 0.52
C ASP B 272 -9.82 -46.79 1.26
N THR B 273 -10.89 -46.11 0.88
CA THR B 273 -11.24 -44.85 1.51
C THR B 273 -11.70 -44.99 2.96
N ALA B 274 -12.02 -46.21 3.35
CA ALA B 274 -12.46 -46.45 4.73
C ALA B 274 -11.28 -46.45 5.69
N THR B 275 -10.17 -47.05 5.26
CA THR B 275 -8.98 -47.15 6.10
C THR B 275 -7.80 -46.34 5.59
N ASN B 276 -8.00 -45.59 4.52
CA ASN B 276 -6.94 -44.79 3.93
C ASN B 276 -5.64 -45.58 3.77
N THR B 277 -5.76 -46.82 3.31
CA THR B 277 -4.59 -47.65 3.09
C THR B 277 -4.59 -48.15 1.65
N ILE B 278 -3.40 -48.42 1.12
CA ILE B 278 -3.26 -48.94 -0.22
C ILE B 278 -3.55 -50.44 -0.11
N THR B 279 -4.58 -50.90 -0.81
CA THR B 279 -4.93 -52.30 -0.77
C THR B 279 -4.41 -53.06 -1.97
N ALA B 280 -3.95 -52.33 -2.96
CA ALA B 280 -3.41 -52.97 -4.16
C ALA B 280 -2.74 -52.01 -5.13
N THR B 281 -1.83 -52.55 -5.93
CA THR B 281 -1.10 -51.81 -6.95
C THR B 281 -0.89 -52.80 -8.07
N ALA B 283 -0.17 -53.66 -12.39
CA ALA B 283 0.55 -53.20 -13.56
C ALA B 283 -0.43 -52.93 -14.71
N VAL B 284 -0.16 -51.87 -15.41
CA VAL B 284 -0.89 -51.46 -16.59
C VAL B 284 0.02 -51.29 -17.80
N GLY B 285 -0.24 -50.30 -18.59
CA GLY B 285 0.61 -49.99 -19.75
C GLY B 285 1.80 -49.14 -19.28
N LYS B 286 2.59 -48.69 -20.25
CA LYS B 286 3.77 -47.85 -19.98
C LYS B 286 3.34 -46.39 -19.86
N ASN B 287 3.78 -45.73 -18.79
CA ASN B 287 3.47 -44.33 -18.54
C ASN B 287 1.99 -44.00 -18.47
N PRO B 288 1.27 -44.63 -17.54
CA PRO B 288 -0.16 -44.37 -17.41
C PRO B 288 -0.53 -43.01 -16.83
N TYR B 289 -1.59 -42.44 -17.38
CA TYR B 289 -2.14 -41.17 -16.92
C TYR B 289 -3.64 -41.39 -16.95
N ALA B 290 -4.33 -40.93 -15.92
CA ALA B 290 -5.77 -41.08 -15.84
C ALA B 290 -6.36 -39.89 -15.11
N SER B 291 -6.84 -38.91 -15.86
CA SER B 291 -7.40 -37.72 -15.25
C SER B 291 -8.91 -37.65 -15.40
N GLY B 292 -9.54 -36.95 -14.47
CA GLY B 292 -10.98 -36.80 -14.52
C GLY B 292 -11.81 -38.05 -14.33
N GLN B 293 -12.97 -38.05 -14.96
CA GLN B 293 -13.91 -39.14 -14.85
C GLN B 293 -13.57 -40.40 -15.66
N PHE B 294 -12.60 -41.18 -15.20
CA PHE B 294 -12.24 -42.39 -15.94
C PHE B 294 -12.81 -43.67 -15.32
N ILE B 295 -13.69 -43.52 -14.34
CA ILE B 295 -14.32 -44.68 -13.71
C ILE B 295 -15.82 -44.50 -13.77
N GLY B 296 -16.53 -45.60 -14.03
CA GLY B 296 -17.98 -45.53 -14.10
C GLY B 296 -18.60 -46.88 -14.40
N SER B 297 -19.89 -47.00 -14.10
CA SER B 297 -20.61 -48.23 -14.36
C SER B 297 -21.05 -48.22 -15.81
N ILE B 298 -20.99 -49.39 -16.44
CA ILE B 298 -21.42 -49.52 -17.83
C ILE B 298 -22.66 -50.41 -17.83
N PRO B 299 -23.67 -50.03 -18.64
CA PRO B 299 -24.93 -50.79 -18.73
C PRO B 299 -24.78 -52.19 -19.33
N VAL B 300 -23.84 -52.34 -20.25
CA VAL B 300 -23.60 -53.64 -20.88
C VAL B 300 -22.13 -54.02 -20.79
N GLN B 301 -21.86 -55.15 -20.14
CA GLN B 301 -20.49 -55.63 -19.98
C GLN B 301 -20.08 -56.58 -21.08
N PRO B 302 -18.93 -56.35 -21.72
CA PRO B 302 -18.45 -57.24 -22.74
C PRO B 302 -18.26 -58.62 -22.15
N VAL B 303 -18.43 -59.63 -22.99
CA VAL B 303 -18.23 -61.03 -22.57
C VAL B 303 -16.75 -61.36 -22.52
N TYR B 304 -16.18 -61.28 -21.33
CA TYR B 304 -14.76 -61.54 -21.15
C TYR B 304 -14.45 -63.02 -20.97
N PRO B 305 -13.28 -63.44 -21.46
CA PRO B 305 -12.86 -64.84 -21.35
C PRO B 305 -12.47 -65.09 -19.90
N SER B 306 -12.59 -66.33 -19.44
CA SER B 306 -12.23 -66.65 -18.07
C SER B 306 -11.20 -67.77 -18.12
N ALA B 307 -9.99 -67.47 -17.67
CA ALA B 307 -8.90 -68.43 -17.69
C ALA B 307 -8.96 -69.45 -16.57
N ASP B 308 -8.75 -70.71 -16.94
CA ASP B 308 -8.76 -71.82 -16.01
C ASP B 308 -8.27 -73.07 -16.72
N PHE B 309 -7.57 -73.93 -16.00
CA PHE B 309 -7.05 -75.16 -16.57
C PHE B 309 -6.60 -76.12 -15.48
N LYS B 310 -6.26 -77.33 -15.88
CA LYS B 310 -5.79 -78.36 -14.95
C LYS B 310 -4.80 -79.25 -15.65
N SER B 311 -4.00 -79.97 -14.87
CA SER B 311 -2.99 -80.86 -15.43
C SER B 311 -3.21 -82.29 -14.95
N ASN B 312 -2.34 -83.19 -15.42
CA ASN B 312 -2.42 -84.59 -15.03
C ASN B 312 -1.57 -84.77 -13.77
N ILE B 313 -1.03 -83.66 -13.28
CA ILE B 313 -0.22 -83.66 -12.08
C ILE B 313 -1.15 -83.88 -10.90
N THR B 314 -1.00 -85.03 -10.24
CA THR B 314 -1.84 -85.37 -9.08
C THR B 314 -1.11 -85.20 -7.77
N SER B 315 0.14 -85.67 -7.73
CA SER B 315 0.96 -85.60 -6.53
C SER B 315 1.31 -84.18 -6.11
N GLY B 316 1.15 -83.24 -7.03
CA GLY B 316 1.50 -81.85 -6.74
C GLY B 316 2.88 -81.59 -7.33
N TYR B 317 3.50 -82.67 -7.76
CA TYR B 317 4.83 -82.65 -8.37
C TYR B 317 4.78 -83.59 -9.57
N ILE B 318 5.86 -83.64 -10.33
CA ILE B 318 5.91 -84.53 -11.47
C ILE B 318 7.35 -84.89 -11.77
N PHE B 319 7.57 -86.10 -12.23
CA PHE B 319 8.91 -86.59 -12.54
C PHE B 319 9.48 -86.04 -13.83
N LEU B 320 10.80 -86.03 -13.91
CA LEU B 320 11.50 -85.54 -15.10
C LEU B 320 11.17 -86.42 -16.30
N SER B 321 11.12 -85.79 -17.47
CA SER B 321 10.83 -86.50 -18.71
C SER B 321 9.51 -87.26 -18.69
N GLU B 322 8.60 -86.82 -17.83
CA GLU B 322 7.27 -87.43 -17.73
C GLU B 322 6.31 -86.37 -18.27
N PRO B 323 5.72 -86.62 -19.44
CA PRO B 323 4.79 -85.68 -20.07
C PRO B 323 3.74 -85.10 -19.14
N VAL B 324 3.52 -83.79 -19.27
CA VAL B 324 2.51 -83.10 -18.50
C VAL B 324 1.44 -82.74 -19.52
N GLN B 325 0.23 -83.21 -19.27
CA GLN B 325 -0.87 -82.93 -20.19
C GLN B 325 -1.81 -81.89 -19.62
N PHE B 326 -1.80 -80.71 -20.23
CA PHE B 326 -2.65 -79.61 -19.79
C PHE B 326 -3.97 -79.59 -20.54
N THR B 327 -5.07 -79.47 -19.80
CA THR B 327 -6.38 -79.41 -20.42
C THR B 327 -7.04 -78.06 -20.09
N ASP B 328 -7.42 -77.33 -21.12
CA ASP B 328 -8.04 -76.03 -20.96
C ASP B 328 -9.46 -76.11 -20.44
N LEU B 329 -9.74 -75.31 -19.40
CA LEU B 329 -11.06 -75.24 -18.78
C LEU B 329 -11.56 -73.80 -18.82
N SER B 330 -10.93 -73.00 -19.68
CA SER B 330 -11.30 -71.60 -19.83
C SER B 330 -12.71 -71.50 -20.38
N LYS B 331 -13.29 -70.32 -20.21
CA LYS B 331 -14.64 -70.04 -20.69
C LYS B 331 -14.60 -68.86 -21.66
N ASP B 332 -15.30 -69.01 -22.79
CA ASP B 332 -15.40 -67.96 -23.80
C ASP B 332 -14.06 -67.50 -24.36
N ALA B 333 -13.17 -68.45 -24.61
CA ALA B 333 -11.85 -68.12 -25.15
C ALA B 333 -11.74 -68.60 -26.60
N THR B 334 -11.04 -67.81 -27.42
CA THR B 334 -10.84 -68.14 -28.83
C THR B 334 -9.35 -68.23 -29.15
N GLU B 335 -8.52 -67.73 -28.23
CA GLU B 335 -7.09 -67.76 -28.40
C GLU B 335 -6.40 -68.17 -27.10
N TRP B 336 -5.36 -68.98 -27.23
CA TRP B 336 -4.62 -69.47 -26.08
C TRP B 336 -3.14 -69.16 -26.21
N LYS B 337 -2.51 -68.94 -25.06
CA LYS B 337 -1.09 -68.64 -24.97
C LYS B 337 -0.53 -69.28 -23.70
N TRP B 338 0.16 -70.40 -23.87
CA TRP B 338 0.74 -71.10 -22.73
C TRP B 338 2.21 -70.77 -22.53
N ASP B 339 2.57 -70.45 -21.29
CA ASP B 339 3.95 -70.17 -20.93
C ASP B 339 4.28 -71.23 -19.89
N PHE B 340 5.22 -72.11 -20.20
CA PHE B 340 5.58 -73.19 -19.29
C PHE B 340 6.57 -72.80 -18.19
N GLY B 341 7.13 -71.59 -18.29
CA GLY B 341 8.06 -71.12 -17.27
C GLY B 341 9.51 -71.57 -17.45
N ASP B 342 9.82 -72.12 -18.61
CA ASP B 342 11.17 -72.58 -18.90
C ASP B 342 11.67 -71.98 -20.20
N GLY B 343 11.00 -70.94 -20.67
CA GLY B 343 11.42 -70.30 -21.90
C GLY B 343 10.66 -70.78 -23.11
N SER B 344 9.88 -71.84 -22.95
CA SER B 344 9.10 -72.37 -24.05
C SER B 344 7.64 -71.98 -23.86
N SER B 345 6.84 -72.14 -24.91
CA SER B 345 5.43 -71.79 -24.87
C SER B 345 4.60 -72.63 -25.83
N SER B 346 3.36 -72.21 -26.06
CA SER B 346 2.46 -72.92 -26.97
C SER B 346 1.19 -72.12 -27.21
N LYS B 347 0.55 -72.35 -28.35
CA LYS B 347 -0.68 -71.66 -28.69
C LYS B 347 -1.82 -72.65 -28.83
N LYS B 348 -1.55 -73.90 -28.51
CA LYS B 348 -2.56 -74.94 -28.59
C LYS B 348 -3.45 -74.88 -27.37
N GLN B 349 -4.69 -75.33 -27.51
CA GLN B 349 -5.67 -75.29 -26.44
C GLN B 349 -5.35 -76.23 -25.29
N ASN B 350 -5.08 -77.50 -25.60
CA ASN B 350 -4.74 -78.49 -24.59
C ASN B 350 -3.36 -79.07 -24.92
N PRO B 351 -2.29 -78.29 -24.68
CA PRO B 351 -0.93 -78.76 -24.98
C PRO B 351 -0.35 -79.77 -24.00
N THR B 352 0.75 -80.39 -24.42
CA THR B 352 1.49 -81.36 -23.63
C THR B 352 2.93 -80.87 -23.59
N HIS B 353 3.55 -80.96 -22.42
CA HIS B 353 4.92 -80.49 -22.30
C HIS B 353 5.76 -81.43 -21.45
N THR B 354 7.07 -81.40 -21.72
CA THR B 354 8.03 -82.21 -20.99
C THR B 354 9.21 -81.29 -20.67
N TYR B 355 9.58 -81.22 -19.39
CA TYR B 355 10.70 -80.37 -18.99
C TYR B 355 12.02 -81.12 -19.11
N SER B 356 13.06 -80.41 -19.55
CA SER B 356 14.38 -81.00 -19.75
C SER B 356 15.18 -81.20 -18.47
N GLU B 357 14.87 -80.44 -17.43
CA GLU B 357 15.58 -80.58 -16.16
C GLU B 357 14.69 -80.24 -14.96
N THR B 358 15.08 -80.74 -13.80
CA THR B 358 14.32 -80.50 -12.57
C THR B 358 14.20 -79.03 -12.22
N GLY B 359 13.22 -78.72 -11.39
CA GLY B 359 13.01 -77.34 -10.97
C GLY B 359 11.54 -77.02 -10.72
N ILE B 360 11.30 -75.83 -10.18
CA ILE B 360 9.94 -75.37 -9.90
C ILE B 360 9.58 -74.31 -10.93
N TYR B 361 8.62 -74.61 -11.79
CA TYR B 361 8.23 -73.68 -12.83
C TYR B 361 6.86 -73.05 -12.68
N THR B 362 6.73 -71.82 -13.17
CA THR B 362 5.46 -71.11 -13.13
C THR B 362 4.83 -71.25 -14.51
N VAL B 363 3.69 -71.93 -14.56
CA VAL B 363 2.97 -72.13 -15.82
C VAL B 363 1.83 -71.13 -15.87
N ARG B 364 1.81 -70.32 -16.91
CA ARG B 364 0.77 -69.32 -17.09
C ARG B 364 -0.02 -69.53 -18.37
N LEU B 365 -1.35 -69.49 -18.24
CA LEU B 365 -2.23 -69.63 -19.39
C LEU B 365 -2.91 -68.29 -19.60
N THR B 366 -2.74 -67.74 -20.80
CA THR B 366 -3.36 -66.47 -21.11
C THR B 366 -4.38 -66.69 -22.22
N VAL B 367 -5.66 -66.50 -21.90
CA VAL B 367 -6.72 -66.67 -22.89
C VAL B 367 -7.21 -65.33 -23.33
N SER B 368 -7.90 -65.30 -24.45
CA SER B 368 -8.41 -64.04 -24.96
C SER B 368 -9.48 -64.24 -26.00
N ASN B 369 -10.29 -63.19 -26.18
CA ASN B 369 -11.35 -63.16 -27.18
C ASN B 369 -11.40 -61.72 -27.67
N SER B 370 -12.32 -61.43 -28.57
CA SER B 370 -12.43 -60.08 -29.14
C SER B 370 -12.62 -58.97 -28.10
N ASN B 371 -13.01 -59.34 -26.88
CA ASN B 371 -13.27 -58.36 -25.83
C ASN B 371 -12.16 -58.14 -24.81
N GLY B 372 -11.37 -59.19 -24.53
CA GLY B 372 -10.32 -59.02 -23.54
C GLY B 372 -9.40 -60.20 -23.32
N THR B 373 -8.75 -60.19 -22.17
CA THR B 373 -7.79 -61.21 -21.82
C THR B 373 -7.89 -61.61 -20.35
N ASP B 374 -7.47 -62.84 -20.06
CA ASP B 374 -7.46 -63.32 -18.70
C ASP B 374 -6.33 -64.31 -18.54
N SER B 375 -5.82 -64.41 -17.32
CA SER B 375 -4.70 -65.29 -17.04
C SER B 375 -4.85 -66.16 -15.81
N GLN B 376 -4.21 -67.32 -15.88
CA GLN B 376 -4.23 -68.28 -14.79
C GLN B 376 -2.82 -68.81 -14.60
N ILE B 377 -2.41 -68.91 -13.34
CA ILE B 377 -1.08 -69.38 -12.99
C ILE B 377 -1.13 -70.75 -12.30
N SER B 378 -0.01 -71.44 -12.31
CA SER B 378 0.09 -72.74 -11.67
C SER B 378 1.55 -73.07 -11.49
N THR B 379 1.88 -73.70 -10.36
CA THR B 379 3.24 -74.09 -10.07
C THR B 379 3.45 -75.58 -10.32
N VAL B 380 4.50 -75.91 -11.07
CA VAL B 380 4.80 -77.30 -11.39
C VAL B 380 6.19 -77.69 -10.86
N ASN B 381 6.20 -78.68 -9.98
CA ASN B 381 7.44 -79.18 -9.38
C ASN B 381 7.94 -80.40 -10.14
N VAL B 382 9.05 -80.23 -10.84
CA VAL B 382 9.62 -81.33 -11.60
C VAL B 382 10.79 -81.89 -10.82
N VAL B 383 10.66 -83.14 -10.40
CA VAL B 383 11.72 -83.77 -9.63
C VAL B 383 12.04 -85.15 -10.18
N LEU B 384 13.13 -85.73 -9.70
CA LEU B 384 13.54 -87.05 -10.10
C LEU B 384 12.86 -88.04 -9.17
N LYS B 385 12.62 -89.27 -9.63
CA LYS B 385 12.00 -90.25 -8.77
C LYS B 385 12.94 -90.49 -7.59
N GLY B 386 12.39 -90.50 -6.37
CA GLY B 386 13.22 -90.73 -5.21
C GLY B 386 13.65 -89.43 -4.53
N SER B 387 13.44 -88.31 -5.20
CA SER B 387 13.82 -87.02 -4.64
C SER B 387 12.74 -86.49 -3.70
N PRO B 388 13.11 -85.57 -2.79
CA PRO B 388 12.18 -84.99 -1.82
C PRO B 388 10.96 -84.40 -2.50
N THR B 389 9.79 -84.69 -1.94
CA THR B 389 8.54 -84.18 -2.49
C THR B 389 8.15 -82.85 -1.86
N PRO B 390 7.40 -82.03 -2.61
CA PRO B 390 6.96 -80.72 -2.13
C PRO B 390 5.97 -80.87 -0.97
N SER B 391 5.77 -79.79 -0.22
CA SER B 391 4.84 -79.83 0.91
C SER B 391 3.41 -79.61 0.47
N SER C 1 -16.00 23.73 -10.18
CA SER C 1 -15.03 24.27 -11.17
C SER C 1 -14.25 23.14 -11.85
N THR C 2 -14.40 23.04 -13.17
CA THR C 2 -13.77 22.01 -13.99
C THR C 2 -12.71 22.63 -14.88
N PHE C 3 -11.50 22.07 -14.83
CA PHE C 3 -10.38 22.57 -15.60
C PHE C 3 -9.61 21.53 -16.39
N ALA C 4 -9.01 21.99 -17.49
CA ALA C 4 -8.21 21.16 -18.38
C ALA C 4 -6.76 21.63 -18.24
N TYR C 5 -5.82 20.69 -18.29
CA TYR C 5 -4.42 21.02 -18.17
C TYR C 5 -3.70 20.49 -19.40
N ILE C 6 -3.17 21.42 -20.20
CA ILE C 6 -2.49 21.10 -21.45
C ILE C 6 -0.97 21.23 -21.37
N ALA C 7 -0.28 20.14 -21.66
CA ALA C 7 1.18 20.15 -21.65
C ALA C 7 1.71 20.68 -22.98
N ASN C 8 2.48 21.75 -22.92
CA ASN C 8 3.06 22.36 -24.10
C ASN C 8 4.54 21.95 -24.14
N SER C 9 4.82 20.88 -24.88
CA SER C 9 6.16 20.34 -24.98
C SER C 9 7.30 21.32 -25.30
N GLU C 10 7.09 22.20 -26.27
CA GLU C 10 8.14 23.16 -26.66
C GLU C 10 8.33 24.32 -25.69
N SER C 11 7.27 24.72 -24.99
CA SER C 11 7.38 25.83 -24.05
C SER C 11 7.55 25.42 -22.59
N ASP C 12 7.79 24.13 -22.35
CA ASP C 12 7.97 23.62 -20.98
C ASP C 12 6.98 24.20 -19.98
N ASN C 13 5.70 24.18 -20.32
CA ASN C 13 4.70 24.70 -19.40
C ASN C 13 3.33 24.09 -19.61
N ILE C 14 2.44 24.37 -18.67
CA ILE C 14 1.08 23.85 -18.69
C ILE C 14 0.10 24.97 -18.80
N SER C 15 -0.87 24.82 -19.71
CA SER C 15 -1.90 25.82 -19.89
C SER C 15 -3.12 25.31 -19.12
N VAL C 16 -3.61 26.13 -18.21
CA VAL C 16 -4.78 25.78 -17.42
C VAL C 16 -5.97 26.40 -18.09
N ILE C 17 -6.92 25.56 -18.50
CA ILE C 17 -8.11 26.06 -19.18
C ILE C 17 -9.37 25.82 -18.39
N ASP C 18 -10.15 26.88 -18.20
CA ASP C 18 -11.44 26.83 -17.50
C ASP C 18 -12.39 26.30 -18.57
N VAL C 19 -12.76 25.01 -18.49
CA VAL C 19 -13.62 24.42 -19.50
C VAL C 19 -14.94 25.17 -19.70
N THR C 20 -15.47 25.77 -18.64
CA THR C 20 -16.72 26.51 -18.76
C THR C 20 -16.64 27.66 -19.74
N SER C 21 -15.69 28.56 -19.54
CA SER C 21 -15.54 29.71 -20.41
C SER C 21 -14.57 29.50 -21.59
N ASN C 22 -13.90 28.36 -21.59
CA ASN C 22 -12.92 28.03 -22.63
C ASN C 22 -11.78 29.04 -22.64
N LYS C 23 -11.38 29.51 -21.47
CA LYS C 23 -10.30 30.48 -21.36
C LYS C 23 -9.08 29.93 -20.62
N VAL C 24 -7.89 30.31 -21.09
CA VAL C 24 -6.65 29.90 -20.42
C VAL C 24 -6.53 30.83 -19.21
N THR C 25 -6.64 30.27 -18.01
CA THR C 25 -6.57 31.06 -16.77
C THR C 25 -5.17 31.14 -16.14
N ALA C 26 -4.27 30.24 -16.53
CA ALA C 26 -2.92 30.24 -15.96
C ALA C 26 -1.96 29.44 -16.81
N THR C 27 -0.67 29.74 -16.69
CA THR C 27 0.35 29.02 -17.43
C THR C 27 1.38 28.59 -16.39
N ILE C 28 1.59 27.26 -16.24
CA ILE C 28 2.45 26.75 -15.18
C ILE C 28 3.70 26.09 -15.79
N PRO C 29 4.90 26.69 -15.51
CA PRO C 29 6.16 26.10 -15.90
C PRO C 29 6.38 24.77 -15.19
N VAL C 30 6.85 23.79 -15.97
CA VAL C 30 7.16 22.44 -15.52
C VAL C 30 8.58 22.03 -15.93
N GLY C 31 8.76 20.78 -16.29
CA GLY C 31 10.09 20.33 -16.71
C GLY C 31 10.33 20.51 -18.19
N SER C 32 11.30 19.78 -18.73
CA SER C 32 11.67 19.85 -20.14
C SER C 32 10.83 18.91 -21.02
N ASN C 33 10.20 19.47 -22.05
CA ASN C 33 9.38 18.68 -22.97
C ASN C 33 8.28 17.86 -22.30
N PRO C 34 7.35 18.51 -21.60
CA PRO C 34 6.26 17.76 -20.96
C PRO C 34 5.38 17.19 -22.08
N GLY C 36 2.63 14.75 -21.44
CA GLY C 36 1.27 14.43 -21.02
C GLY C 36 0.98 14.84 -19.59
N ALA C 37 -0.29 15.04 -19.29
CA ALA C 37 -0.71 15.43 -17.95
C ALA C 37 -1.99 14.68 -17.61
N VAL C 38 -2.15 14.42 -16.34
CA VAL C 38 -3.34 13.72 -15.83
C VAL C 38 -3.72 14.27 -14.46
N ILE C 39 -5.00 14.47 -14.29
CA ILE C 39 -5.52 14.95 -13.03
C ILE C 39 -6.03 13.79 -12.16
N SER C 40 -5.72 13.82 -10.89
CA SER C 40 -6.12 12.76 -9.98
C SER C 40 -7.65 12.65 -9.94
N PRO C 41 -8.15 11.47 -9.53
CA PRO C 41 -9.61 11.30 -9.46
C PRO C 41 -10.29 12.37 -8.60
N ASP C 42 -9.64 12.79 -7.52
CA ASP C 42 -10.24 13.79 -6.62
C ASP C 42 -9.91 15.24 -7.02
N GLY C 43 -9.20 15.40 -8.13
CA GLY C 43 -8.90 16.73 -8.62
C GLY C 43 -7.95 17.61 -7.81
N THR C 44 -7.25 17.02 -6.84
CA THR C 44 -6.32 17.81 -6.03
C THR C 44 -4.95 17.95 -6.68
N LYS C 45 -4.58 16.97 -7.50
CA LYS C 45 -3.28 16.98 -8.15
C LYS C 45 -3.30 16.66 -9.67
N VAL C 46 -2.33 17.25 -10.36
CA VAL C 46 -2.13 17.05 -11.78
C VAL C 46 -0.69 16.58 -11.93
N TYR C 47 -0.45 15.55 -12.74
CA TYR C 47 0.89 15.04 -12.94
C TYR C 47 1.34 15.24 -14.37
N VAL C 48 2.59 15.65 -14.55
CA VAL C 48 3.14 15.93 -15.87
C VAL C 48 4.42 15.15 -16.19
N ALA C 49 4.41 14.45 -17.33
CA ALA C 49 5.57 13.69 -17.75
C ALA C 49 6.50 14.57 -18.59
N ASN C 50 7.65 14.92 -18.01
CA ASN C 50 8.63 15.75 -18.69
C ASN C 50 9.57 14.83 -19.45
N ALA C 51 9.33 14.69 -20.75
CA ALA C 51 10.14 13.79 -21.56
C ALA C 51 11.65 14.06 -21.65
N HIS C 52 12.10 15.29 -21.55
CA HIS C 52 13.55 15.53 -21.75
C HIS C 52 14.34 15.70 -20.43
N SER C 53 13.64 15.79 -19.33
CA SER C 53 14.29 15.92 -18.02
C SER C 53 13.99 14.68 -17.16
N ASN C 54 13.60 13.64 -17.86
CA ASN C 54 13.26 12.31 -17.29
C ASN C 54 12.67 12.40 -15.88
N ASP C 55 11.58 13.14 -15.74
CA ASP C 55 10.92 13.27 -14.43
C ASP C 55 9.46 13.70 -14.60
N VAL C 56 8.79 13.81 -13.45
CA VAL C 56 7.37 14.16 -13.41
C VAL C 56 7.13 15.33 -12.47
N SER C 57 6.40 16.34 -12.95
CA SER C 57 6.08 17.50 -12.11
C SER C 57 4.76 17.24 -11.42
N ILE C 58 4.66 17.67 -10.16
CA ILE C 58 3.42 17.50 -9.42
C ILE C 58 2.85 18.87 -9.14
N ILE C 59 1.64 19.10 -9.66
CA ILE C 59 0.98 20.37 -9.48
C ILE C 59 -0.21 20.28 -8.52
N ASP C 60 -0.32 21.30 -7.68
CA ASP C 60 -1.39 21.45 -6.71
C ASP C 60 -2.45 22.29 -7.42
N THR C 61 -3.58 21.68 -7.76
CA THR C 61 -4.64 22.38 -8.49
C THR C 61 -5.27 23.56 -7.75
N ALA C 62 -5.03 23.67 -6.45
CA ALA C 62 -5.62 24.78 -5.70
C ALA C 62 -4.75 26.02 -5.78
N THR C 63 -3.46 25.83 -6.03
CA THR C 63 -2.54 26.96 -6.08
C THR C 63 -1.79 27.07 -7.39
N ASN C 64 -2.01 26.12 -8.29
CA ASN C 64 -1.30 26.10 -9.56
C ASN C 64 0.22 26.13 -9.34
N ASN C 65 0.65 25.59 -8.21
CA ASN C 65 2.08 25.55 -7.87
C ASN C 65 2.62 24.15 -8.09
N VAL C 66 3.88 24.06 -8.54
CA VAL C 66 4.54 22.77 -8.72
C VAL C 66 5.14 22.49 -7.34
N ILE C 67 4.54 21.57 -6.59
CA ILE C 67 5.02 21.25 -5.26
C ILE C 67 6.11 20.20 -5.19
N ALA C 68 6.41 19.57 -6.31
CA ALA C 68 7.42 18.52 -6.32
C ALA C 68 7.73 18.04 -7.73
N THR C 69 8.92 17.49 -7.91
CA THR C 69 9.35 16.96 -9.20
C THR C 69 10.03 15.61 -8.93
N VAL C 70 9.38 14.53 -9.34
CA VAL C 70 9.89 13.18 -9.10
C VAL C 70 10.63 12.57 -10.29
N PRO C 71 11.83 12.02 -10.04
CA PRO C 71 12.61 11.40 -11.12
C PRO C 71 11.95 10.11 -11.56
N ALA C 72 11.76 9.95 -12.87
CA ALA C 72 11.13 8.74 -13.38
C ALA C 72 12.15 7.93 -14.18
N GLY C 73 11.76 7.50 -15.38
CA GLY C 73 12.66 6.72 -16.21
C GLY C 73 13.18 7.57 -17.34
N SER C 74 13.61 6.93 -18.41
CA SER C 74 14.14 7.65 -19.57
C SER C 74 13.05 7.97 -20.59
N SER C 75 12.81 9.26 -20.79
CA SER C 75 11.78 9.78 -21.71
C SER C 75 10.34 9.46 -21.29
N PRO C 76 9.92 9.95 -20.11
CA PRO C 76 8.55 9.69 -19.66
C PRO C 76 7.56 10.31 -20.64
N GLN C 77 6.51 9.57 -20.99
CA GLN C 77 5.52 10.04 -21.96
C GLN C 77 4.11 10.24 -21.43
N GLY C 78 3.58 9.25 -20.72
CA GLY C 78 2.22 9.37 -20.21
C GLY C 78 2.08 9.04 -18.73
N VAL C 79 1.01 9.54 -18.13
CA VAL C 79 0.76 9.32 -16.72
C VAL C 79 -0.71 8.95 -16.47
N ALA C 80 -0.93 8.11 -15.46
CA ALA C 80 -2.26 7.66 -15.09
C ALA C 80 -2.29 7.53 -13.57
N VAL C 81 -3.41 7.88 -12.96
CA VAL C 81 -3.52 7.83 -11.52
C VAL C 81 -4.44 6.72 -11.02
N SER C 82 -4.01 6.01 -9.99
CA SER C 82 -4.80 4.94 -9.39
C SER C 82 -6.12 5.51 -8.88
N PRO C 83 -7.14 4.65 -8.74
CA PRO C 83 -8.44 5.12 -8.27
C PRO C 83 -8.40 5.86 -6.94
N ASP C 84 -7.51 5.45 -6.04
CA ASP C 84 -7.42 6.08 -4.72
C ASP C 84 -6.40 7.19 -4.63
N GLY C 85 -5.81 7.51 -5.78
CA GLY C 85 -4.83 8.58 -5.83
C GLY C 85 -3.50 8.30 -5.13
N LYS C 86 -3.28 7.07 -4.69
CA LYS C 86 -2.03 6.74 -3.99
C LYS C 86 -0.84 6.40 -4.89
N GLN C 87 -1.11 5.87 -6.08
CA GLN C 87 -0.03 5.53 -6.99
C GLN C 87 -0.22 6.16 -8.35
N VAL C 88 0.89 6.63 -8.92
CA VAL C 88 0.89 7.24 -10.24
C VAL C 88 1.80 6.38 -11.09
N TYR C 89 1.38 6.08 -12.32
CA TYR C 89 2.17 5.25 -13.22
C TYR C 89 2.71 6.07 -14.39
N VAL C 90 3.97 5.82 -14.75
CA VAL C 90 4.61 6.57 -15.82
C VAL C 90 5.29 5.70 -16.89
N THR C 91 4.97 5.96 -18.16
CA THR C 91 5.60 5.23 -19.25
C THR C 91 6.95 5.86 -19.60
N ASN C 92 8.02 5.07 -19.59
CA ASN C 92 9.34 5.57 -19.95
C ASN C 92 9.72 4.95 -21.29
N ALA C 94 12.07 5.65 -23.76
CA ALA C 94 13.47 5.37 -24.09
C ALA C 94 14.06 4.14 -23.38
N SER C 95 13.65 3.92 -22.13
CA SER C 95 14.17 2.80 -21.35
C SER C 95 13.23 1.60 -21.36
N SER C 96 12.04 1.78 -21.93
CA SER C 96 11.05 0.72 -22.00
C SER C 96 10.67 0.20 -20.62
N THR C 97 10.31 1.12 -19.73
CA THR C 97 9.93 0.72 -18.38
C THR C 97 8.78 1.58 -17.91
N LEU C 98 8.16 1.17 -16.81
CA LEU C 98 7.08 1.92 -16.22
C LEU C 98 7.46 2.25 -14.78
N SER C 99 7.39 3.53 -14.43
CA SER C 99 7.72 3.99 -13.10
C SER C 99 6.46 4.09 -12.29
N VAL C 100 6.52 3.65 -11.04
CA VAL C 100 5.37 3.74 -10.15
C VAL C 100 5.77 4.76 -9.11
N ILE C 101 4.88 5.73 -8.88
CA ILE C 101 5.15 6.77 -7.90
C ILE C 101 4.14 6.76 -6.76
N ASP C 102 4.68 6.71 -5.54
CA ASP C 102 3.86 6.74 -4.35
C ASP C 102 3.61 8.22 -4.07
N THR C 103 2.36 8.63 -4.23
CA THR C 103 1.97 10.01 -4.06
C THR C 103 1.92 10.50 -2.62
N THR C 104 1.91 9.57 -1.67
CA THR C 104 1.87 9.93 -0.25
C THR C 104 3.23 10.42 0.19
N SER C 105 4.27 9.96 -0.50
CA SER C 105 5.65 10.34 -0.21
C SER C 105 6.24 11.08 -1.41
N ASN C 106 5.54 11.02 -2.54
CA ASN C 106 6.00 11.64 -3.76
C ASN C 106 7.42 11.17 -4.11
N THR C 107 7.59 9.85 -4.11
CA THR C 107 8.87 9.21 -4.45
C THR C 107 8.58 7.94 -5.25
N VAL C 108 9.57 7.47 -6.00
CA VAL C 108 9.43 6.26 -6.80
C VAL C 108 9.26 5.05 -5.88
N ALA C 109 8.28 4.20 -6.18
CA ALA C 109 7.99 3.03 -5.37
C ALA C 109 8.10 1.72 -6.14
N GLY C 110 8.64 1.78 -7.34
CA GLY C 110 8.79 0.58 -8.15
C GLY C 110 8.98 0.88 -9.61
N THR C 111 9.56 -0.08 -10.33
CA THR C 111 9.81 0.07 -11.76
C THR C 111 9.46 -1.27 -12.40
N VAL C 112 8.65 -1.22 -13.46
CA VAL C 112 8.27 -2.45 -14.13
C VAL C 112 8.70 -2.41 -15.59
N LYS C 113 9.34 -3.49 -16.02
CA LYS C 113 9.80 -3.59 -17.40
C LYS C 113 8.61 -3.89 -18.31
N THR C 114 8.46 -3.07 -19.34
CA THR C 114 7.37 -3.23 -20.29
C THR C 114 7.94 -3.72 -21.60
N GLY C 115 7.11 -3.66 -22.65
CA GLY C 115 7.57 -4.04 -23.97
C GLY C 115 8.30 -2.85 -24.55
N LYS C 116 8.71 -2.95 -25.80
CA LYS C 116 9.46 -1.90 -26.47
C LYS C 116 8.73 -0.55 -26.66
N SER C 117 9.37 0.51 -26.16
CA SER C 117 8.86 1.88 -26.25
C SER C 117 7.44 2.11 -25.74
N PRO C 118 7.22 1.89 -24.44
CA PRO C 118 5.88 2.09 -23.87
C PRO C 118 5.48 3.56 -24.03
N LEU C 119 4.22 3.81 -24.36
CA LEU C 119 3.77 5.17 -24.58
C LEU C 119 2.42 5.45 -23.91
N GLY C 120 1.38 4.74 -24.35
CA GLY C 120 0.07 4.93 -23.76
C GLY C 120 -0.14 4.03 -22.55
N LEU C 121 -1.04 4.41 -21.66
CA LEU C 121 -1.32 3.58 -20.49
C LEU C 121 -2.71 3.91 -19.99
N ALA C 122 -3.41 2.88 -19.52
CA ALA C 122 -4.76 3.06 -19.01
C ALA C 122 -5.07 2.06 -17.90
N LEU C 123 -5.77 2.53 -16.86
CA LEU C 123 -6.12 1.68 -15.74
C LEU C 123 -7.51 1.09 -15.77
N SER C 124 -7.65 -0.12 -15.24
CA SER C 124 -8.97 -0.73 -15.15
C SER C 124 -9.72 0.06 -14.07
N PRO C 125 -11.05 0.06 -14.10
CA PRO C 125 -11.81 0.81 -13.09
C PRO C 125 -11.44 0.50 -11.63
N ASP C 126 -11.08 -0.76 -11.34
CA ASP C 126 -10.73 -1.12 -9.98
C ASP C 126 -9.27 -0.83 -9.65
N GLY C 127 -8.51 -0.40 -10.65
CA GLY C 127 -7.11 -0.07 -10.43
C GLY C 127 -6.15 -1.23 -10.31
N LYS C 128 -6.65 -2.46 -10.42
CA LYS C 128 -5.79 -3.63 -10.31
C LYS C 128 -5.04 -3.98 -11.57
N LYS C 129 -5.48 -3.46 -12.71
CA LYS C 129 -4.80 -3.74 -13.98
C LYS C 129 -4.45 -2.49 -14.77
N LEU C 130 -3.23 -2.45 -15.27
CA LEU C 130 -2.76 -1.34 -16.08
C LEU C 130 -2.46 -1.85 -17.49
N TYR C 131 -3.01 -1.17 -18.51
CA TYR C 131 -2.77 -1.56 -19.90
C TYR C 131 -1.82 -0.55 -20.55
N VAL C 132 -0.72 -1.04 -21.11
CA VAL C 132 0.28 -0.18 -21.72
C VAL C 132 0.59 -0.50 -23.17
N THR C 133 0.53 0.51 -24.04
CA THR C 133 0.85 0.28 -25.43
C THR C 133 2.37 0.29 -25.59
N ASN C 134 2.89 -0.76 -26.23
CA ASN C 134 4.33 -0.87 -26.48
C ASN C 134 4.46 -0.45 -27.96
N ASN C 135 4.51 0.86 -28.17
CA ASN C 135 4.60 1.43 -29.52
C ASN C 135 5.58 0.77 -30.48
N GLY C 136 6.67 0.24 -29.96
CA GLY C 136 7.66 -0.41 -30.81
C GLY C 136 7.59 -1.94 -30.83
N ASP C 137 6.55 -2.50 -30.22
CA ASP C 137 6.38 -3.96 -30.15
C ASP C 137 5.12 -4.49 -30.80
N LYS C 138 4.23 -3.60 -31.22
CA LYS C 138 2.95 -4.03 -31.80
C LYS C 138 2.14 -4.78 -30.73
N THR C 139 2.43 -4.49 -29.46
CA THR C 139 1.76 -5.16 -28.35
C THR C 139 1.32 -4.27 -27.19
N VAL C 140 0.46 -4.84 -26.34
CA VAL C 140 -0.03 -4.15 -25.16
C VAL C 140 0.36 -4.99 -23.94
N SER C 141 0.99 -4.37 -22.95
CA SER C 141 1.37 -5.10 -21.75
C SER C 141 0.27 -4.91 -20.70
N VAL C 142 -0.24 -6.02 -20.16
CA VAL C 142 -1.24 -5.97 -19.11
C VAL C 142 -0.49 -6.16 -17.81
N ILE C 143 -0.56 -5.16 -16.93
CA ILE C 143 0.17 -5.20 -15.68
C ILE C 143 -0.69 -5.26 -14.41
N ASN C 144 -0.33 -6.20 -13.53
CA ASN C 144 -1.01 -6.35 -12.24
C ASN C 144 -0.37 -5.28 -11.36
N THR C 145 -1.14 -4.27 -11.00
CA THR C 145 -0.62 -3.17 -10.20
C THR C 145 -0.30 -3.55 -8.78
N VAL C 146 -0.87 -4.65 -8.30
CA VAL C 146 -0.60 -5.08 -6.94
C VAL C 146 0.73 -5.81 -6.85
N THR C 147 0.98 -6.68 -7.82
CA THR C 147 2.23 -7.45 -7.84
C THR C 147 3.33 -6.75 -8.64
N LYS C 148 2.97 -5.66 -9.31
CA LYS C 148 3.92 -4.91 -10.13
C LYS C 148 4.62 -5.86 -11.11
N ALA C 149 3.82 -6.54 -11.91
CA ALA C 149 4.36 -7.50 -12.87
C ALA C 149 3.45 -7.64 -14.08
N VAL C 150 4.04 -7.96 -15.22
CA VAL C 150 3.28 -8.15 -16.45
C VAL C 150 2.71 -9.54 -16.39
N ILE C 151 1.39 -9.63 -16.47
CA ILE C 151 0.74 -10.94 -16.41
C ILE C 151 0.30 -11.38 -17.80
N ASN C 152 0.40 -10.48 -18.78
CA ASN C 152 -0.02 -10.83 -20.13
C ASN C 152 0.47 -9.84 -21.18
N THR C 153 0.59 -10.32 -22.41
CA THR C 153 1.03 -9.47 -23.51
C THR C 153 0.08 -9.69 -24.68
N VAL C 154 -0.65 -8.65 -25.04
CA VAL C 154 -1.63 -8.75 -26.12
C VAL C 154 -1.10 -8.24 -27.46
N SER C 155 -1.37 -8.99 -28.52
CA SER C 155 -0.95 -8.59 -29.86
C SER C 155 -1.96 -7.64 -30.49
N VAL C 156 -1.49 -6.48 -30.91
CA VAL C 156 -2.37 -5.51 -31.55
C VAL C 156 -1.76 -5.10 -32.89
N GLY C 157 -2.11 -3.90 -33.34
CA GLY C 157 -1.62 -3.42 -34.61
C GLY C 157 -0.25 -2.77 -34.49
N ARG C 158 0.20 -2.18 -35.59
CA ARG C 158 1.49 -1.52 -35.66
C ARG C 158 1.45 -0.13 -35.06
N SER C 159 2.45 0.17 -34.23
CA SER C 159 2.55 1.49 -33.62
C SER C 159 1.40 1.88 -32.71
N PRO C 160 1.08 1.03 -31.72
CA PRO C 160 -0.03 1.36 -30.81
C PRO C 160 0.37 2.59 -29.98
N LYS C 161 -0.57 3.54 -29.85
CA LYS C 161 -0.32 4.76 -29.09
C LYS C 161 -1.39 4.93 -28.03
N GLY C 162 -2.44 5.66 -28.38
CA GLY C 162 -3.53 5.91 -27.45
C GLY C 162 -4.23 4.62 -27.00
N ILE C 163 -4.67 4.61 -25.76
CA ILE C 163 -5.34 3.45 -25.19
C ILE C 163 -6.31 3.94 -24.10
N ALA C 164 -7.45 3.28 -23.98
CA ALA C 164 -8.42 3.69 -22.98
C ALA C 164 -9.35 2.55 -22.61
N VAL C 165 -9.78 2.54 -21.36
CA VAL C 165 -10.67 1.50 -20.89
C VAL C 165 -12.07 2.06 -20.69
N THR C 166 -13.07 1.26 -20.99
CA THR C 166 -14.44 1.68 -20.79
C THR C 166 -14.72 1.70 -19.28
N PRO C 167 -15.52 2.67 -18.81
CA PRO C 167 -15.82 2.74 -17.38
C PRO C 167 -16.43 1.46 -16.79
N ASP C 168 -17.07 0.64 -17.63
CA ASP C 168 -17.67 -0.60 -17.13
C ASP C 168 -16.64 -1.73 -17.03
N GLY C 169 -15.39 -1.41 -17.35
CA GLY C 169 -14.30 -2.39 -17.27
C GLY C 169 -14.31 -3.54 -18.27
N THR C 170 -15.21 -3.50 -19.25
CA THR C 170 -15.28 -4.58 -20.22
C THR C 170 -14.32 -4.48 -21.41
N LYS C 171 -14.04 -3.27 -21.87
CA LYS C 171 -13.16 -3.14 -23.03
C LYS C 171 -12.02 -2.14 -22.96
N VAL C 172 -10.97 -2.41 -23.72
CA VAL C 172 -9.81 -1.54 -23.82
C VAL C 172 -9.63 -1.20 -25.30
N TYR C 173 -9.65 0.09 -25.63
CA TYR C 173 -9.47 0.51 -27.01
C TYR C 173 -8.03 0.93 -27.23
N VAL C 174 -7.42 0.39 -28.28
CA VAL C 174 -6.04 0.68 -28.61
C VAL C 174 -5.94 1.26 -30.01
N ALA C 175 -5.21 2.37 -30.15
CA ALA C 175 -5.03 3.00 -31.45
C ALA C 175 -3.74 2.55 -32.12
N ASN C 176 -3.86 1.77 -33.19
CA ASN C 176 -2.68 1.30 -33.92
C ASN C 176 -2.36 2.31 -35.00
N PHE C 177 -1.50 3.27 -34.65
CA PHE C 177 -1.11 4.36 -35.55
C PHE C 177 -0.69 3.95 -36.96
N ASP C 178 0.11 2.90 -37.09
CA ASP C 178 0.56 2.48 -38.41
C ASP C 178 -0.32 1.43 -39.09
N SER C 179 -1.41 1.03 -38.44
CA SER C 179 -2.31 0.03 -39.03
C SER C 179 -3.68 0.58 -39.38
N SER C 181 -6.14 1.22 -37.68
CA SER C 181 -7.17 0.45 -37.03
C SER C 181 -7.16 0.65 -35.52
N ILE C 182 -8.22 0.18 -34.88
CA ILE C 182 -8.35 0.26 -33.44
C ILE C 182 -8.67 -1.13 -32.93
N SER C 183 -7.78 -1.69 -32.13
CA SER C 183 -7.99 -3.01 -31.58
C SER C 183 -8.92 -2.86 -30.38
N VAL C 184 -9.84 -3.80 -30.21
CA VAL C 184 -10.76 -3.78 -29.07
C VAL C 184 -10.46 -5.01 -28.21
N ILE C 185 -9.78 -4.79 -27.11
CA ILE C 185 -9.43 -5.87 -26.21
C ILE C 185 -10.52 -6.16 -25.18
N ASP C 186 -10.95 -7.42 -25.11
CA ASP C 186 -11.95 -7.83 -24.14
C ASP C 186 -11.13 -8.09 -22.88
N THR C 187 -11.47 -7.42 -21.79
CA THR C 187 -10.70 -7.59 -20.55
C THR C 187 -10.86 -8.95 -19.89
N VAL C 188 -11.92 -9.68 -20.22
CA VAL C 188 -12.12 -11.00 -19.62
C VAL C 188 -11.06 -11.99 -20.08
N THR C 189 -10.70 -11.92 -21.35
CA THR C 189 -9.72 -12.85 -21.90
C THR C 189 -8.43 -12.22 -22.39
N ASN C 190 -8.30 -10.91 -22.23
CA ASN C 190 -7.09 -10.22 -22.66
C ASN C 190 -6.73 -10.56 -24.09
N SER C 191 -7.73 -10.62 -24.96
CA SER C 191 -7.51 -10.90 -26.37
C SER C 191 -8.33 -9.94 -27.21
N VAL C 192 -7.86 -9.70 -28.44
CA VAL C 192 -8.53 -8.79 -29.35
C VAL C 192 -9.80 -9.44 -29.90
N ILE C 193 -10.95 -8.85 -29.61
CA ILE C 193 -12.22 -9.39 -30.06
C ILE C 193 -12.80 -8.63 -31.24
N ASP C 194 -12.19 -7.49 -31.56
CA ASP C 194 -12.67 -6.70 -32.68
C ASP C 194 -11.59 -5.73 -33.12
N THR C 195 -11.54 -5.44 -34.41
CA THR C 195 -10.57 -4.51 -34.97
C THR C 195 -11.34 -3.56 -35.87
N VAL C 196 -11.43 -2.29 -35.47
CA VAL C 196 -12.15 -1.30 -36.24
C VAL C 196 -11.22 -0.62 -37.25
N LYS C 197 -11.62 -0.63 -38.52
CA LYS C 197 -10.83 -0.03 -39.58
C LYS C 197 -11.20 1.44 -39.73
N VAL C 198 -10.21 2.33 -39.63
CA VAL C 198 -10.44 3.76 -39.75
C VAL C 198 -9.81 4.32 -41.03
N GLU C 199 -10.11 5.58 -41.34
CA GLU C 199 -9.60 6.20 -42.57
C GLU C 199 -8.21 6.83 -42.55
N ALA C 200 -7.69 7.11 -41.36
CA ALA C 200 -6.36 7.72 -41.24
C ALA C 200 -5.56 7.03 -40.14
N ALA C 201 -4.63 7.75 -39.55
CA ALA C 201 -3.78 7.21 -38.49
C ALA C 201 -4.29 7.59 -37.10
N PRO C 202 -4.93 6.64 -36.39
CA PRO C 202 -5.45 6.87 -35.04
C PRO C 202 -4.31 7.08 -34.04
N SER C 203 -4.40 8.14 -33.27
CA SER C 203 -3.37 8.47 -32.30
C SER C 203 -3.87 8.42 -30.85
N GLY C 204 -4.80 9.31 -30.52
CA GLY C 204 -5.34 9.35 -29.18
C GLY C 204 -6.76 8.85 -29.10
N ILE C 205 -7.16 8.41 -27.92
CA ILE C 205 -8.50 7.90 -27.68
C ILE C 205 -9.00 8.35 -26.32
N ALA C 206 -10.29 8.65 -26.24
CA ALA C 206 -10.89 9.07 -24.99
C ALA C 206 -12.34 8.60 -24.97
N VAL C 207 -12.71 7.95 -23.88
CA VAL C 207 -14.06 7.43 -23.69
C VAL C 207 -14.80 8.38 -22.75
N ASN C 208 -16.06 8.67 -23.06
CA ASN C 208 -16.84 9.58 -22.22
C ASN C 208 -17.18 8.89 -20.89
N PRO C 209 -17.47 9.68 -19.84
CA PRO C 209 -17.81 9.16 -18.52
C PRO C 209 -18.87 8.06 -18.47
N GLU C 210 -19.83 8.12 -19.40
CA GLU C 210 -20.89 7.11 -19.43
C GLU C 210 -20.46 5.81 -20.08
N GLY C 211 -19.44 5.88 -20.93
CA GLY C 211 -18.95 4.68 -21.59
C GLY C 211 -19.71 4.30 -22.85
N THR C 212 -20.52 5.22 -23.36
CA THR C 212 -21.30 4.97 -24.58
C THR C 212 -20.57 5.43 -25.84
N LYS C 213 -19.63 6.35 -25.68
CA LYS C 213 -18.89 6.87 -26.83
C LYS C 213 -17.38 6.96 -26.63
N ALA C 214 -16.66 6.79 -27.73
CA ALA C 214 -15.20 6.87 -27.71
C ALA C 214 -14.81 7.88 -28.80
N TYR C 215 -13.83 8.71 -28.50
CA TYR C 215 -13.35 9.70 -29.45
C TYR C 215 -11.90 9.43 -29.83
N VAL C 216 -11.63 9.44 -31.12
CA VAL C 216 -10.29 9.16 -31.60
C VAL C 216 -9.75 10.27 -32.51
N THR C 217 -8.49 10.62 -32.31
CA THR C 217 -7.86 11.63 -33.15
C THR C 217 -7.23 10.87 -34.31
N ASN C 218 -7.55 11.28 -35.53
CA ASN C 218 -7.04 10.62 -36.72
C ASN C 218 -6.19 11.61 -37.51
N VAL C 219 -4.91 11.25 -37.68
CA VAL C 219 -3.94 12.09 -38.35
C VAL C 219 -3.63 11.68 -39.78
N ASP C 220 -3.66 12.65 -40.68
CA ASP C 220 -3.35 12.43 -42.08
C ASP C 220 -2.82 13.74 -42.67
N LYS C 221 -2.13 13.65 -43.80
CA LYS C 221 -1.56 14.82 -44.43
C LYS C 221 -2.58 15.76 -45.07
N TYR C 222 -3.61 15.21 -45.69
CA TYR C 222 -4.60 16.04 -46.37
C TYR C 222 -5.87 16.31 -45.58
N PHE C 223 -6.14 15.44 -44.62
CA PHE C 223 -7.33 15.60 -43.80
C PHE C 223 -7.08 15.06 -42.40
N ASN C 224 -7.57 15.78 -41.39
CA ASN C 224 -7.41 15.34 -40.02
C ASN C 224 -8.78 15.40 -39.41
N THR C 225 -9.11 14.41 -38.59
CA THR C 225 -10.41 14.38 -37.96
C THR C 225 -10.40 13.78 -36.56
N VAL C 226 -11.51 14.01 -35.95
CA VAL C 226 -11.88 13.42 -34.68
C VAL C 226 -13.11 12.57 -34.88
N SER C 227 -12.86 11.28 -34.84
CA SER C 227 -13.90 10.30 -35.07
C SER C 227 -14.64 9.98 -33.78
N ILE C 229 -16.87 6.88 -31.95
CA ILE C 229 -17.27 5.49 -32.00
C ILE C 229 -18.31 5.13 -30.94
N ASP C 230 -19.29 4.33 -31.33
CA ASP C 230 -20.32 3.88 -30.40
C ASP C 230 -19.74 2.61 -29.76
N THR C 231 -19.50 2.66 -28.45
CA THR C 231 -18.93 1.54 -27.72
C THR C 231 -19.80 0.28 -27.73
N GLY C 232 -21.09 0.44 -27.97
CA GLY C 232 -21.95 -0.72 -28.00
C GLY C 232 -21.81 -1.51 -29.29
N THR C 233 -21.55 -0.80 -30.39
CA THR C 233 -21.42 -1.44 -31.69
C THR C 233 -20.02 -1.41 -32.29
N ASN C 234 -19.12 -0.67 -31.64
CA ASN C 234 -17.74 -0.52 -32.12
C ASN C 234 -17.79 0.03 -33.54
N LYS C 235 -18.54 1.14 -33.68
CA LYS C 235 -18.77 1.80 -34.95
C LYS C 235 -18.43 3.28 -34.88
N ILE C 236 -17.91 3.73 -36.01
CA ILE C 236 -17.68 5.14 -36.23
C ILE C 236 -18.98 5.82 -36.71
N THR C 237 -19.54 6.57 -35.84
CA THR C 237 -20.85 7.17 -36.12
C THR C 237 -20.73 8.65 -36.51
N ALA C 238 -19.52 9.18 -36.48
CA ALA C 238 -19.31 10.58 -36.84
C ALA C 238 -17.83 10.94 -37.01
N ARG C 239 -17.56 11.85 -37.93
CA ARG C 239 -16.20 12.30 -38.21
C ARG C 239 -16.21 13.82 -38.26
N ILE C 240 -15.43 14.44 -37.39
CA ILE C 240 -15.34 15.90 -37.28
C ILE C 240 -13.98 16.41 -37.75
N PRO C 241 -13.96 17.26 -38.79
CA PRO C 241 -12.72 17.82 -39.34
C PRO C 241 -12.03 18.75 -38.35
N VAL C 242 -10.74 18.53 -38.15
CA VAL C 242 -9.96 19.37 -37.25
C VAL C 242 -8.63 19.77 -37.87
N GLY C 243 -7.97 20.67 -37.17
CA GLY C 243 -6.67 21.21 -37.59
C GLY C 243 -5.62 20.10 -37.71
N PRO C 244 -4.47 20.40 -38.31
CA PRO C 244 -3.41 19.41 -38.49
C PRO C 244 -2.85 18.89 -37.19
N ASP C 245 -2.44 17.63 -37.29
CA ASP C 245 -1.77 16.83 -36.24
C ASP C 245 -2.52 16.79 -34.90
N PRO C 246 -3.80 16.37 -34.85
CA PRO C 246 -4.49 16.21 -33.58
C PRO C 246 -3.80 15.11 -32.79
N ALA C 247 -3.60 15.32 -31.50
CA ALA C 247 -2.88 14.32 -30.67
C ALA C 247 -3.70 13.89 -29.45
N GLY C 248 -3.48 14.58 -28.34
CA GLY C 248 -4.19 14.25 -27.11
C GLY C 248 -5.65 14.66 -27.17
N ILE C 249 -6.50 13.88 -26.52
CA ILE C 249 -7.92 14.15 -26.49
C ILE C 249 -8.52 13.76 -25.15
N ALA C 250 -9.57 14.48 -24.74
CA ALA C 250 -10.23 14.16 -23.48
C ALA C 250 -11.66 14.69 -23.47
N VAL C 251 -12.52 14.00 -22.74
CA VAL C 251 -13.90 14.41 -22.61
C VAL C 251 -14.11 15.02 -21.24
N THR C 252 -14.87 16.11 -21.20
CA THR C 252 -15.17 16.76 -19.93
C THR C 252 -16.03 15.80 -19.10
N PRO C 253 -15.97 15.91 -17.77
CA PRO C 253 -16.74 15.05 -16.86
C PRO C 253 -18.25 14.96 -17.16
N ASP C 254 -18.84 16.03 -17.68
CA ASP C 254 -20.26 16.05 -18.01
C ASP C 254 -20.57 15.46 -19.38
N GLY C 255 -19.51 15.12 -20.12
CA GLY C 255 -19.64 14.53 -21.44
C GLY C 255 -20.14 15.43 -22.54
N LYS C 256 -20.22 16.73 -22.27
CA LYS C 256 -20.72 17.70 -23.24
C LYS C 256 -19.64 18.34 -24.10
N LYS C 257 -18.37 18.17 -23.72
CA LYS C 257 -17.27 18.75 -24.49
C LYS C 257 -16.07 17.82 -24.63
N VAL C 258 -15.44 17.88 -25.80
CA VAL C 258 -14.25 17.11 -26.11
C VAL C 258 -13.14 18.09 -26.47
N TYR C 259 -11.99 17.93 -25.82
CA TYR C 259 -10.84 18.80 -26.06
C TYR C 259 -9.77 18.07 -26.85
N VAL C 260 -9.33 18.68 -27.96
CA VAL C 260 -8.32 18.08 -28.81
C VAL C 260 -7.12 19.02 -28.97
N ALA C 261 -5.95 18.54 -28.60
CA ALA C 261 -4.73 19.32 -28.73
C ALA C 261 -4.18 19.18 -30.15
N LEU C 262 -3.85 20.30 -30.77
CA LEU C 262 -3.30 20.29 -32.12
C LEU C 262 -1.86 20.82 -31.98
N SER C 263 -0.90 19.89 -31.92
CA SER C 263 0.49 20.28 -31.75
C SER C 263 1.06 21.18 -32.84
N PHE C 264 0.69 20.94 -34.09
CA PHE C 264 1.19 21.75 -35.19
C PHE C 264 0.69 23.21 -35.13
N ASN C 266 -0.40 24.85 -32.05
CA ASN C 266 -0.26 25.47 -30.73
C ASN C 266 -1.64 25.91 -30.24
N THR C 267 -2.62 25.04 -30.45
CA THR C 267 -3.98 25.33 -30.06
C THR C 267 -4.73 24.10 -29.56
N VAL C 268 -5.89 24.35 -28.98
CA VAL C 268 -6.76 23.31 -28.49
C VAL C 268 -8.14 23.61 -29.05
N SER C 269 -8.78 22.60 -29.63
CA SER C 269 -10.12 22.75 -30.18
C SER C 269 -11.16 22.08 -29.29
N VAL C 270 -12.26 22.79 -29.03
CA VAL C 270 -13.32 22.27 -28.20
C VAL C 270 -14.44 21.79 -29.13
N ILE C 271 -14.87 20.55 -28.91
CA ILE C 271 -15.94 19.98 -29.72
C ILE C 271 -17.20 19.78 -28.90
N ASP C 272 -18.32 20.24 -29.44
CA ASP C 272 -19.62 20.11 -28.79
C ASP C 272 -20.14 18.71 -29.11
N THR C 273 -20.19 17.85 -28.09
CA THR C 273 -20.64 16.47 -28.26
C THR C 273 -22.08 16.31 -28.74
N ALA C 274 -22.88 17.37 -28.59
CA ALA C 274 -24.27 17.32 -29.01
C ALA C 274 -24.43 17.51 -30.51
N THR C 275 -23.70 18.48 -31.04
CA THR C 275 -23.78 18.81 -32.45
C THR C 275 -22.60 18.28 -33.24
N ASN C 276 -21.62 17.73 -32.54
CA ASN C 276 -20.43 17.21 -33.19
C ASN C 276 -19.77 18.25 -34.09
N THR C 277 -19.63 19.45 -33.56
CA THR C 277 -19.00 20.55 -34.28
C THR C 277 -18.00 21.24 -33.37
N ILE C 278 -17.08 21.99 -33.95
CA ILE C 278 -16.09 22.71 -33.19
C ILE C 278 -16.75 24.02 -32.78
N THR C 279 -16.79 24.30 -31.48
CA THR C 279 -17.41 25.52 -31.01
C THR C 279 -16.37 26.56 -30.66
N ALA C 280 -15.12 26.13 -30.57
CA ALA C 280 -14.02 27.04 -30.26
C ALA C 280 -12.65 26.40 -30.44
N THR C 281 -11.65 27.24 -30.70
CA THR C 281 -10.27 26.84 -30.88
C THR C 281 -9.44 27.98 -30.33
N ALA C 283 -5.69 29.48 -28.38
CA ALA C 283 -4.24 29.34 -28.32
C ALA C 283 -3.81 28.90 -26.91
N VAL C 284 -2.89 27.98 -26.92
CA VAL C 284 -2.24 27.46 -25.71
C VAL C 284 -0.72 27.61 -25.80
N GLY C 285 -0.02 26.64 -25.30
CA GLY C 285 1.47 26.62 -25.34
C GLY C 285 1.95 26.23 -26.74
N LYS C 286 3.25 26.02 -26.83
CA LYS C 286 3.90 25.64 -28.09
C LYS C 286 4.06 24.11 -28.18
N ASN C 287 3.45 23.55 -29.21
CA ASN C 287 3.50 22.09 -29.51
C ASN C 287 2.80 21.25 -28.43
N PRO C 288 1.55 21.55 -28.08
CA PRO C 288 0.84 20.73 -27.10
C PRO C 288 0.53 19.32 -27.61
N TYR C 289 0.82 18.33 -26.82
CA TYR C 289 0.48 16.93 -27.18
C TYR C 289 -0.64 16.49 -26.24
N ALA C 290 -0.55 16.91 -25.01
CA ALA C 290 -1.50 16.81 -23.92
C ALA C 290 -2.27 15.49 -23.92
N SER C 291 -1.56 14.37 -23.85
CA SER C 291 -2.24 13.06 -23.85
C SER C 291 -2.66 12.69 -22.41
N GLY C 292 -3.73 11.92 -22.33
CA GLY C 292 -4.27 11.43 -21.03
C GLY C 292 -5.53 12.20 -20.63
N GLN C 293 -6.09 11.77 -19.50
CA GLN C 293 -7.29 12.39 -18.91
C GLN C 293 -6.84 13.63 -18.15
N PHE C 294 -6.71 14.71 -18.92
CA PHE C 294 -6.20 15.98 -18.39
C PHE C 294 -7.29 16.96 -17.98
N ILE C 295 -8.53 16.48 -17.92
CA ILE C 295 -9.64 17.33 -17.53
C ILE C 295 -10.29 16.77 -16.28
N GLY C 296 -10.73 17.66 -15.40
CA GLY C 296 -11.38 17.23 -14.19
C GLY C 296 -11.92 18.36 -13.34
N SER C 297 -12.80 18.00 -12.42
CA SER C 297 -13.39 18.95 -11.49
C SER C 297 -12.39 19.12 -10.35
N ILE C 298 -12.22 20.33 -9.83
CA ILE C 298 -11.27 20.50 -8.74
C ILE C 298 -11.95 20.97 -7.46
N PRO C 299 -11.45 20.43 -6.33
CA PRO C 299 -12.01 20.75 -5.03
C PRO C 299 -11.91 22.21 -4.72
N VAL C 300 -10.70 22.75 -4.87
CA VAL C 300 -10.43 24.14 -4.53
C VAL C 300 -9.91 24.91 -5.74
N GLN C 301 -10.63 25.96 -6.15
CA GLN C 301 -10.21 26.77 -7.29
C GLN C 301 -9.38 27.97 -6.87
N PRO C 302 -8.20 28.18 -7.48
CA PRO C 302 -7.39 29.33 -7.14
C PRO C 302 -8.17 30.58 -7.44
N VAL C 303 -7.85 31.65 -6.72
CA VAL C 303 -8.47 32.95 -6.94
C VAL C 303 -7.81 33.67 -8.11
N TYR C 304 -8.50 33.67 -9.23
CA TYR C 304 -7.97 34.29 -10.43
C TYR C 304 -8.36 35.76 -10.52
N PRO C 305 -7.56 36.57 -11.25
CA PRO C 305 -7.87 37.99 -11.39
C PRO C 305 -8.89 38.12 -12.50
N SER C 306 -9.80 39.08 -12.39
CA SER C 306 -10.81 39.26 -13.43
C SER C 306 -10.62 40.64 -14.04
N ALA C 307 -10.14 40.66 -15.28
CA ALA C 307 -9.87 41.89 -16.03
C ALA C 307 -11.14 42.60 -16.50
N ASP C 308 -11.22 43.89 -16.21
CA ASP C 308 -12.36 44.70 -16.59
C ASP C 308 -12.01 46.17 -16.39
N PHE C 309 -12.55 47.03 -17.25
CA PHE C 309 -12.28 48.45 -17.15
C PHE C 309 -13.27 49.26 -17.98
N LYS C 310 -13.25 50.57 -17.76
CA LYS C 310 -14.13 51.50 -18.46
C LYS C 310 -13.37 52.80 -18.76
N SER C 311 -13.80 53.49 -19.81
CA SER C 311 -13.18 54.75 -20.22
C SER C 311 -14.13 55.93 -20.12
N ASN C 312 -13.59 57.11 -20.42
CA ASN C 312 -14.38 58.34 -20.40
C ASN C 312 -15.10 58.51 -21.73
N ILE C 313 -14.80 57.62 -22.68
CA ILE C 313 -15.43 57.65 -23.99
C ILE C 313 -16.92 57.39 -23.80
N THR C 314 -17.75 58.31 -24.28
CA THR C 314 -19.20 58.20 -24.15
C THR C 314 -19.95 58.17 -25.48
N SER C 315 -19.25 58.48 -26.57
CA SER C 315 -19.88 58.52 -27.88
C SER C 315 -19.55 57.26 -28.71
N GLY C 316 -18.52 56.53 -28.29
CA GLY C 316 -18.09 55.35 -29.01
C GLY C 316 -16.81 55.71 -29.75
N TYR C 317 -16.53 57.00 -29.80
CA TYR C 317 -15.36 57.55 -30.45
C TYR C 317 -14.79 58.62 -29.52
N ILE C 318 -13.65 59.20 -29.91
CA ILE C 318 -13.03 60.24 -29.11
C ILE C 318 -12.14 61.08 -30.02
N PHE C 319 -12.14 62.39 -29.79
CA PHE C 319 -11.37 63.33 -30.58
C PHE C 319 -9.88 63.29 -30.29
N LEU C 320 -9.09 63.65 -31.29
CA LEU C 320 -7.64 63.68 -31.15
C LEU C 320 -7.27 64.65 -30.04
N SER C 321 -6.23 64.31 -29.29
CA SER C 321 -5.75 65.16 -28.20
C SER C 321 -6.80 65.37 -27.10
N GLU C 322 -7.73 64.44 -26.99
CA GLU C 322 -8.77 64.49 -25.96
C GLU C 322 -8.39 63.42 -24.94
N PRO C 323 -8.05 63.76 -23.71
CA PRO C 323 -7.59 62.78 -22.76
C PRO C 323 -8.58 61.67 -22.58
N VAL C 324 -8.03 60.46 -22.67
CA VAL C 324 -8.74 59.21 -22.42
C VAL C 324 -8.42 58.66 -21.03
N GLN C 325 -9.39 58.70 -20.15
CA GLN C 325 -9.19 58.24 -18.79
C GLN C 325 -9.71 56.82 -18.59
N PHE C 326 -8.78 55.90 -18.31
CA PHE C 326 -9.14 54.50 -18.08
C PHE C 326 -9.15 54.21 -16.58
N THR C 327 -10.27 53.68 -16.10
CA THR C 327 -10.42 53.35 -14.69
C THR C 327 -10.55 51.83 -14.49
N ASP C 328 -9.59 51.25 -13.79
CA ASP C 328 -9.58 49.81 -13.55
C ASP C 328 -10.69 49.32 -12.65
N LEU C 329 -11.44 48.34 -13.13
CA LEU C 329 -12.53 47.76 -12.37
C LEU C 329 -12.22 46.29 -12.16
N SER C 330 -10.95 45.94 -12.39
CA SER C 330 -10.49 44.57 -12.25
C SER C 330 -10.73 44.05 -10.85
N LYS C 331 -10.72 42.74 -10.72
CA LYS C 331 -10.99 42.07 -9.46
C LYS C 331 -9.82 41.18 -9.09
N ASP C 332 -9.38 41.26 -7.84
CA ASP C 332 -8.28 40.44 -7.33
C ASP C 332 -7.00 40.53 -8.15
N ALA C 333 -6.67 41.73 -8.63
CA ALA C 333 -5.47 41.95 -9.42
C ALA C 333 -4.40 42.60 -8.57
N THR C 334 -3.15 42.30 -8.87
CA THR C 334 -2.02 42.88 -8.15
C THR C 334 -1.02 43.42 -9.16
N GLU C 335 -1.29 43.16 -10.42
CA GLU C 335 -0.40 43.58 -11.50
C GLU C 335 -1.21 44.01 -12.72
N TRP C 336 -0.87 45.15 -13.28
CA TRP C 336 -1.57 45.67 -14.46
C TRP C 336 -0.63 45.92 -15.62
N LYS C 337 -1.12 45.71 -16.82
CA LYS C 337 -0.33 45.95 -18.02
C LYS C 337 -1.23 46.40 -19.15
N TRP C 338 -1.28 47.72 -19.35
CA TRP C 338 -2.09 48.31 -20.40
C TRP C 338 -1.37 48.37 -21.73
N ASP C 339 -2.11 48.06 -22.79
CA ASP C 339 -1.59 48.13 -24.16
C ASP C 339 -2.60 49.01 -24.88
N PHE C 340 -2.17 50.20 -25.28
CA PHE C 340 -3.06 51.14 -25.95
C PHE C 340 -3.27 50.89 -27.43
N GLY C 341 -2.61 49.89 -27.98
CA GLY C 341 -2.77 49.56 -29.39
C GLY C 341 -2.02 50.46 -30.36
N ASP C 342 -1.17 51.33 -29.82
CA ASP C 342 -0.40 52.24 -30.65
C ASP C 342 1.10 52.12 -30.37
N GLY C 343 1.51 50.98 -29.83
CA GLY C 343 2.92 50.77 -29.53
C GLY C 343 3.32 51.17 -28.12
N SER C 344 2.49 51.95 -27.46
CA SER C 344 2.78 52.38 -26.09
C SER C 344 2.03 51.50 -25.09
N SER C 345 2.40 51.61 -23.83
CA SER C 345 1.77 50.83 -22.77
C SER C 345 1.89 51.55 -21.44
N SER C 346 1.47 50.89 -20.36
CA SER C 346 1.51 51.47 -19.02
C SER C 346 1.35 50.39 -17.95
N LYS C 347 1.92 50.63 -16.77
CA LYS C 347 1.81 49.67 -15.68
C LYS C 347 1.03 50.25 -14.52
N LYS C 348 0.34 51.36 -14.78
CA LYS C 348 -0.45 52.01 -13.75
C LYS C 348 -1.85 51.40 -13.75
N GLN C 349 -2.52 51.44 -12.61
CA GLN C 349 -3.86 50.87 -12.49
C GLN C 349 -4.87 51.63 -13.34
N ASN C 350 -4.95 52.94 -13.12
CA ASN C 350 -5.89 53.79 -13.85
C ASN C 350 -5.11 54.81 -14.65
N PRO C 351 -4.57 54.41 -15.81
CA PRO C 351 -3.80 55.33 -16.65
C PRO C 351 -4.62 56.29 -17.50
N THR C 352 -3.92 57.24 -18.09
CA THR C 352 -4.51 58.24 -18.98
C THR C 352 -3.64 58.19 -20.23
N HIS C 353 -4.25 58.36 -21.39
CA HIS C 353 -3.48 58.31 -22.62
C HIS C 353 -3.99 59.30 -23.66
N THR C 354 -3.07 59.74 -24.51
CA THR C 354 -3.34 60.71 -25.57
C THR C 354 -2.78 60.14 -26.85
N TYR C 355 -3.63 59.91 -27.84
CA TYR C 355 -3.15 59.37 -29.10
C TYR C 355 -2.63 60.51 -29.97
N SER C 356 -1.61 60.22 -30.77
CA SER C 356 -1.00 61.22 -31.64
C SER C 356 -1.58 61.20 -33.05
N GLU C 357 -2.36 60.18 -33.37
CA GLU C 357 -2.95 60.10 -34.70
C GLU C 357 -4.37 59.58 -34.67
N THR C 358 -5.13 59.91 -35.70
CA THR C 358 -6.50 59.43 -35.78
C THR C 358 -6.42 57.95 -36.13
N GLY C 359 -7.46 57.20 -35.81
CA GLY C 359 -7.46 55.78 -36.12
C GLY C 359 -8.23 54.94 -35.12
N ILE C 360 -8.28 53.64 -35.39
CA ILE C 360 -8.98 52.70 -34.52
C ILE C 360 -7.95 51.83 -33.82
N TYR C 361 -7.87 51.96 -32.50
CA TYR C 361 -6.89 51.19 -31.73
C TYR C 361 -7.53 50.15 -30.82
N THR C 362 -6.81 49.05 -30.61
CA THR C 362 -7.30 47.98 -29.73
C THR C 362 -6.59 48.09 -28.38
N VAL C 363 -7.34 48.53 -27.37
CA VAL C 363 -6.80 48.67 -26.03
C VAL C 363 -6.98 47.38 -25.25
N ARG C 364 -5.88 46.88 -24.70
CA ARG C 364 -5.92 45.64 -23.92
C ARG C 364 -5.38 45.80 -22.51
N LEU C 365 -6.19 45.39 -21.54
CA LEU C 365 -5.80 45.43 -20.13
C LEU C 365 -5.55 44.00 -19.65
N THR C 366 -4.32 43.71 -19.29
CA THR C 366 -3.96 42.39 -18.81
C THR C 366 -3.58 42.47 -17.33
N VAL C 367 -4.41 41.88 -16.49
CA VAL C 367 -4.19 41.88 -15.05
C VAL C 367 -3.57 40.55 -14.61
N SER C 368 -3.07 40.52 -13.38
CA SER C 368 -2.44 39.33 -12.85
C SER C 368 -2.38 39.28 -11.33
N ASN C 369 -2.19 38.07 -10.82
CA ASN C 369 -2.03 37.83 -9.41
C ASN C 369 -1.24 36.53 -9.34
N SER C 370 -0.79 36.17 -8.15
CA SER C 370 0.01 34.97 -7.93
C SER C 370 -0.56 33.66 -8.48
N ASN C 371 -1.81 33.69 -8.93
CA ASN C 371 -2.45 32.48 -9.44
C ASN C 371 -2.64 32.41 -10.96
N GLY C 372 -2.87 33.54 -11.60
CA GLY C 372 -3.09 33.53 -13.03
C GLY C 372 -3.14 34.89 -13.70
N THR C 373 -3.70 34.88 -14.91
CA THR C 373 -3.80 36.08 -15.72
C THR C 373 -5.15 36.23 -16.42
N ASP C 374 -5.54 37.47 -16.69
CA ASP C 374 -6.79 37.73 -17.40
C ASP C 374 -6.63 38.98 -18.26
N SER C 375 -7.38 39.04 -19.34
CA SER C 375 -7.28 40.18 -20.23
C SER C 375 -8.66 40.70 -20.62
N GLN C 376 -8.70 41.97 -21.02
CA GLN C 376 -9.94 42.63 -21.44
C GLN C 376 -9.63 43.56 -22.61
N ILE C 377 -10.41 43.42 -23.68
CA ILE C 377 -10.22 44.22 -24.89
C ILE C 377 -11.24 45.33 -25.07
N SER C 378 -10.83 46.38 -25.76
CA SER C 378 -11.68 47.52 -26.03
C SER C 378 -11.19 48.25 -27.29
N THR C 379 -12.12 48.73 -28.10
CA THR C 379 -11.77 49.44 -29.32
C THR C 379 -11.99 50.95 -29.17
N VAL C 380 -10.95 51.73 -29.47
CA VAL C 380 -11.03 53.17 -29.36
C VAL C 380 -10.93 53.88 -30.71
N ASN C 381 -11.98 54.60 -31.07
CA ASN C 381 -12.04 55.34 -32.33
C ASN C 381 -11.62 56.78 -32.12
N VAL C 382 -10.43 57.12 -32.60
CA VAL C 382 -9.96 58.49 -32.48
C VAL C 382 -10.19 59.19 -33.81
N VAL C 383 -10.94 60.27 -33.77
CA VAL C 383 -11.25 61.03 -34.97
C VAL C 383 -11.13 62.52 -34.72
N LEU C 384 -11.02 63.28 -35.81
CA LEU C 384 -10.93 64.73 -35.71
C LEU C 384 -12.32 65.31 -35.53
N LYS C 385 -12.41 66.46 -34.88
CA LYS C 385 -13.70 67.09 -34.67
C LYS C 385 -14.26 67.36 -36.07
N GLY C 386 -15.50 67.00 -36.32
CA GLY C 386 -16.09 67.23 -37.63
C GLY C 386 -15.95 66.06 -38.61
N SER C 387 -15.17 65.05 -38.23
CA SER C 387 -14.98 63.89 -39.09
C SER C 387 -16.13 62.89 -38.91
N PRO C 388 -16.29 61.96 -39.85
CA PRO C 388 -17.35 60.94 -39.79
C PRO C 388 -17.28 60.11 -38.51
N THR C 389 -18.45 59.82 -37.94
CA THR C 389 -18.53 59.03 -36.72
C THR C 389 -18.78 57.55 -37.01
N PRO C 390 -18.42 56.68 -36.06
CA PRO C 390 -18.61 55.24 -36.21
C PRO C 390 -20.10 54.88 -36.22
N SER C 391 -20.41 53.60 -36.46
CA SER C 391 -21.80 53.16 -36.49
C SER C 391 -22.24 52.65 -35.13
N SER D 1 -18.56 45.95 34.45
CA SER D 1 -17.61 46.46 33.42
C SER D 1 -16.85 45.31 32.77
N THR D 2 -17.00 45.21 31.45
CA THR D 2 -16.36 44.18 30.63
C THR D 2 -15.32 44.83 29.74
N PHE D 3 -14.12 44.26 29.75
CA PHE D 3 -13.01 44.76 28.98
C PHE D 3 -12.26 43.70 28.20
N ALA D 4 -11.64 44.16 27.10
CA ALA D 4 -10.84 43.33 26.21
C ALA D 4 -9.39 43.78 26.32
N TYR D 5 -8.48 42.82 26.26
CA TYR D 5 -7.07 43.15 26.35
C TYR D 5 -6.40 42.63 25.09
N ILE D 6 -5.85 43.55 24.31
CA ILE D 6 -5.21 43.21 23.04
C ILE D 6 -3.69 43.35 23.08
N ALA D 7 -2.99 42.24 22.79
CA ALA D 7 -1.53 42.26 22.77
C ALA D 7 -1.02 42.80 21.43
N ASN D 8 -0.23 43.86 21.49
CA ASN D 8 0.34 44.45 20.29
C ASN D 8 1.80 44.04 20.25
N SER D 9 2.10 42.97 19.51
CA SER D 9 3.45 42.43 19.41
C SER D 9 4.59 43.40 19.09
N GLU D 10 4.40 44.29 18.12
CA GLU D 10 5.45 45.23 17.74
C GLU D 10 5.63 46.38 18.73
N SER D 11 4.56 46.82 19.36
CA SER D 11 4.67 47.92 20.31
C SER D 11 4.85 47.51 21.77
N ASP D 12 5.07 46.21 22.01
CA ASP D 12 5.28 45.69 23.37
C ASP D 12 4.29 46.29 24.38
N ASN D 13 3.01 46.23 24.08
CA ASN D 13 2.04 46.76 25.01
C ASN D 13 0.67 46.16 24.81
N ILE D 14 -0.23 46.48 25.74
CA ILE D 14 -1.58 45.96 25.72
C ILE D 14 -2.58 47.07 25.61
N SER D 15 -3.53 46.93 24.69
CA SER D 15 -4.58 47.93 24.53
C SER D 15 -5.79 47.42 25.32
N VAL D 16 -6.26 48.23 26.25
CA VAL D 16 -7.41 47.88 27.08
C VAL D 16 -8.62 48.51 26.41
N ILE D 17 -9.58 47.68 26.02
CA ILE D 17 -10.78 48.17 25.36
C ILE D 17 -12.05 47.96 26.16
N ASP D 18 -12.77 49.04 26.37
CA ASP D 18 -14.05 49.00 27.07
C ASP D 18 -15.04 48.49 26.01
N VAL D 19 -15.45 47.22 26.11
CA VAL D 19 -16.34 46.63 25.11
C VAL D 19 -17.67 47.37 24.92
N THR D 20 -18.15 48.01 25.98
CA THR D 20 -19.40 48.75 25.89
C THR D 20 -19.31 49.90 24.89
N SER D 21 -18.35 50.79 25.08
CA SER D 21 -18.19 51.93 24.18
C SER D 21 -17.22 51.70 23.01
N ASN D 22 -16.58 50.54 22.99
CA ASN D 22 -15.60 50.20 21.94
C ASN D 22 -14.45 51.21 21.91
N LYS D 23 -14.03 51.68 23.08
CA LYS D 23 -12.94 52.63 23.16
C LYS D 23 -11.71 52.07 23.89
N VAL D 24 -10.53 52.45 23.44
CA VAL D 24 -9.29 52.05 24.09
C VAL D 24 -9.17 52.97 25.30
N THR D 25 -9.23 52.40 26.51
CA THR D 25 -9.15 53.21 27.74
C THR D 25 -7.75 53.28 28.36
N ALA D 26 -6.86 52.39 27.94
CA ALA D 26 -5.50 52.37 28.47
C ALA D 26 -4.55 51.53 27.62
N THR D 27 -3.26 51.85 27.72
CA THR D 27 -2.23 51.12 26.98
C THR D 27 -1.17 50.70 27.97
N ILE D 28 -1.01 49.36 28.16
CA ILE D 28 -0.15 48.85 29.21
C ILE D 28 1.10 48.18 28.60
N PRO D 29 2.30 48.77 28.90
CA PRO D 29 3.57 48.18 28.51
C PRO D 29 3.79 46.84 29.21
N VAL D 30 4.21 45.86 28.42
CA VAL D 30 4.55 44.52 28.85
C VAL D 30 5.95 44.11 28.43
N GLY D 31 6.16 42.86 28.10
CA GLY D 31 7.48 42.42 27.67
C GLY D 31 7.69 42.63 26.18
N SER D 32 8.60 41.86 25.59
CA SER D 32 8.93 41.95 24.17
C SER D 32 8.11 41.00 23.30
N ASN D 33 7.43 41.56 22.31
CA ASN D 33 6.61 40.78 21.39
C ASN D 33 5.51 39.96 22.03
N PRO D 34 4.60 40.60 22.77
CA PRO D 34 3.51 39.85 23.41
C PRO D 34 2.64 39.29 22.29
N GLY D 36 -0.11 36.87 22.97
CA GLY D 36 -1.45 36.52 23.41
C GLY D 36 -1.71 36.95 24.84
N ALA D 37 -2.97 37.13 25.17
CA ALA D 37 -3.38 37.53 26.49
C ALA D 37 -4.63 36.78 26.86
N VAL D 38 -4.81 36.54 28.16
CA VAL D 38 -6.00 35.84 28.62
C VAL D 38 -6.42 36.41 29.98
N ILE D 39 -7.72 36.56 30.19
CA ILE D 39 -8.19 37.07 31.46
C ILE D 39 -8.67 35.90 32.30
N SER D 40 -8.38 35.96 33.60
CA SER D 40 -8.77 34.91 34.54
C SER D 40 -10.29 34.80 34.60
N PRO D 41 -10.80 33.64 35.03
CA PRO D 41 -12.25 33.49 35.12
C PRO D 41 -12.89 34.57 35.99
N ASP D 42 -12.24 34.95 37.08
CA ASP D 42 -12.83 35.97 37.96
C ASP D 42 -12.54 37.41 37.52
N GLY D 43 -11.84 37.56 36.41
CA GLY D 43 -11.54 38.89 35.91
C GLY D 43 -10.57 39.74 36.69
N THR D 44 -9.87 39.17 37.67
CA THR D 44 -8.93 39.94 38.47
C THR D 44 -7.56 40.09 37.81
N LYS D 45 -7.18 39.11 37.01
CA LYS D 45 -5.89 39.13 36.36
C LYS D 45 -5.91 38.83 34.85
N VAL D 46 -4.91 39.36 34.16
CA VAL D 46 -4.73 39.16 32.72
C VAL D 46 -3.28 38.69 32.54
N TYR D 47 -3.09 37.64 31.76
CA TYR D 47 -1.75 37.12 31.52
C TYR D 47 -1.31 37.35 30.07
N VAL D 48 -0.06 37.76 29.90
CA VAL D 48 0.47 38.05 28.56
C VAL D 48 1.73 37.26 28.22
N ALA D 49 1.67 36.56 27.08
CA ALA D 49 2.79 35.79 26.60
C ALA D 49 3.71 36.72 25.79
N ASN D 50 4.88 37.01 26.35
CA ASN D 50 5.88 37.85 25.67
C ASN D 50 6.82 36.92 24.93
N ALA D 51 6.60 36.76 23.64
CA ALA D 51 7.40 35.84 22.83
C ALA D 51 8.91 36.10 22.75
N HIS D 52 9.35 37.33 22.76
CA HIS D 52 10.81 37.58 22.57
C HIS D 52 11.58 37.75 23.88
N SER D 53 10.89 37.89 24.98
CA SER D 53 11.57 38.03 26.28
C SER D 53 11.27 36.78 27.13
N ASN D 54 10.90 35.70 26.44
CA ASN D 54 10.57 34.41 27.06
C ASN D 54 9.95 34.49 28.46
N ASP D 55 8.89 35.27 28.59
CA ASP D 55 8.22 35.41 29.88
C ASP D 55 6.76 35.81 29.77
N VAL D 56 6.10 35.88 30.92
CA VAL D 56 4.69 36.23 30.98
C VAL D 56 4.46 37.42 31.92
N SER D 57 3.76 38.43 31.44
CA SER D 57 3.45 39.60 32.26
C SER D 57 2.11 39.35 32.95
N ILE D 58 2.01 39.76 34.20
CA ILE D 58 0.79 39.59 34.96
C ILE D 58 0.25 40.97 35.26
N ILE D 59 -0.97 41.23 34.79
CA ILE D 59 -1.61 42.51 34.97
C ILE D 59 -2.78 42.43 35.95
N ASP D 60 -2.89 43.44 36.79
CA ASP D 60 -3.96 43.56 37.77
C ASP D 60 -5.02 44.40 37.06
N THR D 61 -6.16 43.79 36.72
CA THR D 61 -7.21 44.50 36.00
C THR D 61 -7.82 45.68 36.75
N ALA D 62 -7.57 45.77 38.05
CA ALA D 62 -8.12 46.87 38.85
C ALA D 62 -7.26 48.13 38.76
N THR D 63 -5.98 47.96 38.44
CA THR D 63 -5.07 49.10 38.37
C THR D 63 -4.33 49.22 37.05
N ASN D 64 -4.53 48.26 36.15
CA ASN D 64 -3.83 48.22 34.88
C ASN D 64 -2.31 48.23 35.11
N ASN D 65 -1.89 47.68 36.24
CA ASN D 65 -0.48 47.62 36.59
C ASN D 65 0.07 46.20 36.42
N VAL D 66 1.26 46.14 35.86
CA VAL D 66 1.98 44.87 35.79
C VAL D 66 2.65 44.54 37.12
N ILE D 67 2.08 43.60 37.81
CA ILE D 67 2.51 43.32 39.18
C ILE D 67 3.59 42.24 39.23
N ALA D 68 3.84 41.58 38.10
CA ALA D 68 4.84 40.54 38.07
C ALA D 68 5.12 40.08 36.64
N THR D 69 6.32 39.56 36.43
CA THR D 69 6.75 39.06 35.12
C THR D 69 7.42 37.71 35.39
N VAL D 70 6.75 36.63 34.99
CA VAL D 70 7.26 35.27 35.21
C VAL D 70 7.99 34.66 34.01
N PRO D 71 9.20 34.12 34.26
CA PRO D 71 9.96 33.50 33.17
C PRO D 71 9.26 32.23 32.74
N ALA D 72 9.11 32.03 31.43
CA ALA D 72 8.45 30.84 30.93
C ALA D 72 9.43 29.98 30.14
N GLY D 73 9.05 29.58 28.94
CA GLY D 73 9.93 28.78 28.12
C GLY D 73 10.46 29.61 26.98
N SER D 74 10.84 28.96 25.90
CA SER D 74 11.37 29.68 24.75
C SER D 74 10.28 30.02 23.75
N SER D 75 10.03 31.32 23.59
CA SER D 75 9.03 31.86 22.67
C SER D 75 7.58 31.54 23.07
N PRO D 76 7.15 32.03 24.25
CA PRO D 76 5.79 31.78 24.71
C PRO D 76 4.78 32.43 23.75
N GLN D 77 3.75 31.68 23.38
CA GLN D 77 2.74 32.16 22.42
C GLN D 77 1.33 32.36 22.96
N GLY D 78 0.81 31.35 23.66
CA GLY D 78 -0.53 31.47 24.19
C GLY D 78 -0.62 31.14 25.66
N VAL D 79 -1.68 31.64 26.29
CA VAL D 79 -1.92 31.40 27.71
C VAL D 79 -3.39 31.07 27.94
N ALA D 80 -3.64 30.23 28.95
CA ALA D 80 -4.99 29.83 29.31
C ALA D 80 -4.98 29.71 30.82
N VAL D 81 -6.10 30.01 31.45
CA VAL D 81 -6.20 29.97 32.91
C VAL D 81 -7.12 28.86 33.39
N SER D 82 -6.72 28.16 34.44
CA SER D 82 -7.54 27.10 35.03
C SER D 82 -8.86 27.67 35.56
N PRO D 83 -9.88 26.81 35.70
CA PRO D 83 -11.18 27.24 36.21
C PRO D 83 -11.13 27.99 37.53
N ASP D 84 -10.21 27.60 38.41
CA ASP D 84 -10.09 28.23 39.73
C ASP D 84 -9.07 29.33 39.80
N GLY D 85 -8.42 29.60 38.68
CA GLY D 85 -7.43 30.66 38.63
C GLY D 85 -6.12 30.35 39.33
N LYS D 86 -5.94 29.12 39.80
CA LYS D 86 -4.71 28.75 40.51
C LYS D 86 -3.54 28.46 39.57
N GLN D 87 -3.83 27.95 38.37
CA GLN D 87 -2.75 27.65 37.43
C GLN D 87 -2.94 28.26 36.05
N VAL D 88 -1.85 28.79 35.51
CA VAL D 88 -1.83 29.38 34.19
C VAL D 88 -0.91 28.51 33.32
N TYR D 89 -1.35 28.21 32.10
CA TYR D 89 -0.58 27.37 31.18
C TYR D 89 -0.04 28.19 30.03
N VAL D 90 1.22 27.92 29.64
CA VAL D 90 1.87 28.66 28.57
C VAL D 90 2.55 27.81 27.47
N THR D 91 2.22 28.08 26.22
CA THR D 91 2.84 27.36 25.11
C THR D 91 4.18 28.01 24.73
N ASN D 92 5.24 27.21 24.75
CA ASN D 92 6.57 27.71 24.39
C ASN D 92 6.92 27.08 23.07
N ALA D 94 9.24 27.67 20.56
CA ALA D 94 10.61 27.36 20.19
C ALA D 94 11.19 26.13 20.89
N SER D 95 10.87 25.97 22.17
CA SER D 95 11.39 24.84 22.94
C SER D 95 10.44 23.66 22.96
N SER D 96 9.26 23.83 22.37
CA SER D 96 8.27 22.75 22.34
C SER D 96 7.91 22.26 23.74
N THR D 97 7.62 23.20 24.64
CA THR D 97 7.23 22.83 25.99
C THR D 97 6.08 23.69 26.46
N LEU D 98 5.48 23.29 27.58
CA LEU D 98 4.39 24.03 28.17
C LEU D 98 4.78 24.40 29.60
N SER D 99 4.67 25.68 29.94
CA SER D 99 5.01 26.12 31.27
C SER D 99 3.73 26.20 32.09
N VAL D 100 3.79 25.73 33.33
CA VAL D 100 2.65 25.80 34.22
C VAL D 100 3.02 26.83 35.27
N ILE D 101 2.17 27.82 35.46
CA ILE D 101 2.44 28.86 36.44
C ILE D 101 1.44 28.85 37.59
N ASP D 102 1.98 28.81 38.80
CA ASP D 102 1.18 28.83 40.01
C ASP D 102 0.92 30.31 40.27
N THR D 103 -0.33 30.72 40.14
CA THR D 103 -0.71 32.12 40.32
C THR D 103 -0.78 32.60 41.77
N THR D 104 -0.67 31.68 42.72
CA THR D 104 -0.70 32.05 44.13
C THR D 104 0.68 32.57 44.52
N SER D 105 1.71 32.03 43.88
CA SER D 105 3.08 32.45 44.14
C SER D 105 3.64 33.19 42.95
N ASN D 106 2.92 33.12 41.84
CA ASN D 106 3.37 33.74 40.59
C ASN D 106 4.76 33.25 40.22
N THR D 107 4.94 31.94 40.25
CA THR D 107 6.21 31.30 39.90
C THR D 107 5.90 30.02 39.11
N VAL D 108 6.89 29.53 38.38
CA VAL D 108 6.73 28.31 37.59
C VAL D 108 6.57 27.10 38.50
N ALA D 109 5.61 26.24 38.18
CA ALA D 109 5.35 25.07 39.01
C ALA D 109 5.49 23.75 38.25
N GLY D 110 5.92 23.84 37.00
CA GLY D 110 6.08 22.65 36.19
C GLY D 110 6.27 22.95 34.72
N THR D 111 6.87 22.00 34.01
CA THR D 111 7.13 22.14 32.59
C THR D 111 6.82 20.82 31.92
N VAL D 112 5.94 20.86 30.92
CA VAL D 112 5.58 19.65 30.22
C VAL D 112 5.98 19.69 28.76
N LYS D 113 6.65 18.62 28.33
CA LYS D 113 7.09 18.50 26.96
C LYS D 113 5.90 18.21 26.06
N THR D 114 5.73 19.03 25.04
CA THR D 114 4.62 18.86 24.10
C THR D 114 5.17 18.39 22.77
N GLY D 115 4.30 18.40 21.76
CA GLY D 115 4.72 18.02 20.42
C GLY D 115 5.45 19.21 19.83
N LYS D 116 5.85 19.09 18.57
CA LYS D 116 6.59 20.15 17.88
C LYS D 116 5.87 21.50 17.73
N SER D 117 6.53 22.56 18.20
CA SER D 117 6.05 23.94 18.11
C SER D 117 4.63 24.10 18.65
N PRO D 118 4.41 24.00 19.98
CA PRO D 118 3.09 24.23 20.55
C PRO D 118 2.72 25.66 20.30
N LEU D 119 1.43 25.91 20.08
CA LEU D 119 0.97 27.27 19.78
C LEU D 119 -0.35 27.55 20.50
N GLY D 120 -1.41 26.89 20.06
CA GLY D 120 -2.71 27.11 20.68
C GLY D 120 -2.91 26.17 21.86
N LEU D 121 -3.80 26.54 22.77
CA LEU D 121 -4.08 25.70 23.93
C LEU D 121 -5.47 26.02 24.46
N ALA D 122 -6.19 25.00 24.91
CA ALA D 122 -7.54 25.18 25.45
C ALA D 122 -7.82 24.19 26.59
N LEU D 123 -8.52 24.66 27.62
CA LEU D 123 -8.84 23.83 28.78
C LEU D 123 -10.26 23.26 28.78
N SER D 124 -10.42 22.05 29.29
CA SER D 124 -11.75 21.44 29.40
C SER D 124 -12.48 22.23 30.50
N PRO D 125 -13.82 22.26 30.48
CA PRO D 125 -14.54 23.00 31.51
C PRO D 125 -14.21 22.65 32.98
N ASP D 126 -13.77 21.41 33.24
CA ASP D 126 -13.44 21.03 34.61
C ASP D 126 -11.99 21.32 34.95
N GLY D 127 -11.20 21.64 33.92
CA GLY D 127 -9.80 21.98 34.13
C GLY D 127 -8.86 20.80 34.24
N LYS D 128 -9.37 19.58 34.11
CA LYS D 128 -8.52 18.39 34.22
C LYS D 128 -7.74 18.14 32.94
N LYS D 129 -8.24 18.64 31.81
CA LYS D 129 -7.55 18.41 30.54
C LYS D 129 -7.20 19.67 29.74
N LEU D 130 -5.97 19.68 29.21
CA LEU D 130 -5.48 20.79 28.41
C LEU D 130 -5.21 20.27 27.01
N TYR D 131 -5.75 20.95 26.00
CA TYR D 131 -5.54 20.56 24.62
C TYR D 131 -4.59 21.55 23.96
N VAL D 132 -3.51 21.04 23.37
CA VAL D 132 -2.53 21.92 22.76
C VAL D 132 -2.27 21.60 21.30
N THR D 133 -2.31 22.61 20.45
CA THR D 133 -2.02 22.38 19.04
C THR D 133 -0.50 22.37 18.86
N ASN D 134 -0.02 21.33 18.19
CA ASN D 134 1.40 21.19 17.91
C ASN D 134 1.53 21.61 16.44
N ASN D 135 1.58 22.93 16.22
CA ASN D 135 1.67 23.51 14.89
C ASN D 135 2.66 22.87 13.93
N GLY D 136 3.74 22.29 14.45
CA GLY D 136 4.71 21.66 13.58
C GLY D 136 4.66 20.14 13.56
N ASP D 137 3.62 19.56 14.18
CA ASP D 137 3.44 18.11 14.25
C ASP D 137 2.17 17.58 13.61
N LYS D 138 1.28 18.47 13.18
CA LYS D 138 0.01 18.04 12.65
C LYS D 138 -0.80 17.28 13.69
N THR D 139 -0.52 17.58 14.97
CA THR D 139 -1.21 16.90 16.07
C THR D 139 -1.62 17.80 17.23
N VAL D 140 -2.44 17.24 18.11
CA VAL D 140 -2.91 17.94 19.30
C VAL D 140 -2.50 17.09 20.51
N SER D 141 -1.85 17.70 21.48
CA SER D 141 -1.48 16.97 22.68
C SER D 141 -2.56 17.17 23.73
N VAL D 142 -3.04 16.06 24.31
CA VAL D 142 -4.02 16.12 25.38
C VAL D 142 -3.23 15.93 26.66
N ILE D 143 -3.27 16.94 27.53
CA ILE D 143 -2.51 16.90 28.78
C ILE D 143 -3.37 16.88 30.04
N ASN D 144 -3.05 15.95 30.93
CA ASN D 144 -3.72 15.80 32.24
C ASN D 144 -3.06 16.85 33.10
N THR D 145 -3.81 17.89 33.46
CA THR D 145 -3.27 18.99 34.25
C THR D 145 -2.89 18.60 35.67
N VAL D 146 -3.47 17.51 36.15
CA VAL D 146 -3.18 17.08 37.52
C VAL D 146 -1.86 16.33 37.58
N THR D 147 -1.61 15.45 36.61
CA THR D 147 -0.37 14.69 36.60
C THR D 147 0.71 15.39 35.77
N LYS D 148 0.34 16.47 35.10
CA LYS D 148 1.27 17.24 34.26
C LYS D 148 1.94 16.33 33.23
N ALA D 149 1.14 15.55 32.52
CA ALA D 149 1.68 14.65 31.52
C ALA D 149 0.74 14.50 30.34
N VAL D 150 1.33 14.10 29.21
CA VAL D 150 0.56 13.90 27.99
C VAL D 150 -0.07 12.52 28.06
N ILE D 151 -1.39 12.45 28.05
CA ILE D 151 -2.08 11.18 28.11
C ILE D 151 -2.58 10.73 26.75
N ASN D 152 -2.49 11.61 25.74
CA ASN D 152 -2.95 11.25 24.41
C ASN D 152 -2.54 12.25 23.33
N THR D 153 -2.30 11.75 22.12
CA THR D 153 -1.91 12.60 21.00
C THR D 153 -2.88 12.37 19.85
N VAL D 154 -3.60 13.42 19.47
CA VAL D 154 -4.59 13.33 18.40
C VAL D 154 -4.09 13.85 17.06
N SER D 155 -4.34 13.09 16.00
CA SER D 155 -3.93 13.50 14.68
C SER D 155 -4.94 14.44 14.05
N VAL D 156 -4.47 15.61 13.60
CA VAL D 156 -5.35 16.57 12.97
C VAL D 156 -4.75 16.99 11.64
N GLY D 157 -5.13 18.18 11.17
CA GLY D 157 -4.62 18.65 9.89
C GLY D 157 -3.27 19.30 10.00
N ARG D 158 -2.81 19.86 8.88
CA ARG D 158 -1.51 20.53 8.79
C ARG D 158 -1.53 21.92 9.39
N SER D 159 -0.50 22.22 10.17
CA SER D 159 -0.34 23.51 10.81
C SER D 159 -1.50 23.95 11.72
N PRO D 160 -1.86 23.12 12.71
CA PRO D 160 -2.95 23.47 13.62
C PRO D 160 -2.57 24.67 14.49
N LYS D 161 -3.46 25.65 14.56
CA LYS D 161 -3.20 26.85 15.35
C LYS D 161 -4.25 27.02 16.44
N GLY D 162 -5.33 27.72 16.11
CA GLY D 162 -6.39 27.97 17.06
C GLY D 162 -7.06 26.69 17.50
N ILE D 163 -7.54 26.69 18.74
CA ILE D 163 -8.20 25.53 19.32
C ILE D 163 -9.13 26.02 20.42
N ALA D 164 -10.28 25.37 20.55
CA ALA D 164 -11.25 25.79 21.55
C ALA D 164 -12.18 24.65 21.96
N VAL D 165 -12.61 24.68 23.21
CA VAL D 165 -13.50 23.65 23.71
C VAL D 165 -14.90 24.20 23.92
N THR D 166 -15.90 23.40 23.60
CA THR D 166 -17.27 23.86 23.82
C THR D 166 -17.55 23.87 25.32
N PRO D 167 -18.37 24.82 25.80
CA PRO D 167 -18.64 24.96 27.23
C PRO D 167 -19.22 23.70 27.84
N ASP D 168 -19.85 22.85 27.04
CA ASP D 168 -20.46 21.61 27.55
C ASP D 168 -19.44 20.48 27.63
N GLY D 169 -18.19 20.80 27.29
CA GLY D 169 -17.11 19.83 27.36
C GLY D 169 -17.13 18.64 26.41
N THR D 170 -18.00 18.67 25.41
CA THR D 170 -18.10 17.57 24.45
C THR D 170 -17.17 17.67 23.25
N LYS D 171 -16.87 18.90 22.82
CA LYS D 171 -16.05 19.06 21.63
C LYS D 171 -14.91 20.05 21.67
N VAL D 172 -13.85 19.73 20.92
CA VAL D 172 -12.68 20.58 20.78
C VAL D 172 -12.50 20.91 19.30
N TYR D 173 -12.53 22.20 18.97
CA TYR D 173 -12.36 22.64 17.59
C TYR D 173 -10.94 23.07 17.34
N VAL D 174 -10.33 22.48 16.32
CA VAL D 174 -8.94 22.77 15.97
C VAL D 174 -8.86 23.36 14.57
N ALA D 175 -8.14 24.47 14.42
CA ALA D 175 -8.00 25.10 13.11
C ALA D 175 -6.69 24.67 12.44
N ASN D 176 -6.83 23.90 11.35
CA ASN D 176 -5.68 23.42 10.60
C ASN D 176 -5.35 24.42 9.50
N PHE D 177 -4.48 25.37 9.83
CA PHE D 177 -4.10 26.43 8.91
C PHE D 177 -3.72 26.00 7.50
N ASP D 178 -2.86 24.99 7.37
CA ASP D 178 -2.44 24.55 6.03
C ASP D 178 -3.35 23.50 5.39
N SER D 179 -4.40 23.08 6.07
CA SER D 179 -5.30 22.08 5.49
C SER D 179 -6.68 22.63 5.14
N SER D 181 -9.11 23.32 6.83
CA SER D 181 -10.14 22.55 7.50
C SER D 181 -10.12 22.74 9.00
N ILE D 182 -11.20 22.31 9.66
CA ILE D 182 -11.31 22.38 11.10
C ILE D 182 -11.62 20.98 11.60
N SER D 183 -10.76 20.46 12.46
CA SER D 183 -10.97 19.14 13.02
C SER D 183 -11.89 19.29 14.22
N VAL D 184 -12.81 18.35 14.40
CA VAL D 184 -13.73 18.36 15.53
C VAL D 184 -13.42 17.13 16.38
N ILE D 185 -12.76 17.35 17.51
CA ILE D 185 -12.40 16.25 18.39
C ILE D 185 -13.48 15.98 19.45
N ASP D 186 -13.88 14.73 19.53
CA ASP D 186 -14.87 14.30 20.51
C ASP D 186 -14.03 14.04 21.76
N THR D 187 -14.36 14.72 22.85
CA THR D 187 -13.61 14.58 24.08
C THR D 187 -13.75 13.22 24.77
N VAL D 188 -14.81 12.48 24.46
CA VAL D 188 -14.96 11.16 25.07
C VAL D 188 -13.91 10.16 24.58
N THR D 189 -13.56 10.24 23.31
CA THR D 189 -12.60 9.30 22.76
C THR D 189 -11.30 9.94 22.28
N ASN D 190 -11.20 11.26 22.37
CA ASN D 190 -10.00 11.95 21.94
C ASN D 190 -9.65 11.59 20.49
N SER D 191 -10.66 11.56 19.65
CA SER D 191 -10.44 11.26 18.23
C SER D 191 -11.27 12.21 17.39
N VAL D 192 -10.81 12.47 16.18
CA VAL D 192 -11.51 13.37 15.27
C VAL D 192 -12.77 12.71 14.74
N ILE D 193 -13.92 13.31 15.04
CA ILE D 193 -15.20 12.76 14.59
C ILE D 193 -15.77 13.52 13.40
N ASP D 194 -15.15 14.64 13.05
CA ASP D 194 -15.64 15.44 11.93
C ASP D 194 -14.57 16.42 11.49
N THR D 195 -14.55 16.71 10.19
CA THR D 195 -13.59 17.64 9.62
C THR D 195 -14.34 18.58 8.69
N VAL D 196 -14.46 19.83 9.10
CA VAL D 196 -15.17 20.83 8.31
C VAL D 196 -14.23 21.48 7.31
N LYS D 197 -14.62 21.47 6.04
CA LYS D 197 -13.81 22.07 4.98
C LYS D 197 -14.18 23.54 4.82
N VAL D 198 -13.19 24.43 4.90
CA VAL D 198 -13.43 25.86 4.77
C VAL D 198 -12.80 26.43 3.50
N GLU D 199 -13.08 27.70 3.20
CA GLU D 199 -12.59 28.32 1.97
C GLU D 199 -11.20 28.96 2.00
N ALA D 200 -10.67 29.23 3.19
CA ALA D 200 -9.35 29.83 3.29
C ALA D 200 -8.54 29.13 4.38
N ALA D 201 -7.60 29.86 4.96
CA ALA D 201 -6.75 29.31 6.00
C ALA D 201 -7.25 29.71 7.39
N PRO D 202 -7.87 28.75 8.11
CA PRO D 202 -8.40 29.00 9.45
C PRO D 202 -7.27 29.19 10.46
N SER D 203 -7.31 30.29 11.19
CA SER D 203 -6.27 30.59 12.16
C SER D 203 -6.77 30.53 13.61
N GLY D 204 -7.64 31.47 13.99
CA GLY D 204 -8.16 31.49 15.35
C GLY D 204 -9.58 30.98 15.45
N ILE D 205 -9.97 30.58 16.66
CA ILE D 205 -11.32 30.08 16.89
C ILE D 205 -11.80 30.53 18.26
N ALA D 206 -13.09 30.87 18.34
CA ALA D 206 -13.70 31.28 19.59
C ALA D 206 -15.14 30.78 19.64
N VAL D 207 -15.50 30.11 20.74
CA VAL D 207 -16.85 29.58 20.93
C VAL D 207 -17.59 30.54 21.85
N ASN D 208 -18.86 30.84 21.55
CA ASN D 208 -19.63 31.75 22.39
C ASN D 208 -19.95 31.10 23.74
N PRO D 209 -20.26 31.91 24.77
CA PRO D 209 -20.58 31.40 26.11
C PRO D 209 -21.63 30.29 26.16
N GLU D 210 -22.61 30.33 25.25
CA GLU D 210 -23.66 29.33 25.24
C GLU D 210 -23.24 28.03 24.59
N GLY D 211 -22.22 28.08 23.74
CA GLY D 211 -21.75 26.88 23.09
C GLY D 211 -22.53 26.52 21.84
N THR D 212 -23.34 27.44 21.35
CA THR D 212 -24.12 27.18 20.14
C THR D 212 -23.42 27.65 18.87
N LYS D 213 -22.44 28.54 19.01
CA LYS D 213 -21.72 29.05 17.85
C LYS D 213 -20.21 29.13 18.04
N ALA D 214 -19.50 28.95 16.94
CA ALA D 214 -18.04 29.02 16.93
C ALA D 214 -17.66 30.02 15.84
N TYR D 215 -16.68 30.88 16.12
CA TYR D 215 -16.23 31.87 15.15
C TYR D 215 -14.78 31.60 14.77
N VAL D 216 -14.52 31.60 13.48
CA VAL D 216 -13.18 31.33 12.97
C VAL D 216 -12.65 32.42 12.06
N THR D 217 -11.39 32.78 12.24
CA THR D 217 -10.75 33.78 11.40
C THR D 217 -10.12 33.01 10.24
N ASN D 218 -10.47 33.39 9.02
CA ASN D 218 -9.96 32.74 7.83
C ASN D 218 -9.11 33.74 7.05
N VAL D 219 -7.85 33.35 6.84
CA VAL D 219 -6.88 34.19 6.16
C VAL D 219 -6.64 33.77 4.71
N ASP D 220 -6.61 34.75 3.83
CA ASP D 220 -6.35 34.54 2.42
C ASP D 220 -5.84 35.85 1.82
N LYS D 221 -5.11 35.75 0.72
CA LYS D 221 -4.55 36.95 0.08
C LYS D 221 -5.58 37.89 -0.56
N TYR D 222 -6.63 37.33 -1.17
CA TYR D 222 -7.62 38.16 -1.84
C TYR D 222 -8.88 38.41 -1.04
N PHE D 223 -9.17 37.54 -0.09
CA PHE D 223 -10.35 37.72 0.73
C PHE D 223 -10.12 37.16 2.13
N ASN D 224 -10.51 37.92 3.14
CA ASN D 224 -10.36 37.47 4.51
C ASN D 224 -11.73 37.55 5.14
N THR D 225 -12.05 36.57 5.98
CA THR D 225 -13.34 36.54 6.61
C THR D 225 -13.31 35.94 7.99
N VAL D 226 -14.43 36.15 8.61
CA VAL D 226 -14.75 35.57 9.90
C VAL D 226 -16.00 34.75 9.70
N SER D 227 -15.76 33.46 9.74
CA SER D 227 -16.81 32.48 9.53
C SER D 227 -17.53 32.17 10.83
N ILE D 229 -19.74 29.08 12.68
CA ILE D 229 -20.14 27.68 12.62
C ILE D 229 -21.16 27.30 13.69
N ASP D 230 -22.17 26.53 13.29
CA ASP D 230 -23.18 26.07 14.23
C ASP D 230 -22.60 24.83 14.89
N THR D 231 -22.37 24.90 16.19
CA THR D 231 -21.80 23.77 16.92
C THR D 231 -22.66 22.51 16.90
N GLY D 232 -23.96 22.67 16.64
CA GLY D 232 -24.84 21.52 16.61
C GLY D 232 -24.73 20.68 15.34
N THR D 233 -24.53 21.36 14.21
CA THR D 233 -24.41 20.69 12.93
C THR D 233 -22.99 20.71 12.39
N ASN D 234 -22.12 21.45 13.05
CA ASN D 234 -20.72 21.56 12.63
C ASN D 234 -20.59 22.12 11.21
N LYS D 235 -21.20 23.29 10.96
CA LYS D 235 -21.05 23.89 9.65
C LYS D 235 -21.26 25.40 9.70
N ILE D 236 -20.67 25.95 8.63
CA ILE D 236 -20.61 27.39 8.37
C ILE D 236 -22.00 27.90 7.93
N THR D 237 -22.52 28.80 8.74
CA THR D 237 -23.82 29.40 8.49
C THR D 237 -23.68 30.88 8.13
N ALA D 238 -22.45 31.39 8.19
CA ALA D 238 -22.20 32.79 7.86
C ALA D 238 -20.73 33.10 7.62
N ARG D 239 -20.47 34.02 6.71
CA ARG D 239 -19.11 34.44 6.40
C ARG D 239 -19.07 35.96 6.34
N ILE D 240 -18.29 36.58 7.25
CA ILE D 240 -18.22 38.03 7.36
C ILE D 240 -16.86 38.54 6.86
N PRO D 241 -16.83 39.27 5.72
CA PRO D 241 -15.60 39.83 5.19
C PRO D 241 -14.97 40.80 6.18
N VAL D 242 -13.63 40.67 6.35
CA VAL D 242 -12.86 41.49 7.27
C VAL D 242 -11.53 41.92 6.66
N GLY D 243 -10.83 42.83 7.37
CA GLY D 243 -9.55 43.33 6.90
C GLY D 243 -8.51 42.22 6.81
N PRO D 244 -7.39 42.49 6.13
CA PRO D 244 -6.31 41.50 5.97
C PRO D 244 -5.68 40.97 7.26
N ASP D 245 -5.26 39.72 7.19
CA ASP D 245 -4.63 38.98 8.28
C ASP D 245 -5.38 38.97 9.60
N PRO D 246 -6.64 38.51 9.64
CA PRO D 246 -7.34 38.34 10.91
C PRO D 246 -6.62 37.27 11.69
N ALA D 247 -6.45 37.45 12.99
CA ALA D 247 -5.74 36.46 13.81
C ALA D 247 -6.54 36.04 15.03
N GLY D 248 -6.28 36.70 16.16
CA GLY D 248 -6.97 36.39 17.38
C GLY D 248 -8.42 36.82 17.37
N ILE D 249 -9.28 36.02 17.99
CA ILE D 249 -10.70 36.31 18.05
C ILE D 249 -11.29 35.91 19.40
N ALA D 250 -12.31 36.64 19.85
CA ALA D 250 -12.96 36.31 21.11
C ALA D 250 -14.38 36.86 21.14
N VAL D 251 -15.25 36.15 21.86
CA VAL D 251 -16.62 36.57 22.00
C VAL D 251 -16.81 37.19 23.36
N THR D 252 -17.56 38.27 23.43
CA THR D 252 -17.84 38.92 24.70
C THR D 252 -18.68 37.95 25.54
N PRO D 253 -18.62 38.09 26.88
CA PRO D 253 -19.38 37.21 27.77
C PRO D 253 -20.90 37.17 27.51
N ASP D 254 -21.47 38.26 27.01
CA ASP D 254 -22.91 38.30 26.73
C ASP D 254 -23.27 37.70 25.36
N GLY D 255 -22.24 37.36 24.59
CA GLY D 255 -22.43 36.74 23.30
C GLY D 255 -22.90 37.66 22.18
N LYS D 256 -22.94 38.95 22.44
CA LYS D 256 -23.42 39.92 21.47
C LYS D 256 -22.36 40.55 20.57
N LYS D 257 -21.08 40.37 20.93
CA LYS D 257 -19.99 40.94 20.12
C LYS D 257 -18.78 40.01 19.97
N VAL D 258 -18.19 40.06 18.78
CA VAL D 258 -17.01 39.26 18.47
C VAL D 258 -15.90 40.22 18.09
N TYR D 259 -14.78 40.13 18.79
CA TYR D 259 -13.62 40.97 18.51
C TYR D 259 -12.58 40.20 17.70
N VAL D 260 -12.12 40.83 16.61
CA VAL D 260 -11.13 40.21 15.73
C VAL D 260 -9.91 41.14 15.55
N ALA D 261 -8.73 40.65 15.92
CA ALA D 261 -7.50 41.43 15.76
C ALA D 261 -6.96 41.30 14.34
N LEU D 262 -6.66 42.42 13.70
CA LEU D 262 -6.10 42.40 12.35
C LEU D 262 -4.66 42.91 12.48
N SER D 263 -3.70 41.98 12.52
CA SER D 263 -2.31 42.36 12.69
C SER D 263 -1.76 43.27 11.61
N PHE D 264 -2.12 43.02 10.36
CA PHE D 264 -1.65 43.85 9.26
C PHE D 264 -2.13 45.31 9.34
N ASN D 266 -3.20 46.94 12.40
CA ASN D 266 -3.02 47.55 13.71
C ASN D 266 -4.38 47.98 14.24
N THR D 267 -5.38 47.14 14.00
CA THR D 267 -6.74 47.43 14.43
C THR D 267 -7.48 46.21 14.93
N VAL D 268 -8.63 46.46 15.54
CA VAL D 268 -9.50 45.41 16.04
C VAL D 268 -10.90 45.71 15.50
N SER D 269 -11.54 44.70 14.91
CA SER D 269 -12.90 44.85 14.37
C SER D 269 -13.94 44.22 15.28
N VAL D 270 -15.02 44.94 15.52
CA VAL D 270 -16.11 44.43 16.36
C VAL D 270 -17.23 43.95 15.46
N ILE D 271 -17.66 42.72 15.69
CA ILE D 271 -18.73 42.14 14.90
C ILE D 271 -19.99 41.94 15.73
N ASP D 272 -21.10 42.45 15.22
CA ASP D 272 -22.40 42.30 15.88
C ASP D 272 -22.93 40.90 15.56
N THR D 273 -23.01 40.04 16.58
CA THR D 273 -23.47 38.66 16.41
C THR D 273 -24.94 38.54 16.00
N ALA D 274 -25.69 39.62 16.09
CA ALA D 274 -27.10 39.58 15.72
C ALA D 274 -27.26 39.73 14.20
N THR D 275 -26.55 40.72 13.65
CA THR D 275 -26.60 41.04 12.23
C THR D 275 -25.43 40.49 11.42
N ASN D 276 -24.44 39.93 12.12
CA ASN D 276 -23.25 39.40 11.47
C ASN D 276 -22.58 40.43 10.57
N THR D 277 -22.49 41.65 11.08
CA THR D 277 -21.86 42.75 10.35
C THR D 277 -20.85 43.43 11.25
N ILE D 278 -19.93 44.16 10.64
CA ILE D 278 -18.93 44.88 11.40
C ILE D 278 -19.56 46.21 11.79
N THR D 279 -19.61 46.48 13.08
CA THR D 279 -20.20 47.72 13.55
C THR D 279 -19.13 48.75 13.89
N ALA D 280 -17.89 48.30 14.00
CA ALA D 280 -16.78 49.19 14.30
C ALA D 280 -15.43 48.53 14.14
N THR D 281 -14.43 49.36 13.88
CA THR D 281 -13.04 48.96 13.70
C THR D 281 -12.23 50.13 14.26
N ALA D 283 -8.43 51.63 16.12
CA ALA D 283 -6.99 51.49 16.19
C ALA D 283 -6.54 51.00 17.57
N VAL D 284 -5.61 50.08 17.56
CA VAL D 284 -4.95 49.55 18.74
C VAL D 284 -3.43 49.71 18.65
N GLY D 285 -2.72 48.75 19.16
CA GLY D 285 -1.24 48.75 19.10
C GLY D 285 -0.77 48.35 17.70
N LYS D 286 0.52 48.11 17.58
CA LYS D 286 1.13 47.72 16.32
C LYS D 286 1.28 46.20 16.22
N ASN D 287 0.70 45.68 15.15
CA ASN D 287 0.75 44.24 14.84
C ASN D 287 0.05 43.40 15.92
N PRO D 288 -1.21 43.72 16.26
CA PRO D 288 -1.93 42.93 17.24
C PRO D 288 -2.24 41.51 16.76
N TYR D 289 -1.82 40.52 17.49
CA TYR D 289 -2.12 39.11 17.14
C TYR D 289 -3.19 38.60 18.09
N ALA D 290 -3.18 39.16 19.30
CA ALA D 290 -4.12 38.94 20.37
C ALA D 290 -4.80 37.59 20.47
N SER D 291 -4.03 36.50 20.60
CA SER D 291 -4.66 35.19 20.68
C SER D 291 -5.13 34.85 22.10
N GLY D 292 -6.22 34.09 22.15
CA GLY D 292 -6.83 33.58 23.42
C GLY D 292 -8.13 34.31 23.78
N GLN D 293 -8.62 33.94 24.96
CA GLN D 293 -9.82 34.52 25.58
C GLN D 293 -9.40 35.78 26.32
N PHE D 294 -9.39 36.86 25.57
CA PHE D 294 -8.90 38.13 26.11
C PHE D 294 -9.99 39.10 26.53
N ILE D 295 -11.22 38.61 26.61
CA ILE D 295 -12.34 39.47 27.02
C ILE D 295 -12.98 38.91 28.27
N GLY D 296 -13.42 39.83 29.13
CA GLY D 296 -14.07 39.42 30.36
C GLY D 296 -14.57 40.56 31.22
N SER D 297 -15.44 40.19 32.16
CA SER D 297 -16.01 41.13 33.11
C SER D 297 -14.98 41.28 34.23
N ILE D 298 -14.85 42.46 34.80
CA ILE D 298 -13.89 42.66 35.89
C ILE D 298 -14.57 43.16 37.16
N PRO D 299 -14.15 42.66 38.32
CA PRO D 299 -14.75 43.02 39.60
C PRO D 299 -14.63 44.48 39.89
N VAL D 300 -13.42 44.99 39.77
CA VAL D 300 -13.12 46.40 40.06
C VAL D 300 -12.53 47.10 38.84
N GLN D 301 -13.18 48.18 38.44
CA GLN D 301 -12.75 48.97 37.28
C GLN D 301 -11.88 50.15 37.70
N PRO D 302 -10.70 50.31 37.11
CA PRO D 302 -9.85 51.43 37.43
C PRO D 302 -10.58 52.72 37.11
N VAL D 303 -10.25 53.78 37.85
CA VAL D 303 -10.83 55.09 37.63
C VAL D 303 -10.18 55.78 36.44
N TYR D 304 -10.90 55.84 35.34
CA TYR D 304 -10.40 56.43 34.11
C TYR D 304 -10.75 57.89 33.98
N PRO D 305 -9.88 58.67 33.32
CA PRO D 305 -10.18 60.09 33.16
C PRO D 305 -11.25 60.23 32.10
N SER D 306 -11.98 61.34 32.10
CA SER D 306 -13.01 61.55 31.11
C SER D 306 -12.78 62.91 30.50
N ALA D 307 -12.40 62.91 29.23
CA ALA D 307 -12.12 64.12 28.48
C ALA D 307 -13.36 64.89 28.07
N ASP D 308 -13.36 66.19 28.35
CA ASP D 308 -14.47 67.07 28.01
C ASP D 308 -14.01 68.49 28.20
N PHE D 309 -14.52 69.41 27.40
CA PHE D 309 -14.12 70.80 27.49
C PHE D 309 -15.06 71.65 26.66
N LYS D 310 -14.87 72.96 26.73
CA LYS D 310 -15.67 73.89 25.94
C LYS D 310 -14.85 75.14 25.65
N SER D 311 -15.39 76.00 24.80
CA SER D 311 -14.70 77.23 24.44
C SER D 311 -15.63 78.45 24.57
N ASN D 312 -15.08 79.62 24.28
CA ASN D 312 -15.84 80.84 24.33
C ASN D 312 -16.50 81.07 22.97
N ILE D 313 -16.31 80.13 22.05
CA ILE D 313 -16.91 80.21 20.72
C ILE D 313 -18.42 80.00 20.85
N THR D 314 -19.18 81.00 20.43
CA THR D 314 -20.64 80.94 20.55
C THR D 314 -21.39 80.86 19.22
N SER D 315 -20.80 81.43 18.17
CA SER D 315 -21.45 81.45 16.87
C SER D 315 -21.11 80.24 15.99
N GLY D 316 -20.26 79.35 16.51
CA GLY D 316 -19.87 78.18 15.75
C GLY D 316 -18.64 78.51 14.92
N TYR D 317 -18.15 79.74 15.08
CA TYR D 317 -16.97 80.23 14.39
C TYR D 317 -16.28 81.29 15.24
N ILE D 318 -15.09 81.71 14.81
CA ILE D 318 -14.33 82.73 15.50
C ILE D 318 -13.47 83.48 14.49
N PHE D 319 -13.22 84.75 14.77
CA PHE D 319 -12.44 85.60 13.90
C PHE D 319 -10.93 85.42 14.03
N LEU D 320 -10.24 85.75 12.95
CA LEU D 320 -8.78 85.65 12.88
C LEU D 320 -8.09 86.43 13.99
N SER D 321 -7.11 85.79 14.62
CA SER D 321 -6.33 86.39 15.70
C SER D 321 -7.13 86.69 16.95
N GLU D 322 -8.41 86.33 16.95
CA GLU D 322 -9.26 86.53 18.11
C GLU D 322 -8.93 85.40 19.07
N PRO D 323 -8.62 85.74 20.34
CA PRO D 323 -8.29 84.72 21.34
C PRO D 323 -9.40 83.70 21.58
N VAL D 324 -9.01 82.43 21.74
CA VAL D 324 -9.95 81.35 22.01
C VAL D 324 -9.63 80.82 23.40
N GLN D 325 -10.62 80.87 24.28
CA GLN D 325 -10.45 80.40 25.63
C GLN D 325 -11.03 79.01 25.83
N PHE D 326 -10.17 78.05 26.12
CA PHE D 326 -10.61 76.68 26.34
C PHE D 326 -10.65 76.38 27.83
N THR D 327 -11.80 75.92 28.32
CA THR D 327 -11.94 75.59 29.72
C THR D 327 -12.15 74.09 29.86
N ASP D 328 -11.26 73.44 30.60
CA ASP D 328 -11.32 72.00 30.81
C ASP D 328 -12.45 71.58 31.74
N LEU D 329 -13.18 70.55 31.33
CA LEU D 329 -14.29 70.04 32.12
C LEU D 329 -14.10 68.55 32.37
N SER D 330 -12.88 68.09 32.12
CA SER D 330 -12.53 66.68 32.28
C SER D 330 -12.71 66.22 33.72
N LYS D 331 -12.84 64.91 33.88
CA LYS D 331 -12.99 64.31 35.19
C LYS D 331 -11.82 63.39 35.49
N ASP D 332 -11.32 63.47 36.72
CA ASP D 332 -10.23 62.61 37.16
C ASP D 332 -8.98 62.62 36.30
N ALA D 333 -8.61 63.81 35.82
CA ALA D 333 -7.43 63.95 34.98
C ALA D 333 -6.32 64.61 35.77
N THR D 334 -5.10 64.18 35.50
CA THR D 334 -3.95 64.75 36.18
C THR D 334 -3.02 65.33 35.13
N GLU D 335 -3.29 65.02 33.86
CA GLU D 335 -2.47 65.52 32.77
C GLU D 335 -3.29 65.98 31.57
N TRP D 336 -2.84 67.07 30.96
CA TRP D 336 -3.52 67.63 29.81
C TRP D 336 -2.59 67.78 28.62
N LYS D 337 -3.14 67.55 27.43
CA LYS D 337 -2.39 67.62 26.18
C LYS D 337 -3.31 68.18 25.10
N TRP D 338 -3.12 69.44 24.75
CA TRP D 338 -3.96 70.07 23.75
C TRP D 338 -3.29 70.11 22.38
N ASP D 339 -4.07 69.84 21.36
CA ASP D 339 -3.63 69.89 19.97
C ASP D 339 -4.63 70.84 19.32
N PHE D 340 -4.14 71.97 18.86
CA PHE D 340 -5.01 72.97 18.26
C PHE D 340 -5.31 72.79 16.78
N GLY D 341 -4.79 71.72 16.20
CA GLY D 341 -5.04 71.45 14.80
C GLY D 341 -4.25 72.32 13.84
N ASP D 342 -3.25 73.03 14.35
CA ASP D 342 -2.44 73.90 13.51
C ASP D 342 -0.94 73.70 13.76
N GLY D 343 -0.59 72.55 14.30
CA GLY D 343 0.81 72.26 14.58
C GLY D 343 1.25 72.65 15.97
N SER D 344 0.45 73.50 16.62
CA SER D 344 0.75 73.94 17.97
C SER D 344 0.00 73.10 19.01
N SER D 345 0.47 73.16 20.25
CA SER D 345 -0.14 72.39 21.33
C SER D 345 0.06 73.11 22.65
N SER D 346 -0.40 72.49 23.73
CA SER D 346 -0.28 73.05 25.08
C SER D 346 -0.45 71.97 26.13
N LYS D 347 0.16 72.19 27.29
CA LYS D 347 0.07 71.24 28.39
C LYS D 347 -0.63 71.85 29.59
N LYS D 348 -1.27 72.99 29.37
CA LYS D 348 -2.00 73.68 30.41
C LYS D 348 -3.43 73.14 30.44
N GLN D 349 -4.07 73.22 31.60
CA GLN D 349 -5.43 72.72 31.77
C GLN D 349 -6.43 73.56 30.98
N ASN D 350 -6.36 74.87 31.15
CA ASN D 350 -7.27 75.79 30.46
C ASN D 350 -6.47 76.81 29.66
N PRO D 351 -5.95 76.38 28.49
CA PRO D 351 -5.16 77.26 27.64
C PRO D 351 -5.96 78.24 26.78
N THR D 352 -5.22 79.18 26.20
CA THR D 352 -5.79 80.17 25.31
C THR D 352 -5.01 80.03 24.02
N HIS D 353 -5.66 80.23 22.88
CA HIS D 353 -4.97 80.10 21.61
C HIS D 353 -5.54 81.02 20.54
N THR D 354 -4.64 81.52 19.70
CA THR D 354 -4.99 82.40 18.60
C THR D 354 -4.47 81.75 17.32
N TYR D 355 -5.27 81.77 16.27
CA TYR D 355 -4.87 81.18 15.00
C TYR D 355 -4.39 82.26 14.05
N SER D 356 -3.26 81.99 13.41
CA SER D 356 -2.64 82.94 12.48
C SER D 356 -3.25 82.92 11.08
N GLU D 357 -4.08 81.93 10.81
CA GLU D 357 -4.70 81.83 9.49
C GLU D 357 -6.13 81.32 9.54
N THR D 358 -6.93 81.76 8.57
CA THR D 358 -8.32 81.33 8.48
C THR D 358 -8.35 79.86 8.11
N GLY D 359 -9.43 79.19 8.48
CA GLY D 359 -9.56 77.78 8.17
C GLY D 359 -10.37 77.00 9.19
N ILE D 360 -10.50 75.71 8.96
CA ILE D 360 -11.23 74.83 9.87
C ILE D 360 -10.23 73.92 10.57
N TYR D 361 -10.15 74.03 11.89
CA TYR D 361 -9.20 73.23 12.65
C TYR D 361 -9.85 72.21 13.56
N THR D 362 -9.11 71.14 13.83
CA THR D 362 -9.61 70.11 14.72
C THR D 362 -8.82 70.20 16.02
N VAL D 363 -9.50 70.60 17.08
CA VAL D 363 -8.88 70.72 18.38
C VAL D 363 -9.11 69.43 19.14
N ARG D 364 -8.03 68.86 19.66
CA ARG D 364 -8.12 67.63 20.43
C ARG D 364 -7.56 67.82 21.83
N LEU D 365 -8.30 67.37 22.83
CA LEU D 365 -7.85 67.44 24.21
C LEU D 365 -7.66 66.00 24.66
N THR D 366 -6.45 65.67 25.07
CA THR D 366 -6.16 64.33 25.54
C THR D 366 -5.75 64.43 27.00
N VAL D 367 -6.51 63.76 27.86
CA VAL D 367 -6.24 63.76 29.29
C VAL D 367 -5.70 62.42 29.73
N SER D 368 -5.11 62.40 30.92
CA SER D 368 -4.54 61.18 31.47
C SER D 368 -4.46 61.22 32.99
N ASN D 369 -4.40 60.04 33.52
CA ASN D 369 -4.19 59.73 34.92
C ASN D 369 -3.41 58.42 35.02
N SER D 370 -3.11 58.04 36.25
CA SER D 370 -2.28 56.86 36.51
C SER D 370 -2.92 55.56 35.98
N ASN D 371 -4.13 55.64 35.45
CA ASN D 371 -4.83 54.42 35.01
C ASN D 371 -5.09 54.38 33.50
N GLY D 372 -5.22 55.54 32.86
CA GLY D 372 -5.50 55.54 31.44
C GLY D 372 -5.58 56.89 30.77
N THR D 373 -6.15 56.91 29.56
CA THR D 373 -6.25 58.12 28.76
C THR D 373 -7.60 58.30 28.08
N ASP D 374 -7.94 59.55 27.76
CA ASP D 374 -9.20 59.85 27.09
C ASP D 374 -9.05 61.09 26.21
N SER D 375 -9.76 61.10 25.10
CA SER D 375 -9.68 62.22 24.18
C SER D 375 -11.02 62.85 23.88
N GLN D 376 -10.98 64.10 23.42
CA GLN D 376 -12.18 64.83 23.07
C GLN D 376 -11.86 65.74 21.90
N ILE D 377 -12.70 65.66 20.86
CA ILE D 377 -12.54 66.45 19.64
C ILE D 377 -13.56 67.58 19.51
N SER D 378 -13.13 68.65 18.86
CA SER D 378 -13.96 69.81 18.61
C SER D 378 -13.46 70.46 17.32
N THR D 379 -14.36 71.09 16.58
CA THR D 379 -13.99 71.75 15.33
C THR D 379 -14.09 73.27 15.49
N VAL D 380 -13.02 73.97 15.15
CA VAL D 380 -13.00 75.42 15.25
C VAL D 380 -12.94 76.06 13.86
N ASN D 381 -13.91 76.92 13.58
CA ASN D 381 -13.97 77.63 12.31
C ASN D 381 -13.43 79.04 12.47
N VAL D 382 -12.25 79.30 11.89
CA VAL D 382 -11.66 80.62 11.96
C VAL D 382 -11.93 81.30 10.63
N VAL D 383 -12.59 82.45 10.68
CA VAL D 383 -12.92 83.19 9.48
C VAL D 383 -12.70 84.68 9.69
N LEU D 384 -12.82 85.45 8.61
CA LEU D 384 -12.64 86.88 8.68
C LEU D 384 -14.00 87.54 8.88
N LYS D 385 -14.01 88.73 9.47
CA LYS D 385 -15.27 89.42 9.66
C LYS D 385 -15.88 89.65 8.28
N GLY D 386 -17.17 89.39 8.14
CA GLY D 386 -17.82 89.58 6.85
C GLY D 386 -17.78 88.36 5.95
N SER D 387 -16.96 87.37 6.29
CA SER D 387 -16.87 86.16 5.48
C SER D 387 -18.03 85.21 5.74
N PRO D 388 -18.29 84.29 4.80
CA PRO D 388 -19.39 83.33 4.95
C PRO D 388 -19.29 82.57 6.27
N THR D 389 -20.42 82.41 6.95
CA THR D 389 -20.44 81.70 8.22
C THR D 389 -20.78 80.21 8.07
N PRO D 390 -20.28 79.36 8.99
CA PRO D 390 -20.52 77.91 8.95
C PRO D 390 -22.01 77.57 9.08
N SER D 391 -22.24 76.26 9.24
CA SER D 391 -23.59 75.67 9.41
C SER D 391 -23.55 74.20 9.11
#